data_3N6U
# 
_entry.id   3N6U 
# 
_audit_conform.dict_name       mmcif_pdbx.dic 
_audit_conform.dict_version    5.388 
_audit_conform.dict_location   http://mmcif.pdb.org/dictionaries/ascii/mmcif_pdbx.dic 
# 
loop_
_database_2.database_id 
_database_2.database_code 
_database_2.pdbx_database_accession 
_database_2.pdbx_DOI 
PDB   3N6U         pdb_00003n6u 10.2210/pdb3n6u/pdb 
RCSB  RCSB059453   ?            ?                   
WWPDB D_1000059453 ?            ?                   
# 
loop_
_pdbx_audit_revision_history.ordinal 
_pdbx_audit_revision_history.data_content_type 
_pdbx_audit_revision_history.major_revision 
_pdbx_audit_revision_history.minor_revision 
_pdbx_audit_revision_history.revision_date 
1 'Structure model' 1 0 2011-06-01 
2 'Structure model' 1 1 2011-07-13 
3 'Structure model' 1 2 2024-03-20 
# 
_pdbx_audit_revision_details.ordinal             1 
_pdbx_audit_revision_details.revision_ordinal    1 
_pdbx_audit_revision_details.data_content_type   'Structure model' 
_pdbx_audit_revision_details.provider            repository 
_pdbx_audit_revision_details.type                'Initial release' 
_pdbx_audit_revision_details.description         ? 
_pdbx_audit_revision_details.details             ? 
# 
loop_
_pdbx_audit_revision_group.ordinal 
_pdbx_audit_revision_group.revision_ordinal 
_pdbx_audit_revision_group.data_content_type 
_pdbx_audit_revision_group.group 
1 2 'Structure model' 'Version format compliance' 
2 3 'Structure model' 'Data collection'           
3 3 'Structure model' 'Database references'       
4 3 'Structure model' 'Derived calculations'      
# 
loop_
_pdbx_audit_revision_category.ordinal 
_pdbx_audit_revision_category.revision_ordinal 
_pdbx_audit_revision_category.data_content_type 
_pdbx_audit_revision_category.category 
1 3 'Structure model' chem_comp_atom 
2 3 'Structure model' chem_comp_bond 
3 3 'Structure model' database_2     
4 3 'Structure model' struct_site    
# 
loop_
_pdbx_audit_revision_item.ordinal 
_pdbx_audit_revision_item.revision_ordinal 
_pdbx_audit_revision_item.data_content_type 
_pdbx_audit_revision_item.item 
1 3 'Structure model' '_database_2.pdbx_DOI'                
2 3 'Structure model' '_database_2.pdbx_database_accession' 
3 3 'Structure model' '_struct_site.pdbx_auth_asym_id'      
4 3 'Structure model' '_struct_site.pdbx_auth_comp_id'      
5 3 'Structure model' '_struct_site.pdbx_auth_seq_id'       
# 
_pdbx_database_status.status_code                     REL 
_pdbx_database_status.entry_id                        3N6U 
_pdbx_database_status.recvd_initial_deposition_date   2010-05-26 
_pdbx_database_status.deposit_site                    RCSB 
_pdbx_database_status.process_site                    PDBJ 
_pdbx_database_status.status_code_sf                  REL 
_pdbx_database_status.status_code_mr                  ? 
_pdbx_database_status.SG_entry                        ? 
_pdbx_database_status.status_code_cs                  ? 
_pdbx_database_status.pdb_format_compatible           Y 
_pdbx_database_status.status_code_nmr_data            ? 
_pdbx_database_status.methods_development_category    ? 
# 
loop_
_pdbx_database_related.db_name 
_pdbx_database_related.db_id 
_pdbx_database_related.details 
_pdbx_database_related.content_type 
PDB 3FXQ 'Crystal structure of the LysR-type transcriptional regulator TsaR'         unspecified 
PDB 3FXR 'Crystal structure of TsaR in complex with sulfate'                         unspecified 
PDB 3FXU 'Crystal structure of TsaR in complex with its effector p-toluenesulfonate' unspecified 
PDB 3FZJ 'TsaR low resolution crystal structure, tetragonal form'                    unspecified 
PDB 3N6T 'Effector binding domain of TsaR'                                           unspecified 
# 
loop_
_audit_author.name 
_audit_author.pdbx_ordinal 
'Monferrer, D.' 1 
'Uson, I.'      2 
# 
_citation.id                        primary 
_citation.title                     'Structural studies on the effector binding domain of TsaR' 
_citation.journal_abbrev            'To be Published' 
_citation.journal_volume            ? 
_citation.page_first                ? 
_citation.page_last                 ? 
_citation.year                      ? 
_citation.journal_id_ASTM           ? 
_citation.country                   ? 
_citation.journal_id_ISSN           ? 
_citation.journal_id_CSD            0353 
_citation.book_publisher            ? 
_citation.pdbx_database_id_PubMed   ? 
_citation.pdbx_database_id_DOI      ? 
# 
loop_
_citation_author.citation_id 
_citation_author.name 
_citation_author.ordinal 
_citation_author.identifier_ORCID 
primary 'Monferrer, D.' 1 ? 
primary 'Perillo, M.'   2 ? 
primary 'Sola, M.'      3 ? 
primary 'Uson, I.'      4 ? 
# 
loop_
_entity.id 
_entity.type 
_entity.src_method 
_entity.pdbx_description 
_entity.formula_weight 
_entity.pdbx_number_of_molecules 
_entity.pdbx_ec 
_entity.pdbx_mutation 
_entity.pdbx_fragment 
_entity.details 
1 polymer     man 'LysR type regulator of tsaMBCD' 22369.703 1  ? ? 'Effector binding domain, UNP residues 91-295' ? 
2 non-polymer syn 'SULFATE ION'                    96.063    2  ? ? ?                                              ? 
3 non-polymer syn 'PARA-TOLUENE SULFONATE'         172.202   3  ? ? ?                                              ? 
4 non-polymer syn 'ACETATE ION'                    59.044    2  ? ? ?                                              ? 
5 water       nat water                            18.015    44 ? ? ?                                              ? 
# 
_entity_poly.entity_id                      1 
_entity_poly.type                           'polypeptide(L)' 
_entity_poly.nstd_linkage                   no 
_entity_poly.nstd_monomer                   no 
_entity_poly.pdbx_seq_one_letter_code       
;GHITFAASPAIALAALPLALASFAREFPDVTVNVRDGMYPAVSPQLRDGTLDFALTAAHKHDIDTDLEAQPLYVSDVVIV
GQRQHPMANATRLAELQECRWAFSSAPRGPGAIIRNAFARYGLPEPKLGLVCESFLALPGVVAHSDLLTTMPRTLYERNA
FKDQLCSIPLQDALPNPTIYVLRRHDLPVTPAAAGLIRWIQHHAL
;
_entity_poly.pdbx_seq_one_letter_code_can   
;GHITFAASPAIALAALPLALASFAREFPDVTVNVRDGMYPAVSPQLRDGTLDFALTAAHKHDIDTDLEAQPLYVSDVVIV
GQRQHPMANATRLAELQECRWAFSSAPRGPGAIIRNAFARYGLPEPKLGLVCESFLALPGVVAHSDLLTTMPRTLYERNA
FKDQLCSIPLQDALPNPTIYVLRRHDLPVTPAAAGLIRWIQHHAL
;
_entity_poly.pdbx_strand_id                 A 
_entity_poly.pdbx_target_identifier         ? 
# 
loop_
_pdbx_entity_nonpoly.entity_id 
_pdbx_entity_nonpoly.name 
_pdbx_entity_nonpoly.comp_id 
2 'SULFATE ION'            SO4 
3 'PARA-TOLUENE SULFONATE' TSU 
4 'ACETATE ION'            ACT 
5 water                    HOH 
# 
loop_
_entity_poly_seq.entity_id 
_entity_poly_seq.num 
_entity_poly_seq.mon_id 
_entity_poly_seq.hetero 
1 1   GLY n 
1 2   HIS n 
1 3   ILE n 
1 4   THR n 
1 5   PHE n 
1 6   ALA n 
1 7   ALA n 
1 8   SER n 
1 9   PRO n 
1 10  ALA n 
1 11  ILE n 
1 12  ALA n 
1 13  LEU n 
1 14  ALA n 
1 15  ALA n 
1 16  LEU n 
1 17  PRO n 
1 18  LEU n 
1 19  ALA n 
1 20  LEU n 
1 21  ALA n 
1 22  SER n 
1 23  PHE n 
1 24  ALA n 
1 25  ARG n 
1 26  GLU n 
1 27  PHE n 
1 28  PRO n 
1 29  ASP n 
1 30  VAL n 
1 31  THR n 
1 32  VAL n 
1 33  ASN n 
1 34  VAL n 
1 35  ARG n 
1 36  ASP n 
1 37  GLY n 
1 38  MET n 
1 39  TYR n 
1 40  PRO n 
1 41  ALA n 
1 42  VAL n 
1 43  SER n 
1 44  PRO n 
1 45  GLN n 
1 46  LEU n 
1 47  ARG n 
1 48  ASP n 
1 49  GLY n 
1 50  THR n 
1 51  LEU n 
1 52  ASP n 
1 53  PHE n 
1 54  ALA n 
1 55  LEU n 
1 56  THR n 
1 57  ALA n 
1 58  ALA n 
1 59  HIS n 
1 60  LYS n 
1 61  HIS n 
1 62  ASP n 
1 63  ILE n 
1 64  ASP n 
1 65  THR n 
1 66  ASP n 
1 67  LEU n 
1 68  GLU n 
1 69  ALA n 
1 70  GLN n 
1 71  PRO n 
1 72  LEU n 
1 73  TYR n 
1 74  VAL n 
1 75  SER n 
1 76  ASP n 
1 77  VAL n 
1 78  VAL n 
1 79  ILE n 
1 80  VAL n 
1 81  GLY n 
1 82  GLN n 
1 83  ARG n 
1 84  GLN n 
1 85  HIS n 
1 86  PRO n 
1 87  MET n 
1 88  ALA n 
1 89  ASN n 
1 90  ALA n 
1 91  THR n 
1 92  ARG n 
1 93  LEU n 
1 94  ALA n 
1 95  GLU n 
1 96  LEU n 
1 97  GLN n 
1 98  GLU n 
1 99  CYS n 
1 100 ARG n 
1 101 TRP n 
1 102 ALA n 
1 103 PHE n 
1 104 SER n 
1 105 SER n 
1 106 ALA n 
1 107 PRO n 
1 108 ARG n 
1 109 GLY n 
1 110 PRO n 
1 111 GLY n 
1 112 ALA n 
1 113 ILE n 
1 114 ILE n 
1 115 ARG n 
1 116 ASN n 
1 117 ALA n 
1 118 PHE n 
1 119 ALA n 
1 120 ARG n 
1 121 TYR n 
1 122 GLY n 
1 123 LEU n 
1 124 PRO n 
1 125 GLU n 
1 126 PRO n 
1 127 LYS n 
1 128 LEU n 
1 129 GLY n 
1 130 LEU n 
1 131 VAL n 
1 132 CYS n 
1 133 GLU n 
1 134 SER n 
1 135 PHE n 
1 136 LEU n 
1 137 ALA n 
1 138 LEU n 
1 139 PRO n 
1 140 GLY n 
1 141 VAL n 
1 142 VAL n 
1 143 ALA n 
1 144 HIS n 
1 145 SER n 
1 146 ASP n 
1 147 LEU n 
1 148 LEU n 
1 149 THR n 
1 150 THR n 
1 151 MET n 
1 152 PRO n 
1 153 ARG n 
1 154 THR n 
1 155 LEU n 
1 156 TYR n 
1 157 GLU n 
1 158 ARG n 
1 159 ASN n 
1 160 ALA n 
1 161 PHE n 
1 162 LYS n 
1 163 ASP n 
1 164 GLN n 
1 165 LEU n 
1 166 CYS n 
1 167 SER n 
1 168 ILE n 
1 169 PRO n 
1 170 LEU n 
1 171 GLN n 
1 172 ASP n 
1 173 ALA n 
1 174 LEU n 
1 175 PRO n 
1 176 ASN n 
1 177 PRO n 
1 178 THR n 
1 179 ILE n 
1 180 TYR n 
1 181 VAL n 
1 182 LEU n 
1 183 ARG n 
1 184 ARG n 
1 185 HIS n 
1 186 ASP n 
1 187 LEU n 
1 188 PRO n 
1 189 VAL n 
1 190 THR n 
1 191 PRO n 
1 192 ALA n 
1 193 ALA n 
1 194 ALA n 
1 195 GLY n 
1 196 LEU n 
1 197 ILE n 
1 198 ARG n 
1 199 TRP n 
1 200 ILE n 
1 201 GLN n 
1 202 HIS n 
1 203 HIS n 
1 204 ALA n 
1 205 LEU n 
# 
_entity_src_gen.entity_id                          1 
_entity_src_gen.pdbx_src_id                        1 
_entity_src_gen.pdbx_alt_source_flag               sample 
_entity_src_gen.pdbx_seq_type                      ? 
_entity_src_gen.pdbx_beg_seq_num                   ? 
_entity_src_gen.pdbx_end_seq_num                   ? 
_entity_src_gen.gene_src_common_name               'Pseudomonas testosteroni' 
_entity_src_gen.gene_src_genus                     ? 
_entity_src_gen.pdbx_gene_src_gene                 'tsa, tsaR' 
_entity_src_gen.gene_src_species                   ? 
_entity_src_gen.gene_src_strain                    T-2 
_entity_src_gen.gene_src_tissue                    ? 
_entity_src_gen.gene_src_tissue_fraction           ? 
_entity_src_gen.gene_src_details                   ? 
_entity_src_gen.pdbx_gene_src_fragment             ? 
_entity_src_gen.pdbx_gene_src_scientific_name      'Comamonas testosteroni' 
_entity_src_gen.pdbx_gene_src_ncbi_taxonomy_id     285 
_entity_src_gen.pdbx_gene_src_variant              ? 
_entity_src_gen.pdbx_gene_src_cell_line            ? 
_entity_src_gen.pdbx_gene_src_atcc                 ? 
_entity_src_gen.pdbx_gene_src_organ                ? 
_entity_src_gen.pdbx_gene_src_organelle            ? 
_entity_src_gen.pdbx_gene_src_cell                 ? 
_entity_src_gen.pdbx_gene_src_cellular_location    ? 
_entity_src_gen.host_org_common_name               ? 
_entity_src_gen.pdbx_host_org_scientific_name      'Escherichia coli' 
_entity_src_gen.pdbx_host_org_ncbi_taxonomy_id     562 
_entity_src_gen.host_org_genus                     ? 
_entity_src_gen.pdbx_host_org_gene                 ? 
_entity_src_gen.pdbx_host_org_organ                ? 
_entity_src_gen.host_org_species                   ? 
_entity_src_gen.pdbx_host_org_tissue               ? 
_entity_src_gen.pdbx_host_org_tissue_fraction      ? 
_entity_src_gen.pdbx_host_org_strain               M15 
_entity_src_gen.pdbx_host_org_variant              ? 
_entity_src_gen.pdbx_host_org_cell_line            ? 
_entity_src_gen.pdbx_host_org_atcc                 ? 
_entity_src_gen.pdbx_host_org_culture_collection   ? 
_entity_src_gen.pdbx_host_org_cell                 ? 
_entity_src_gen.pdbx_host_org_organelle            ? 
_entity_src_gen.pdbx_host_org_cellular_location    ? 
_entity_src_gen.pdbx_host_org_vector_type          plasmid 
_entity_src_gen.pdbx_host_org_vector               ? 
_entity_src_gen.host_org_details                   ? 
_entity_src_gen.expression_system_id               ? 
_entity_src_gen.plasmid_name                       pQE70 
_entity_src_gen.plasmid_details                    ? 
_entity_src_gen.pdbx_description                   ? 
# 
loop_
_chem_comp.id 
_chem_comp.type 
_chem_comp.mon_nstd_flag 
_chem_comp.name 
_chem_comp.pdbx_synonyms 
_chem_comp.formula 
_chem_comp.formula_weight 
ACT non-polymer         . 'ACETATE ION'            ? 'C2 H3 O2 -1'    59.044  
ALA 'L-peptide linking' y ALANINE                  ? 'C3 H7 N O2'     89.093  
ARG 'L-peptide linking' y ARGININE                 ? 'C6 H15 N4 O2 1' 175.209 
ASN 'L-peptide linking' y ASPARAGINE               ? 'C4 H8 N2 O3'    132.118 
ASP 'L-peptide linking' y 'ASPARTIC ACID'          ? 'C4 H7 N O4'     133.103 
CYS 'L-peptide linking' y CYSTEINE                 ? 'C3 H7 N O2 S'   121.158 
GLN 'L-peptide linking' y GLUTAMINE                ? 'C5 H10 N2 O3'   146.144 
GLU 'L-peptide linking' y 'GLUTAMIC ACID'          ? 'C5 H9 N O4'     147.129 
GLY 'peptide linking'   y GLYCINE                  ? 'C2 H5 N O2'     75.067  
HIS 'L-peptide linking' y HISTIDINE                ? 'C6 H10 N3 O2 1' 156.162 
HOH non-polymer         . WATER                    ? 'H2 O'           18.015  
ILE 'L-peptide linking' y ISOLEUCINE               ? 'C6 H13 N O2'    131.173 
LEU 'L-peptide linking' y LEUCINE                  ? 'C6 H13 N O2'    131.173 
LYS 'L-peptide linking' y LYSINE                   ? 'C6 H15 N2 O2 1' 147.195 
MET 'L-peptide linking' y METHIONINE               ? 'C5 H11 N O2 S'  149.211 
PHE 'L-peptide linking' y PHENYLALANINE            ? 'C9 H11 N O2'    165.189 
PRO 'L-peptide linking' y PROLINE                  ? 'C5 H9 N O2'     115.130 
SER 'L-peptide linking' y SERINE                   ? 'C3 H7 N O3'     105.093 
SO4 non-polymer         . 'SULFATE ION'            ? 'O4 S -2'        96.063  
THR 'L-peptide linking' y THREONINE                ? 'C4 H9 N O3'     119.119 
TRP 'L-peptide linking' y TRYPTOPHAN               ? 'C11 H12 N2 O2'  204.225 
TSU non-polymer         . 'PARA-TOLUENE SULFONATE' ? 'C7 H8 O3 S'     172.202 
TYR 'L-peptide linking' y TYROSINE                 ? 'C9 H11 N O3'    181.189 
VAL 'L-peptide linking' y VALINE                   ? 'C5 H11 N O2'    117.146 
# 
loop_
_pdbx_poly_seq_scheme.asym_id 
_pdbx_poly_seq_scheme.entity_id 
_pdbx_poly_seq_scheme.seq_id 
_pdbx_poly_seq_scheme.mon_id 
_pdbx_poly_seq_scheme.ndb_seq_num 
_pdbx_poly_seq_scheme.pdb_seq_num 
_pdbx_poly_seq_scheme.auth_seq_num 
_pdbx_poly_seq_scheme.pdb_mon_id 
_pdbx_poly_seq_scheme.auth_mon_id 
_pdbx_poly_seq_scheme.pdb_strand_id 
_pdbx_poly_seq_scheme.pdb_ins_code 
_pdbx_poly_seq_scheme.hetero 
A 1 1   GLY 1   92  92  GLY GLY A . n 
A 1 2   HIS 2   93  93  HIS HIS A . n 
A 1 3   ILE 3   94  94  ILE ILE A . n 
A 1 4   THR 4   95  95  THR THR A . n 
A 1 5   PHE 5   96  96  PHE PHE A . n 
A 1 6   ALA 6   97  97  ALA ALA A . n 
A 1 7   ALA 7   98  98  ALA ALA A . n 
A 1 8   SER 8   99  99  SER SER A . n 
A 1 9   PRO 9   100 100 PRO PRO A . n 
A 1 10  ALA 10  101 101 ALA ALA A . n 
A 1 11  ILE 11  102 102 ILE ILE A . n 
A 1 12  ALA 12  103 103 ALA ALA A . n 
A 1 13  LEU 13  104 104 LEU LEU A . n 
A 1 14  ALA 14  105 105 ALA ALA A . n 
A 1 15  ALA 15  106 106 ALA ALA A . n 
A 1 16  LEU 16  107 107 LEU LEU A . n 
A 1 17  PRO 17  108 108 PRO PRO A . n 
A 1 18  LEU 18  109 109 LEU LEU A . n 
A 1 19  ALA 19  110 110 ALA ALA A . n 
A 1 20  LEU 20  111 111 LEU LEU A . n 
A 1 21  ALA 21  112 112 ALA ALA A . n 
A 1 22  SER 22  113 113 SER SER A . n 
A 1 23  PHE 23  114 114 PHE PHE A . n 
A 1 24  ALA 24  115 115 ALA ALA A . n 
A 1 25  ARG 25  116 116 ARG ARG A . n 
A 1 26  GLU 26  117 117 GLU GLU A . n 
A 1 27  PHE 27  118 118 PHE PHE A . n 
A 1 28  PRO 28  119 119 PRO PRO A . n 
A 1 29  ASP 29  120 120 ASP ASP A . n 
A 1 30  VAL 30  121 121 VAL VAL A . n 
A 1 31  THR 31  122 122 THR THR A . n 
A 1 32  VAL 32  123 123 VAL VAL A . n 
A 1 33  ASN 33  124 124 ASN ASN A . n 
A 1 34  VAL 34  125 125 VAL VAL A . n 
A 1 35  ARG 35  126 126 ARG ARG A . n 
A 1 36  ASP 36  127 127 ASP ASP A . n 
A 1 37  GLY 37  128 128 GLY GLY A . n 
A 1 38  MET 38  129 129 MET MET A . n 
A 1 39  TYR 39  130 130 TYR TYR A . n 
A 1 40  PRO 40  131 131 PRO PRO A . n 
A 1 41  ALA 41  132 132 ALA ALA A . n 
A 1 42  VAL 42  133 133 VAL VAL A . n 
A 1 43  SER 43  134 134 SER SER A . n 
A 1 44  PRO 44  135 135 PRO PRO A . n 
A 1 45  GLN 45  136 136 GLN GLN A . n 
A 1 46  LEU 46  137 137 LEU LEU A . n 
A 1 47  ARG 47  138 138 ARG ARG A . n 
A 1 48  ASP 48  139 139 ASP ASP A . n 
A 1 49  GLY 49  140 140 GLY GLY A . n 
A 1 50  THR 50  141 141 THR THR A . n 
A 1 51  LEU 51  142 142 LEU LEU A . n 
A 1 52  ASP 52  143 143 ASP ASP A . n 
A 1 53  PHE 53  144 144 PHE PHE A . n 
A 1 54  ALA 54  145 145 ALA ALA A . n 
A 1 55  LEU 55  146 146 LEU LEU A . n 
A 1 56  THR 56  147 147 THR THR A . n 
A 1 57  ALA 57  148 148 ALA ALA A . n 
A 1 58  ALA 58  149 149 ALA ALA A . n 
A 1 59  HIS 59  150 150 HIS HIS A . n 
A 1 60  LYS 60  151 151 LYS LYS A . n 
A 1 61  HIS 61  152 152 HIS HIS A . n 
A 1 62  ASP 62  153 153 ASP ASP A . n 
A 1 63  ILE 63  154 154 ILE ILE A . n 
A 1 64  ASP 64  155 155 ASP ASP A . n 
A 1 65  THR 65  156 156 THR THR A . n 
A 1 66  ASP 66  157 157 ASP ASP A . n 
A 1 67  LEU 67  158 158 LEU LEU A . n 
A 1 68  GLU 68  159 159 GLU GLU A . n 
A 1 69  ALA 69  160 160 ALA ALA A . n 
A 1 70  GLN 70  161 161 GLN GLN A . n 
A 1 71  PRO 71  162 162 PRO PRO A . n 
A 1 72  LEU 72  163 163 LEU LEU A . n 
A 1 73  TYR 73  164 164 TYR TYR A . n 
A 1 74  VAL 74  165 165 VAL VAL A . n 
A 1 75  SER 75  166 166 SER SER A . n 
A 1 76  ASP 76  167 167 ASP ASP A . n 
A 1 77  VAL 77  168 168 VAL VAL A . n 
A 1 78  VAL 78  169 169 VAL VAL A . n 
A 1 79  ILE 79  170 170 ILE ILE A . n 
A 1 80  VAL 80  171 171 VAL VAL A . n 
A 1 81  GLY 81  172 172 GLY GLY A . n 
A 1 82  GLN 82  173 173 GLN GLN A . n 
A 1 83  ARG 83  174 174 ARG ARG A . n 
A 1 84  GLN 84  175 175 GLN GLN A . n 
A 1 85  HIS 85  176 176 HIS HIS A . n 
A 1 86  PRO 86  177 177 PRO PRO A . n 
A 1 87  MET 87  178 178 MET MET A . n 
A 1 88  ALA 88  179 179 ALA ALA A . n 
A 1 89  ASN 89  180 180 ASN ASN A . n 
A 1 90  ALA 90  181 181 ALA ALA A . n 
A 1 91  THR 91  182 182 THR THR A . n 
A 1 92  ARG 92  183 183 ARG ARG A . n 
A 1 93  LEU 93  184 184 LEU LEU A . n 
A 1 94  ALA 94  185 185 ALA ALA A . n 
A 1 95  GLU 95  186 186 GLU GLU A . n 
A 1 96  LEU 96  187 187 LEU LEU A . n 
A 1 97  GLN 97  188 188 GLN GLN A . n 
A 1 98  GLU 98  189 189 GLU GLU A . n 
A 1 99  CYS 99  190 190 CYS CYS A . n 
A 1 100 ARG 100 191 191 ARG ARG A . n 
A 1 101 TRP 101 192 192 TRP TRP A . n 
A 1 102 ALA 102 193 193 ALA ALA A . n 
A 1 103 PHE 103 194 194 PHE PHE A . n 
A 1 104 SER 104 195 195 SER SER A . n 
A 1 105 SER 105 196 196 SER SER A . n 
A 1 106 ALA 106 197 197 ALA ALA A . n 
A 1 107 PRO 107 198 198 PRO PRO A . n 
A 1 108 ARG 108 199 199 ARG ARG A . n 
A 1 109 GLY 109 200 200 GLY GLY A . n 
A 1 110 PRO 110 201 201 PRO PRO A . n 
A 1 111 GLY 111 202 202 GLY GLY A . n 
A 1 112 ALA 112 203 203 ALA ALA A . n 
A 1 113 ILE 113 204 204 ILE ILE A . n 
A 1 114 ILE 114 205 205 ILE ILE A . n 
A 1 115 ARG 115 206 206 ARG ARG A . n 
A 1 116 ASN 116 207 207 ASN ASN A . n 
A 1 117 ALA 117 208 208 ALA ALA A . n 
A 1 118 PHE 118 209 209 PHE PHE A . n 
A 1 119 ALA 119 210 210 ALA ALA A . n 
A 1 120 ARG 120 211 211 ARG ARG A . n 
A 1 121 TYR 121 212 212 TYR TYR A . n 
A 1 122 GLY 122 213 213 GLY GLY A . n 
A 1 123 LEU 123 214 214 LEU LEU A . n 
A 1 124 PRO 124 215 215 PRO PRO A . n 
A 1 125 GLU 125 216 216 GLU GLU A . n 
A 1 126 PRO 126 217 217 PRO PRO A . n 
A 1 127 LYS 127 218 218 LYS LYS A . n 
A 1 128 LEU 128 219 219 LEU LEU A . n 
A 1 129 GLY 129 220 220 GLY GLY A . n 
A 1 130 LEU 130 221 221 LEU LEU A . n 
A 1 131 VAL 131 222 222 VAL VAL A . n 
A 1 132 CYS 132 223 223 CYS CYS A . n 
A 1 133 GLU 133 224 224 GLU GLU A . n 
A 1 134 SER 134 225 225 SER SER A . n 
A 1 135 PHE 135 226 226 PHE PHE A . n 
A 1 136 LEU 136 227 227 LEU LEU A . n 
A 1 137 ALA 137 228 228 ALA ALA A . n 
A 1 138 LEU 138 229 229 LEU LEU A . n 
A 1 139 PRO 139 230 230 PRO PRO A . n 
A 1 140 GLY 140 231 231 GLY GLY A . n 
A 1 141 VAL 141 232 232 VAL VAL A . n 
A 1 142 VAL 142 233 233 VAL VAL A . n 
A 1 143 ALA 143 234 234 ALA ALA A . n 
A 1 144 HIS 144 235 235 HIS HIS A . n 
A 1 145 SER 145 236 236 SER SER A . n 
A 1 146 ASP 146 237 237 ASP ASP A . n 
A 1 147 LEU 147 238 238 LEU LEU A . n 
A 1 148 LEU 148 239 239 LEU LEU A . n 
A 1 149 THR 149 240 240 THR THR A . n 
A 1 150 THR 150 241 241 THR THR A . n 
A 1 151 MET 151 242 242 MET MET A . n 
A 1 152 PRO 152 243 243 PRO PRO A . n 
A 1 153 ARG 153 244 244 ARG ARG A . n 
A 1 154 THR 154 245 245 THR THR A . n 
A 1 155 LEU 155 246 246 LEU LEU A . n 
A 1 156 TYR 156 247 247 TYR TYR A . n 
A 1 157 GLU 157 248 248 GLU GLU A . n 
A 1 158 ARG 158 249 249 ARG ARG A . n 
A 1 159 ASN 159 250 250 ASN ASN A . n 
A 1 160 ALA 160 251 251 ALA ALA A . n 
A 1 161 PHE 161 252 252 PHE PHE A . n 
A 1 162 LYS 162 253 253 LYS LYS A . n 
A 1 163 ASP 163 254 254 ASP ASP A . n 
A 1 164 GLN 164 255 255 GLN GLN A . n 
A 1 165 LEU 165 256 256 LEU LEU A . n 
A 1 166 CYS 166 257 257 CYS CYS A . n 
A 1 167 SER 167 258 258 SER SER A . n 
A 1 168 ILE 168 259 259 ILE ILE A . n 
A 1 169 PRO 169 260 260 PRO PRO A . n 
A 1 170 LEU 170 261 261 LEU LEU A . n 
A 1 171 GLN 171 262 262 GLN GLN A . n 
A 1 172 ASP 172 263 263 ASP ASP A . n 
A 1 173 ALA 173 264 264 ALA ALA A . n 
A 1 174 LEU 174 265 265 LEU LEU A . n 
A 1 175 PRO 175 266 266 PRO PRO A . n 
A 1 176 ASN 176 267 267 ASN ASN A . n 
A 1 177 PRO 177 268 268 PRO PRO A . n 
A 1 178 THR 178 269 269 THR THR A . n 
A 1 179 ILE 179 270 270 ILE ILE A . n 
A 1 180 TYR 180 271 271 TYR TYR A . n 
A 1 181 VAL 181 272 272 VAL VAL A . n 
A 1 182 LEU 182 273 273 LEU LEU A . n 
A 1 183 ARG 183 274 274 ARG ARG A . n 
A 1 184 ARG 184 275 275 ARG ARG A . n 
A 1 185 HIS 185 276 276 HIS HIS A . n 
A 1 186 ASP 186 277 277 ASP ASP A . n 
A 1 187 LEU 187 278 278 LEU LEU A . n 
A 1 188 PRO 188 279 279 PRO PRO A . n 
A 1 189 VAL 189 280 280 VAL VAL A . n 
A 1 190 THR 190 281 281 THR THR A . n 
A 1 191 PRO 191 282 282 PRO PRO A . n 
A 1 192 ALA 192 283 283 ALA ALA A . n 
A 1 193 ALA 193 284 284 ALA ALA A . n 
A 1 194 ALA 194 285 285 ALA ALA A . n 
A 1 195 GLY 195 286 286 GLY GLY A . n 
A 1 196 LEU 196 287 287 LEU LEU A . n 
A 1 197 ILE 197 288 288 ILE ILE A . n 
A 1 198 ARG 198 289 289 ARG ARG A . n 
A 1 199 TRP 199 290 290 TRP TRP A . n 
A 1 200 ILE 200 291 291 ILE ILE A . n 
A 1 201 GLN 201 292 292 GLN GLN A . n 
A 1 202 HIS 202 293 293 HIS HIS A . n 
A 1 203 HIS 203 294 294 HIS HIS A . n 
A 1 204 ALA 204 295 295 ALA ALA A . n 
A 1 205 LEU 205 296 296 LEU LEU A . n 
# 
loop_
_pdbx_nonpoly_scheme.asym_id 
_pdbx_nonpoly_scheme.entity_id 
_pdbx_nonpoly_scheme.mon_id 
_pdbx_nonpoly_scheme.ndb_seq_num 
_pdbx_nonpoly_scheme.pdb_seq_num 
_pdbx_nonpoly_scheme.auth_seq_num 
_pdbx_nonpoly_scheme.pdb_mon_id 
_pdbx_nonpoly_scheme.auth_mon_id 
_pdbx_nonpoly_scheme.pdb_strand_id 
_pdbx_nonpoly_scheme.pdb_ins_code 
B 2 SO4 1  1001 1001 SO4 SO4 A . 
C 2 SO4 1  1002 1002 SO4 SO4 A . 
D 3 TSU 1  1003 1003 TSU TSU A . 
E 3 TSU 1  1004 1004 TSU TSU A . 
F 3 TSU 1  1005 1005 TSU TSU A . 
G 4 ACT 1  1006 1006 ACT ACT A . 
H 4 ACT 1  1007 1007 ACT ACT A . 
I 5 HOH 1  3    3    HOH HOH A . 
I 5 HOH 2  4    4    HOH HOH A . 
I 5 HOH 3  5    5    HOH HOH A . 
I 5 HOH 4  7    7    HOH HOH A . 
I 5 HOH 5  9    9    HOH HOH A . 
I 5 HOH 6  10   10   HOH HOH A . 
I 5 HOH 7  11   11   HOH HOH A . 
I 5 HOH 8  12   12   HOH HOH A . 
I 5 HOH 9  13   13   HOH HOH A . 
I 5 HOH 10 14   14   HOH HOH A . 
I 5 HOH 11 15   15   HOH HOH A . 
I 5 HOH 12 16   16   HOH HOH A . 
I 5 HOH 13 17   17   HOH HOH A . 
I 5 HOH 14 18   18   HOH HOH A . 
I 5 HOH 15 19   19   HOH HOH A . 
I 5 HOH 16 20   20   HOH HOH A . 
I 5 HOH 17 21   21   HOH HOH A . 
I 5 HOH 18 22   22   HOH HOH A . 
I 5 HOH 19 23   23   HOH HOH A . 
I 5 HOH 20 24   24   HOH HOH A . 
I 5 HOH 21 25   25   HOH HOH A . 
I 5 HOH 22 26   26   HOH HOH A . 
I 5 HOH 23 27   27   HOH HOH A . 
I 5 HOH 24 28   28   HOH HOH A . 
I 5 HOH 25 30   30   HOH HOH A . 
I 5 HOH 26 31   31   HOH HOH A . 
I 5 HOH 27 32   32   HOH HOH A . 
I 5 HOH 28 34   34   HOH HOH A . 
I 5 HOH 29 36   36   HOH HOH A . 
I 5 HOH 30 37   37   HOH HOH A . 
I 5 HOH 31 38   38   HOH HOH A . 
I 5 HOH 32 39   39   HOH HOH A . 
I 5 HOH 33 40   40   HOH HOH A . 
I 5 HOH 34 43   43   HOH HOH A . 
I 5 HOH 35 44   44   HOH HOH A . 
I 5 HOH 36 45   45   HOH HOH A . 
I 5 HOH 37 46   46   HOH HOH A . 
I 5 HOH 38 47   47   HOH HOH A . 
I 5 HOH 39 48   48   HOH HOH A . 
I 5 HOH 40 49   49   HOH HOH A . 
I 5 HOH 41 51   51   HOH HOH A . 
I 5 HOH 42 52   52   HOH HOH A . 
I 5 HOH 43 53   53   HOH HOH A . 
I 5 HOH 44 54   54   HOH HOH A . 
# 
_software.name             REFMAC 
_software.classification   refinement 
_software.version          5.5.0102 
_software.citation_id      ? 
_software.pdbx_ordinal     1 
# 
_cell.entry_id           3N6U 
_cell.length_a           51.500 
_cell.length_b           95.710 
_cell.length_c           82.940 
_cell.angle_alpha        90.00 
_cell.angle_beta         90.00 
_cell.angle_gamma        90.00 
_cell.Z_PDB              8 
_cell.pdbx_unique_axis   ? 
_cell.length_a_esd       ? 
_cell.length_b_esd       ? 
_cell.length_c_esd       ? 
_cell.angle_alpha_esd    ? 
_cell.angle_beta_esd     ? 
_cell.angle_gamma_esd    ? 
# 
_symmetry.entry_id                         3N6U 
_symmetry.space_group_name_H-M             'C 2 2 21' 
_symmetry.pdbx_full_space_group_name_H-M   ? 
_symmetry.cell_setting                     ? 
_symmetry.Int_Tables_number                20 
_symmetry.space_group_name_Hall            ? 
# 
_exptl.entry_id          3N6U 
_exptl.method            'X-RAY DIFFRACTION' 
_exptl.crystals_number   1 
# 
_exptl_crystal.id                    1 
_exptl_crystal.density_meas          ? 
_exptl_crystal.density_Matthews      2.28 
_exptl_crystal.density_percent_sol   46.16 
_exptl_crystal.description           ? 
_exptl_crystal.F_000                 ? 
_exptl_crystal.preparation           ? 
# 
_exptl_crystal_grow.crystal_id      1 
_exptl_crystal_grow.method          'VAPOR DIFFUSION, SITTING DROP' 
_exptl_crystal_grow.temp            293 
_exptl_crystal_grow.temp_details    ? 
_exptl_crystal_grow.pH              4.6 
_exptl_crystal_grow.pdbx_details    
'1.5M ammonium sulfate, 0.1M sodium acetate pH4.6, VAPOR DIFFUSION, SITTING DROP, temperature 293K' 
_exptl_crystal_grow.pdbx_pH_range   . 
# 
_diffrn.id                     1 
_diffrn.ambient_temp           100 
_diffrn.ambient_temp_details   ? 
_diffrn.crystal_id             1 
# 
_diffrn_detector.diffrn_id              1 
_diffrn_detector.detector               'IMAGE PLATE' 
_diffrn_detector.type                   'MAR scanner 300 mm plate' 
_diffrn_detector.pdbx_collection_date   2010-02-28 
_diffrn_detector.details                ? 
# 
_diffrn_radiation.diffrn_id                        1 
_diffrn_radiation.wavelength_id                    1 
_diffrn_radiation.pdbx_monochromatic_or_laue_m_l   M 
_diffrn_radiation.monochromator                    ? 
_diffrn_radiation.pdbx_diffrn_protocol             'SINGLE WAVELENGTH' 
_diffrn_radiation.pdbx_scattering_type             x-ray 
# 
_diffrn_radiation_wavelength.id           1 
_diffrn_radiation_wavelength.wavelength   1.54179 
_diffrn_radiation_wavelength.wt           1.0 
# 
_diffrn_source.diffrn_id                   1 
_diffrn_source.source                      'ROTATING ANODE' 
_diffrn_source.type                        'RIGAKU RUH2R' 
_diffrn_source.pdbx_synchrotron_site       ? 
_diffrn_source.pdbx_synchrotron_beamline   ? 
_diffrn_source.pdbx_wavelength             ? 
_diffrn_source.pdbx_wavelength_list        1.54179 
# 
_reflns.entry_id                     3N6U 
_reflns.observed_criterion_sigma_I   ? 
_reflns.observed_criterion_sigma_F   ? 
_reflns.d_resolution_low             25.78 
_reflns.d_resolution_high            1.87 
_reflns.number_obs                   17327 
_reflns.number_all                   ? 
_reflns.percent_possible_obs         99.7 
_reflns.pdbx_Rmerge_I_obs            0.0267 
_reflns.pdbx_Rsym_value              0.032 
_reflns.pdbx_netI_over_sigmaI        20.23 
_reflns.B_iso_Wilson_estimate        ? 
_reflns.pdbx_redundancy              1.88 
_reflns.R_free_details               ? 
_reflns.limit_h_max                  ? 
_reflns.limit_h_min                  ? 
_reflns.limit_k_max                  ? 
_reflns.limit_k_min                  ? 
_reflns.limit_l_max                  ? 
_reflns.limit_l_min                  ? 
_reflns.observed_criterion_F_max     ? 
_reflns.observed_criterion_F_min     ? 
_reflns.pdbx_chi_squared             ? 
_reflns.pdbx_scaling_rejects         ? 
_reflns.pdbx_ordinal                 1 
_reflns.pdbx_diffrn_id               1 
# 
_reflns_shell.d_res_high             1.87 
_reflns_shell.d_res_low              1.97 
_reflns_shell.percent_possible_all   98.3 
_reflns_shell.Rmerge_I_obs           0.166 
_reflns_shell.pdbx_Rsym_value        0.210 
_reflns_shell.meanI_over_sigI_obs    4.75 
_reflns_shell.pdbx_redundancy        1.87 
_reflns_shell.percent_possible_obs   ? 
_reflns_shell.number_unique_all      ? 
_reflns_shell.number_measured_all    ? 
_reflns_shell.number_measured_obs    ? 
_reflns_shell.number_unique_obs      ? 
_reflns_shell.pdbx_chi_squared       ? 
_reflns_shell.pdbx_ordinal           1 
_reflns_shell.pdbx_diffrn_id         1 
# 
_refine.entry_id                                 3N6U 
_refine.ls_number_reflns_obs                     16430 
_refine.ls_number_reflns_all                     ? 
_refine.pdbx_ls_sigma_I                          ? 
_refine.pdbx_ls_sigma_F                          ? 
_refine.pdbx_data_cutoff_high_absF               ? 
_refine.pdbx_data_cutoff_low_absF                ? 
_refine.pdbx_data_cutoff_high_rms_absF           ? 
_refine.ls_d_res_low                             25.78 
_refine.ls_d_res_high                            1.87 
_refine.ls_percent_reflns_obs                    99.75 
_refine.ls_R_factor_obs                          0.22195 
_refine.ls_R_factor_all                          ? 
_refine.ls_R_factor_R_work                       0.21971 
_refine.ls_R_factor_R_free                       0.26655 
_refine.ls_R_factor_R_free_error                 ? 
_refine.ls_R_factor_R_free_error_details         ? 
_refine.ls_percent_reflns_R_free                 5.1 
_refine.ls_number_reflns_R_free                  879 
_refine.ls_number_parameters                     ? 
_refine.ls_number_restraints                     ? 
_refine.occupancy_min                            ? 
_refine.occupancy_max                            ? 
_refine.correlation_coeff_Fo_to_Fc               0.938 
_refine.correlation_coeff_Fo_to_Fc_free          0.915 
_refine.B_iso_mean                               26.112 
_refine.aniso_B[1][1]                            -0.11 
_refine.aniso_B[2][2]                            0.77 
_refine.aniso_B[3][3]                            -0.66 
_refine.aniso_B[1][2]                            0.00 
_refine.aniso_B[1][3]                            0.00 
_refine.aniso_B[2][3]                            0.00 
_refine.solvent_model_details                    MASK 
_refine.solvent_model_param_ksol                 ? 
_refine.solvent_model_param_bsol                 ? 
_refine.pdbx_solvent_vdw_probe_radii             1.40 
_refine.pdbx_solvent_ion_probe_radii             0.80 
_refine.pdbx_solvent_shrinkage_radii             0.80 
_refine.pdbx_ls_cross_valid_method               THROUGHOUT 
_refine.details                                  'HYDROGENS HAVE BEEN ADDED IN THE RIDING POSITIONS' 
_refine.pdbx_starting_model                      ? 
_refine.pdbx_method_to_determine_struct          'MOLECULAR REPLACEMENT' 
_refine.pdbx_isotropic_thermal_model             ? 
_refine.pdbx_stereochemistry_target_values       'MAXIMUM LIKELIHOOD' 
_refine.pdbx_stereochem_target_val_spec_case     ? 
_refine.pdbx_R_Free_selection_details            RANDOM 
_refine.pdbx_overall_ESU_R_Free                  0.162 
_refine.overall_SU_ML                            0.112 
_refine.overall_SU_B                             3.686 
_refine.overall_SU_R_Cruickshank_DPI             ? 
_refine.ls_redundancy_reflns_obs                 ? 
_refine.B_iso_min                                ? 
_refine.B_iso_max                                ? 
_refine.overall_SU_R_free                        ? 
_refine.ls_wR_factor_R_free                      ? 
_refine.ls_wR_factor_R_work                      ? 
_refine.overall_FOM_free_R_set                   ? 
_refine.overall_FOM_work_R_set                   ? 
_refine.pdbx_refine_id                           'X-RAY DIFFRACTION' 
_refine.pdbx_overall_phase_error                 ? 
_refine.pdbx_overall_ESU_R                       ? 
_refine.pdbx_diffrn_id                           1 
_refine.pdbx_TLS_residual_ADP_flag               ? 
_refine.pdbx_overall_SU_R_free_Cruickshank_DPI   ? 
_refine.pdbx_overall_SU_R_Blow_DPI               ? 
_refine.pdbx_overall_SU_R_free_Blow_DPI          ? 
# 
_refine_hist.pdbx_refine_id                   'X-RAY DIFFRACTION' 
_refine_hist.cycle_id                         LAST 
_refine_hist.pdbx_number_atoms_protein        1576 
_refine_hist.pdbx_number_atoms_nucleic_acid   0 
_refine_hist.pdbx_number_atoms_ligand         51 
_refine_hist.number_atoms_solvent             44 
_refine_hist.number_atoms_total               1671 
_refine_hist.d_res_high                       1.87 
_refine_hist.d_res_low                        25.78 
# 
loop_
_refine_ls_restr.type 
_refine_ls_restr.dev_ideal 
_refine_ls_restr.dev_ideal_target 
_refine_ls_restr.weight 
_refine_ls_restr.number 
_refine_ls_restr.pdbx_refine_id 
_refine_ls_restr.pdbx_restraint_function 
r_bond_refined_d             0.024  0.022  ? 1665 'X-RAY DIFFRACTION' ? 
r_bond_other_d               ?      ?      ? ?    'X-RAY DIFFRACTION' ? 
r_angle_refined_deg          2.082  1.998  ? 2281 'X-RAY DIFFRACTION' ? 
r_angle_other_deg            ?      ?      ? ?    'X-RAY DIFFRACTION' ? 
r_dihedral_angle_1_deg       6.760  5.000  ? 204  'X-RAY DIFFRACTION' ? 
r_dihedral_angle_2_deg       33.430 22.609 ? 69   'X-RAY DIFFRACTION' ? 
r_dihedral_angle_3_deg       14.941 15.000 ? 241  'X-RAY DIFFRACTION' ? 
r_dihedral_angle_4_deg       20.694 15.000 ? 14   'X-RAY DIFFRACTION' ? 
r_chiral_restr               0.134  0.200  ? 258  'X-RAY DIFFRACTION' ? 
r_gen_planes_refined         0.010  0.022  ? 1282 'X-RAY DIFFRACTION' ? 
r_gen_planes_other           ?      ?      ? ?    'X-RAY DIFFRACTION' ? 
r_nbd_refined                ?      ?      ? ?    'X-RAY DIFFRACTION' ? 
r_nbd_other                  ?      ?      ? ?    'X-RAY DIFFRACTION' ? 
r_nbtor_refined              ?      ?      ? ?    'X-RAY DIFFRACTION' ? 
r_nbtor_other                ?      ?      ? ?    'X-RAY DIFFRACTION' ? 
r_xyhbond_nbd_refined        ?      ?      ? ?    'X-RAY DIFFRACTION' ? 
r_xyhbond_nbd_other          ?      ?      ? ?    'X-RAY DIFFRACTION' ? 
r_metal_ion_refined          ?      ?      ? ?    'X-RAY DIFFRACTION' ? 
r_metal_ion_other            ?      ?      ? ?    'X-RAY DIFFRACTION' ? 
r_symmetry_vdw_refined       ?      ?      ? ?    'X-RAY DIFFRACTION' ? 
r_symmetry_vdw_other         ?      ?      ? ?    'X-RAY DIFFRACTION' ? 
r_symmetry_hbond_refined     ?      ?      ? ?    'X-RAY DIFFRACTION' ? 
r_symmetry_hbond_other       ?      ?      ? ?    'X-RAY DIFFRACTION' ? 
r_symmetry_metal_ion_refined ?      ?      ? ?    'X-RAY DIFFRACTION' ? 
r_symmetry_metal_ion_other   ?      ?      ? ?    'X-RAY DIFFRACTION' ? 
r_mcbond_it                  1.403  1.500  ? 1038 'X-RAY DIFFRACTION' ? 
r_mcbond_other               ?      ?      ? ?    'X-RAY DIFFRACTION' ? 
r_mcangle_it                 2.339  2.000  ? 1669 'X-RAY DIFFRACTION' ? 
r_scbond_it                  3.478  3.000  ? 627  'X-RAY DIFFRACTION' ? 
r_scangle_it                 5.550  4.500  ? 612  'X-RAY DIFFRACTION' ? 
r_rigid_bond_restr           ?      ?      ? ?    'X-RAY DIFFRACTION' ? 
r_sphericity_free            ?      ?      ? ?    'X-RAY DIFFRACTION' ? 
r_sphericity_bonded          ?      ?      ? ?    'X-RAY DIFFRACTION' ? 
# 
_refine_ls_shell.pdbx_total_number_of_bins_used   20 
_refine_ls_shell.d_res_high                       1.869 
_refine_ls_shell.d_res_low                        1.917 
_refine_ls_shell.number_reflns_R_work             1150 
_refine_ls_shell.R_factor_R_work                  0.264 
_refine_ls_shell.percent_reflns_obs               97.51 
_refine_ls_shell.R_factor_R_free                  0.302 
_refine_ls_shell.R_factor_R_free_error            ? 
_refine_ls_shell.percent_reflns_R_free            ? 
_refine_ls_shell.number_reflns_R_free             62 
_refine_ls_shell.number_reflns_all                ? 
_refine_ls_shell.R_factor_all                     ? 
_refine_ls_shell.number_reflns_obs                ? 
_refine_ls_shell.redundancy_reflns_obs            ? 
_refine_ls_shell.pdbx_refine_id                   'X-RAY DIFFRACTION' 
# 
_struct.entry_id                  3N6U 
_struct.title                     'Effector binding domain of TsaR in complex with its inducer p-toluenesulfonate' 
_struct.pdbx_model_details        ? 
_struct.pdbx_CASP_flag            ? 
_struct.pdbx_model_type_details   ? 
# 
_struct_keywords.entry_id        3N6U 
_struct_keywords.pdbx_keywords   'TRANSCRIPTION REGULATOR' 
_struct_keywords.text            'Rossmann fold, TRANSCRIPTION REGULATOR' 
# 
loop_
_struct_asym.id 
_struct_asym.pdbx_blank_PDB_chainid_flag 
_struct_asym.pdbx_modified 
_struct_asym.entity_id 
_struct_asym.details 
A N N 1 ? 
B N N 2 ? 
C N N 2 ? 
D N N 3 ? 
E N N 3 ? 
F N N 3 ? 
G N N 4 ? 
H N N 4 ? 
I N N 5 ? 
# 
_struct_ref.id                         1 
_struct_ref.db_name                    UNP 
_struct_ref.db_code                    P94678_COMTE 
_struct_ref.pdbx_db_accession          P94678 
_struct_ref.entity_id                  1 
_struct_ref.pdbx_seq_one_letter_code   
;GHITFAASPAIALAALPLALASFAREFPDVTVNVRDGMYPAVSPQLRDGTLDFALTAAHKHDIDTDLEAQPLYVSDVVIV
GQRQHPMANATRLAELQECRWAFSSAPRGPGAIIRNAFARYGLPEPKLGLVCESFLALPGVVAHSDLLTTMPRTLYERNA
FKDQLCSIPLQDALPNPTIYVLRRHDLPVTPAAAGLIRWIQHHAL
;
_struct_ref.pdbx_align_begin           91 
_struct_ref.pdbx_db_isoform            ? 
# 
_struct_ref_seq.align_id                      1 
_struct_ref_seq.ref_id                        1 
_struct_ref_seq.pdbx_PDB_id_code              3N6U 
_struct_ref_seq.pdbx_strand_id                A 
_struct_ref_seq.seq_align_beg                 1 
_struct_ref_seq.pdbx_seq_align_beg_ins_code   ? 
_struct_ref_seq.seq_align_end                 205 
_struct_ref_seq.pdbx_seq_align_end_ins_code   ? 
_struct_ref_seq.pdbx_db_accession             P94678 
_struct_ref_seq.db_align_beg                  91 
_struct_ref_seq.pdbx_db_align_beg_ins_code    ? 
_struct_ref_seq.db_align_end                  295 
_struct_ref_seq.pdbx_db_align_end_ins_code    ? 
_struct_ref_seq.pdbx_auth_seq_align_beg       92 
_struct_ref_seq.pdbx_auth_seq_align_end       296 
# 
loop_
_pdbx_struct_assembly.id 
_pdbx_struct_assembly.details 
_pdbx_struct_assembly.method_details 
_pdbx_struct_assembly.oligomeric_details 
_pdbx_struct_assembly.oligomeric_count 
1 author_defined_assembly   ?    monomeric 1 
2 software_defined_assembly PISA dimeric   2 
# 
loop_
_pdbx_struct_assembly_prop.biol_id 
_pdbx_struct_assembly_prop.type 
_pdbx_struct_assembly_prop.value 
_pdbx_struct_assembly_prop.details 
2 'ABSA (A^2)' 2630  ? 
2 MORE         -23   ? 
2 'SSA (A^2)'  17540 ? 
# 
loop_
_pdbx_struct_assembly_gen.assembly_id 
_pdbx_struct_assembly_gen.oper_expression 
_pdbx_struct_assembly_gen.asym_id_list 
1 1   A,B,C,D,E,F,G,H,I 
2 1,2 A,B,C,D,E,F,G,H,I 
# 
loop_
_pdbx_struct_oper_list.id 
_pdbx_struct_oper_list.type 
_pdbx_struct_oper_list.name 
_pdbx_struct_oper_list.symmetry_operation 
_pdbx_struct_oper_list.matrix[1][1] 
_pdbx_struct_oper_list.matrix[1][2] 
_pdbx_struct_oper_list.matrix[1][3] 
_pdbx_struct_oper_list.vector[1] 
_pdbx_struct_oper_list.matrix[2][1] 
_pdbx_struct_oper_list.matrix[2][2] 
_pdbx_struct_oper_list.matrix[2][3] 
_pdbx_struct_oper_list.vector[2] 
_pdbx_struct_oper_list.matrix[3][1] 
_pdbx_struct_oper_list.matrix[3][2] 
_pdbx_struct_oper_list.matrix[3][3] 
_pdbx_struct_oper_list.vector[3] 
1 'identity operation'         1_555 x,y,z         1.0000000000  0.0000000000 0.0000000000  0.0000000000 0.0000000000 1.0000000000  0.0000000000  0.0000000000  0.0000000000  0.0000000000  1.0000000000 0.0000000000 
2 'crystal symmetry operation' 3_455 -x-1,y,-z+1/2 -0.5821301075 0.1750037827 -0.7940391766 9.8379379972 0.1750037827 -0.9267084695 -0.3325433634 17.9200379060 -0.7940391766 -0.3325433634 0.5088385770 9.1268198435 
# 
_struct_biol.id        1 
_struct_biol.details   ? 
# 
loop_
_struct_conf.conf_type_id 
_struct_conf.id 
_struct_conf.pdbx_PDB_helix_id 
_struct_conf.beg_label_comp_id 
_struct_conf.beg_label_asym_id 
_struct_conf.beg_label_seq_id 
_struct_conf.pdbx_beg_PDB_ins_code 
_struct_conf.end_label_comp_id 
_struct_conf.end_label_asym_id 
_struct_conf.end_label_seq_id 
_struct_conf.pdbx_end_PDB_ins_code 
_struct_conf.beg_auth_comp_id 
_struct_conf.beg_auth_asym_id 
_struct_conf.beg_auth_seq_id 
_struct_conf.end_auth_comp_id 
_struct_conf.end_auth_asym_id 
_struct_conf.end_auth_seq_id 
_struct_conf.pdbx_PDB_helix_class 
_struct_conf.details 
_struct_conf.pdbx_PDB_helix_length 
HELX_P HELX_P1  1  SER A 8   ? ALA A 14  ? SER A 99  ALA A 105 1 ? 7  
HELX_P HELX_P2  2  ALA A 14  ? PHE A 27  ? ALA A 105 PHE A 118 1 ? 14 
HELX_P HELX_P3  3  VAL A 42  ? ASP A 48  ? VAL A 133 ASP A 139 1 ? 7  
HELX_P HELX_P4  4  HIS A 59  ? ILE A 63  ? HIS A 150 ILE A 154 5 ? 5  
HELX_P HELX_P5  5  ARG A 92  ? GLN A 97  ? ARG A 183 GLN A 188 5 ? 6  
HELX_P HELX_P6  6  GLY A 111 ? TYR A 121 ? GLY A 202 TYR A 212 1 ? 11 
HELX_P HELX_P7  7  ALA A 137 ? HIS A 144 ? ALA A 228 HIS A 235 1 ? 8  
HELX_P HELX_P8  8  ARG A 153 ? ARG A 158 ? ARG A 244 ARG A 249 1 ? 6  
HELX_P HELX_P9  9  PHE A 161 ? ASP A 163 ? PHE A 252 ASP A 254 5 ? 3  
HELX_P HELX_P10 10 THR A 190 ? ALA A 204 ? THR A 281 ALA A 295 1 ? 15 
# 
_struct_conf_type.id          HELX_P 
_struct_conf_type.criteria    ? 
_struct_conf_type.reference   ? 
# 
_struct_mon_prot_cis.pdbx_id                1 
_struct_mon_prot_cis.label_comp_id          TYR 
_struct_mon_prot_cis.label_seq_id           39 
_struct_mon_prot_cis.label_asym_id          A 
_struct_mon_prot_cis.label_alt_id           . 
_struct_mon_prot_cis.pdbx_PDB_ins_code      ? 
_struct_mon_prot_cis.auth_comp_id           TYR 
_struct_mon_prot_cis.auth_seq_id            130 
_struct_mon_prot_cis.auth_asym_id           A 
_struct_mon_prot_cis.pdbx_label_comp_id_2   PRO 
_struct_mon_prot_cis.pdbx_label_seq_id_2    40 
_struct_mon_prot_cis.pdbx_label_asym_id_2   A 
_struct_mon_prot_cis.pdbx_PDB_ins_code_2    ? 
_struct_mon_prot_cis.pdbx_auth_comp_id_2    PRO 
_struct_mon_prot_cis.pdbx_auth_seq_id_2     131 
_struct_mon_prot_cis.pdbx_auth_asym_id_2    A 
_struct_mon_prot_cis.pdbx_PDB_model_num     1 
_struct_mon_prot_cis.pdbx_omega_angle       11.47 
# 
loop_
_struct_sheet.id 
_struct_sheet.type 
_struct_sheet.number_strands 
_struct_sheet.details 
A ? 5 ? 
B ? 3 ? 
C ? 2 ? 
# 
loop_
_struct_sheet_order.sheet_id 
_struct_sheet_order.range_id_1 
_struct_sheet_order.range_id_2 
_struct_sheet_order.offset 
_struct_sheet_order.sense 
A 1 2 ? parallel      
A 2 3 ? parallel      
A 3 4 ? anti-parallel 
A 4 5 ? anti-parallel 
B 1 2 ? anti-parallel 
B 2 3 ? anti-parallel 
C 1 2 ? parallel      
# 
loop_
_struct_sheet_range.sheet_id 
_struct_sheet_range.id 
_struct_sheet_range.beg_label_comp_id 
_struct_sheet_range.beg_label_asym_id 
_struct_sheet_range.beg_label_seq_id 
_struct_sheet_range.pdbx_beg_PDB_ins_code 
_struct_sheet_range.end_label_comp_id 
_struct_sheet_range.end_label_asym_id 
_struct_sheet_range.end_label_seq_id 
_struct_sheet_range.pdbx_end_PDB_ins_code 
_struct_sheet_range.beg_auth_comp_id 
_struct_sheet_range.beg_auth_asym_id 
_struct_sheet_range.beg_auth_seq_id 
_struct_sheet_range.end_auth_comp_id 
_struct_sheet_range.end_auth_asym_id 
_struct_sheet_range.end_auth_seq_id 
A 1 THR A 31  ? ASP A 36  ? THR A 122 ASP A 127 
A 2 HIS A 2   ? ALA A 7   ? HIS A 93  ALA A 98  
A 3 PHE A 53  ? ALA A 58  ? PHE A 144 ALA A 149 
A 4 THR A 178 ? ARG A 184 ? THR A 269 ARG A 275 
A 5 LEU A 67  ? VAL A 74  ? LEU A 158 VAL A 165 
B 1 THR A 149 ? PRO A 152 ? THR A 240 PRO A 243 
B 2 VAL A 77  ? GLN A 82  ? VAL A 168 GLN A 173 
B 3 LEU A 165 ? SER A 167 ? LEU A 256 SER A 258 
C 1 ARG A 100 ? SER A 104 ? ARG A 191 SER A 195 
C 2 LYS A 127 ? CYS A 132 ? LYS A 218 CYS A 223 
# 
loop_
_pdbx_struct_sheet_hbond.sheet_id 
_pdbx_struct_sheet_hbond.range_id_1 
_pdbx_struct_sheet_hbond.range_id_2 
_pdbx_struct_sheet_hbond.range_1_label_atom_id 
_pdbx_struct_sheet_hbond.range_1_label_comp_id 
_pdbx_struct_sheet_hbond.range_1_label_asym_id 
_pdbx_struct_sheet_hbond.range_1_label_seq_id 
_pdbx_struct_sheet_hbond.range_1_PDB_ins_code 
_pdbx_struct_sheet_hbond.range_1_auth_atom_id 
_pdbx_struct_sheet_hbond.range_1_auth_comp_id 
_pdbx_struct_sheet_hbond.range_1_auth_asym_id 
_pdbx_struct_sheet_hbond.range_1_auth_seq_id 
_pdbx_struct_sheet_hbond.range_2_label_atom_id 
_pdbx_struct_sheet_hbond.range_2_label_comp_id 
_pdbx_struct_sheet_hbond.range_2_label_asym_id 
_pdbx_struct_sheet_hbond.range_2_label_seq_id 
_pdbx_struct_sheet_hbond.range_2_PDB_ins_code 
_pdbx_struct_sheet_hbond.range_2_auth_atom_id 
_pdbx_struct_sheet_hbond.range_2_auth_comp_id 
_pdbx_struct_sheet_hbond.range_2_auth_asym_id 
_pdbx_struct_sheet_hbond.range_2_auth_seq_id 
A 1 2 O ASN A 33  ? O ASN A 124 N ILE A 3   ? N ILE A 94  
A 2 3 N ALA A 6   ? N ALA A 97  O LEU A 55  ? O LEU A 146 
A 3 4 N ALA A 54  ? N ALA A 145 O LEU A 182 ? O LEU A 273 
A 4 5 O ARG A 183 ? O ARG A 274 N GLU A 68  ? N GLU A 159 
B 1 2 O MET A 151 ? O MET A 242 N VAL A 78  ? N VAL A 169 
B 2 3 N GLY A 81  ? N GLY A 172 O CYS A 166 ? O CYS A 257 
C 1 2 N TRP A 101 ? N TRP A 192 O GLY A 129 ? O GLY A 220 
# 
loop_
_struct_site.id 
_struct_site.pdbx_evidence_code 
_struct_site.pdbx_auth_asym_id 
_struct_site.pdbx_auth_comp_id 
_struct_site.pdbx_auth_seq_id 
_struct_site.pdbx_auth_ins_code 
_struct_site.pdbx_num_residues 
_struct_site.details 
AC1 Software A SO4 1001 ? 3  'BINDING SITE FOR RESIDUE SO4 A 1001' 
AC2 Software A SO4 1002 ? 5  'BINDING SITE FOR RESIDUE SO4 A 1002' 
AC3 Software A TSU 1003 ? 6  'BINDING SITE FOR RESIDUE TSU A 1003' 
AC4 Software A TSU 1004 ? 6  'BINDING SITE FOR RESIDUE TSU A 1004' 
AC5 Software A TSU 1005 ? 11 'BINDING SITE FOR RESIDUE TSU A 1005' 
AC6 Software A ACT 1006 ? 6  'BINDING SITE FOR RESIDUE ACT A 1006' 
AC7 Software A ACT 1007 ? 6  'BINDING SITE FOR RESIDUE ACT A 1007' 
# 
loop_
_struct_site_gen.id 
_struct_site_gen.site_id 
_struct_site_gen.pdbx_num_res 
_struct_site_gen.label_comp_id 
_struct_site_gen.label_asym_id 
_struct_site_gen.label_seq_id 
_struct_site_gen.pdbx_auth_ins_code 
_struct_site_gen.auth_comp_id 
_struct_site_gen.auth_asym_id 
_struct_site_gen.auth_seq_id 
_struct_site_gen.label_atom_id 
_struct_site_gen.label_alt_id 
_struct_site_gen.symmetry 
_struct_site_gen.details 
1  AC1 3  THR A 91  ? THR A 182 . ? 1_555 ? 
2  AC1 3  ARG A 92  ? ARG A 183 . ? 1_555 ? 
3  AC1 3  GLN A 171 ? GLN A 262 . ? 1_555 ? 
4  AC2 5  ARG A 25  ? ARG A 116 . ? 4_555 ? 
5  AC2 5  HIS A 144 ? HIS A 235 . ? 3_455 ? 
6  AC2 5  ARG A 158 ? ARG A 249 . ? 1_555 ? 
7  AC2 5  PHE A 161 ? PHE A 252 . ? 3_455 ? 
8  AC2 5  GLN A 164 ? GLN A 255 . ? 3_455 ? 
9  AC3 6  SER A 8   ? SER A 99  . ? 1_555 ? 
10 AC3 6  PRO A 9   ? PRO A 100 . ? 1_555 ? 
11 AC3 6  ALA A 10  ? ALA A 101 . ? 1_555 ? 
12 AC3 6  ALA A 57  ? ALA A 148 . ? 1_555 ? 
13 AC3 6  ILE A 113 ? ILE A 204 . ? 1_555 ? 
14 AC3 6  ILE A 179 ? ILE A 270 . ? 1_555 ? 
15 AC4 6  ALA A 10  ? ALA A 101 . ? 1_555 ? 
16 AC4 6  SER A 75  ? SER A 166 . ? 1_555 ? 
17 AC4 6  ASP A 76  ? ASP A 167 . ? 1_555 ? 
18 AC4 6  PRO A 152 ? PRO A 243 . ? 1_555 ? 
19 AC4 6  ARG A 153 ? ARG A 244 . ? 1_555 ? 
20 AC4 6  THR A 154 ? THR A 245 . ? 1_555 ? 
21 AC5 11 HOH I .   ? HOH A 22  . ? 1_555 ? 
22 AC5 11 PRO A 17  ? PRO A 108 . ? 3_455 ? 
23 AC5 11 LEU A 20  ? LEU A 111 . ? 3_455 ? 
24 AC5 11 ALA A 21  ? ALA A 112 . ? 3_455 ? 
25 AC5 11 ALA A 24  ? ALA A 115 . ? 3_455 ? 
26 AC5 11 ARG A 100 ? ARG A 191 . ? 1_555 ? 
27 AC5 11 LEU A 130 ? LEU A 221 . ? 1_555 ? 
28 AC5 11 VAL A 141 ? VAL A 232 . ? 1_555 ? 
29 AC5 11 HIS A 144 ? HIS A 235 . ? 1_555 ? 
30 AC5 11 SER A 145 ? SER A 236 . ? 1_555 ? 
31 AC5 11 LEU A 147 ? LEU A 238 . ? 1_555 ? 
32 AC6 6  HIS A 59  ? HIS A 150 . ? 1_555 ? 
33 AC6 6  ALA A 106 ? ALA A 197 . ? 1_555 ? 
34 AC6 6  PRO A 107 ? PRO A 198 . ? 1_555 ? 
35 AC6 6  ARG A 108 ? ARG A 199 . ? 1_555 ? 
36 AC6 6  ILE A 113 ? ILE A 204 . ? 1_555 ? 
37 AC6 6  PRO A 177 ? PRO A 268 . ? 1_555 ? 
38 AC7 6  HOH I .   ? HOH A 18  . ? 3_555 ? 
39 AC7 6  HIS A 59  ? HIS A 150 . ? 3_555 ? 
40 AC7 6  LYS A 60  ? LYS A 151 . ? 3_555 ? 
41 AC7 6  ARG A 120 ? ARG A 211 . ? 1_555 ? 
42 AC7 6  THR A 178 ? THR A 269 . ? 3_555 ? 
43 AC7 6  TYR A 180 ? TYR A 271 . ? 3_555 ? 
# 
_pdbx_validate_rmsd_angle.id                         1 
_pdbx_validate_rmsd_angle.PDB_model_num              1 
_pdbx_validate_rmsd_angle.auth_atom_id_1             CA 
_pdbx_validate_rmsd_angle.auth_asym_id_1             A 
_pdbx_validate_rmsd_angle.auth_comp_id_1             LEU 
_pdbx_validate_rmsd_angle.auth_seq_id_1              221 
_pdbx_validate_rmsd_angle.PDB_ins_code_1             ? 
_pdbx_validate_rmsd_angle.label_alt_id_1             ? 
_pdbx_validate_rmsd_angle.auth_atom_id_2             CB 
_pdbx_validate_rmsd_angle.auth_asym_id_2             A 
_pdbx_validate_rmsd_angle.auth_comp_id_2             LEU 
_pdbx_validate_rmsd_angle.auth_seq_id_2              221 
_pdbx_validate_rmsd_angle.PDB_ins_code_2             ? 
_pdbx_validate_rmsd_angle.label_alt_id_2             ? 
_pdbx_validate_rmsd_angle.auth_atom_id_3             CG 
_pdbx_validate_rmsd_angle.auth_asym_id_3             A 
_pdbx_validate_rmsd_angle.auth_comp_id_3             LEU 
_pdbx_validate_rmsd_angle.auth_seq_id_3              221 
_pdbx_validate_rmsd_angle.PDB_ins_code_3             ? 
_pdbx_validate_rmsd_angle.label_alt_id_3             ? 
_pdbx_validate_rmsd_angle.angle_value                129.17 
_pdbx_validate_rmsd_angle.angle_target_value         115.30 
_pdbx_validate_rmsd_angle.angle_deviation            13.87 
_pdbx_validate_rmsd_angle.angle_standard_deviation   2.30 
_pdbx_validate_rmsd_angle.linker_flag                N 
# 
loop_
_pdbx_validate_torsion.id 
_pdbx_validate_torsion.PDB_model_num 
_pdbx_validate_torsion.auth_comp_id 
_pdbx_validate_torsion.auth_asym_id 
_pdbx_validate_torsion.auth_seq_id 
_pdbx_validate_torsion.PDB_ins_code 
_pdbx_validate_torsion.label_alt_id 
_pdbx_validate_torsion.phi 
_pdbx_validate_torsion.psi 
1 1 ALA A 105 ? ? -122.21 -67.40 
2 1 LYS A 151 ? ? -16.32  -53.06 
3 1 ASP A 155 ? ? -49.20  155.36 
4 1 HIS A 176 ? ? -39.78  133.31 
# 
loop_
_chem_comp_atom.comp_id 
_chem_comp_atom.atom_id 
_chem_comp_atom.type_symbol 
_chem_comp_atom.pdbx_aromatic_flag 
_chem_comp_atom.pdbx_stereo_config 
_chem_comp_atom.pdbx_ordinal 
ACT C    C N N 1   
ACT O    O N N 2   
ACT OXT  O N N 3   
ACT CH3  C N N 4   
ACT H1   H N N 5   
ACT H2   H N N 6   
ACT H3   H N N 7   
ALA N    N N N 8   
ALA CA   C N S 9   
ALA C    C N N 10  
ALA O    O N N 11  
ALA CB   C N N 12  
ALA OXT  O N N 13  
ALA H    H N N 14  
ALA H2   H N N 15  
ALA HA   H N N 16  
ALA HB1  H N N 17  
ALA HB2  H N N 18  
ALA HB3  H N N 19  
ALA HXT  H N N 20  
ARG N    N N N 21  
ARG CA   C N S 22  
ARG C    C N N 23  
ARG O    O N N 24  
ARG CB   C N N 25  
ARG CG   C N N 26  
ARG CD   C N N 27  
ARG NE   N N N 28  
ARG CZ   C N N 29  
ARG NH1  N N N 30  
ARG NH2  N N N 31  
ARG OXT  O N N 32  
ARG H    H N N 33  
ARG H2   H N N 34  
ARG HA   H N N 35  
ARG HB2  H N N 36  
ARG HB3  H N N 37  
ARG HG2  H N N 38  
ARG HG3  H N N 39  
ARG HD2  H N N 40  
ARG HD3  H N N 41  
ARG HE   H N N 42  
ARG HH11 H N N 43  
ARG HH12 H N N 44  
ARG HH21 H N N 45  
ARG HH22 H N N 46  
ARG HXT  H N N 47  
ASN N    N N N 48  
ASN CA   C N S 49  
ASN C    C N N 50  
ASN O    O N N 51  
ASN CB   C N N 52  
ASN CG   C N N 53  
ASN OD1  O N N 54  
ASN ND2  N N N 55  
ASN OXT  O N N 56  
ASN H    H N N 57  
ASN H2   H N N 58  
ASN HA   H N N 59  
ASN HB2  H N N 60  
ASN HB3  H N N 61  
ASN HD21 H N N 62  
ASN HD22 H N N 63  
ASN HXT  H N N 64  
ASP N    N N N 65  
ASP CA   C N S 66  
ASP C    C N N 67  
ASP O    O N N 68  
ASP CB   C N N 69  
ASP CG   C N N 70  
ASP OD1  O N N 71  
ASP OD2  O N N 72  
ASP OXT  O N N 73  
ASP H    H N N 74  
ASP H2   H N N 75  
ASP HA   H N N 76  
ASP HB2  H N N 77  
ASP HB3  H N N 78  
ASP HD2  H N N 79  
ASP HXT  H N N 80  
CYS N    N N N 81  
CYS CA   C N R 82  
CYS C    C N N 83  
CYS O    O N N 84  
CYS CB   C N N 85  
CYS SG   S N N 86  
CYS OXT  O N N 87  
CYS H    H N N 88  
CYS H2   H N N 89  
CYS HA   H N N 90  
CYS HB2  H N N 91  
CYS HB3  H N N 92  
CYS HG   H N N 93  
CYS HXT  H N N 94  
GLN N    N N N 95  
GLN CA   C N S 96  
GLN C    C N N 97  
GLN O    O N N 98  
GLN CB   C N N 99  
GLN CG   C N N 100 
GLN CD   C N N 101 
GLN OE1  O N N 102 
GLN NE2  N N N 103 
GLN OXT  O N N 104 
GLN H    H N N 105 
GLN H2   H N N 106 
GLN HA   H N N 107 
GLN HB2  H N N 108 
GLN HB3  H N N 109 
GLN HG2  H N N 110 
GLN HG3  H N N 111 
GLN HE21 H N N 112 
GLN HE22 H N N 113 
GLN HXT  H N N 114 
GLU N    N N N 115 
GLU CA   C N S 116 
GLU C    C N N 117 
GLU O    O N N 118 
GLU CB   C N N 119 
GLU CG   C N N 120 
GLU CD   C N N 121 
GLU OE1  O N N 122 
GLU OE2  O N N 123 
GLU OXT  O N N 124 
GLU H    H N N 125 
GLU H2   H N N 126 
GLU HA   H N N 127 
GLU HB2  H N N 128 
GLU HB3  H N N 129 
GLU HG2  H N N 130 
GLU HG3  H N N 131 
GLU HE2  H N N 132 
GLU HXT  H N N 133 
GLY N    N N N 134 
GLY CA   C N N 135 
GLY C    C N N 136 
GLY O    O N N 137 
GLY OXT  O N N 138 
GLY H    H N N 139 
GLY H2   H N N 140 
GLY HA2  H N N 141 
GLY HA3  H N N 142 
GLY HXT  H N N 143 
HIS N    N N N 144 
HIS CA   C N S 145 
HIS C    C N N 146 
HIS O    O N N 147 
HIS CB   C N N 148 
HIS CG   C Y N 149 
HIS ND1  N Y N 150 
HIS CD2  C Y N 151 
HIS CE1  C Y N 152 
HIS NE2  N Y N 153 
HIS OXT  O N N 154 
HIS H    H N N 155 
HIS H2   H N N 156 
HIS HA   H N N 157 
HIS HB2  H N N 158 
HIS HB3  H N N 159 
HIS HD1  H N N 160 
HIS HD2  H N N 161 
HIS HE1  H N N 162 
HIS HE2  H N N 163 
HIS HXT  H N N 164 
HOH O    O N N 165 
HOH H1   H N N 166 
HOH H2   H N N 167 
ILE N    N N N 168 
ILE CA   C N S 169 
ILE C    C N N 170 
ILE O    O N N 171 
ILE CB   C N S 172 
ILE CG1  C N N 173 
ILE CG2  C N N 174 
ILE CD1  C N N 175 
ILE OXT  O N N 176 
ILE H    H N N 177 
ILE H2   H N N 178 
ILE HA   H N N 179 
ILE HB   H N N 180 
ILE HG12 H N N 181 
ILE HG13 H N N 182 
ILE HG21 H N N 183 
ILE HG22 H N N 184 
ILE HG23 H N N 185 
ILE HD11 H N N 186 
ILE HD12 H N N 187 
ILE HD13 H N N 188 
ILE HXT  H N N 189 
LEU N    N N N 190 
LEU CA   C N S 191 
LEU C    C N N 192 
LEU O    O N N 193 
LEU CB   C N N 194 
LEU CG   C N N 195 
LEU CD1  C N N 196 
LEU CD2  C N N 197 
LEU OXT  O N N 198 
LEU H    H N N 199 
LEU H2   H N N 200 
LEU HA   H N N 201 
LEU HB2  H N N 202 
LEU HB3  H N N 203 
LEU HG   H N N 204 
LEU HD11 H N N 205 
LEU HD12 H N N 206 
LEU HD13 H N N 207 
LEU HD21 H N N 208 
LEU HD22 H N N 209 
LEU HD23 H N N 210 
LEU HXT  H N N 211 
LYS N    N N N 212 
LYS CA   C N S 213 
LYS C    C N N 214 
LYS O    O N N 215 
LYS CB   C N N 216 
LYS CG   C N N 217 
LYS CD   C N N 218 
LYS CE   C N N 219 
LYS NZ   N N N 220 
LYS OXT  O N N 221 
LYS H    H N N 222 
LYS H2   H N N 223 
LYS HA   H N N 224 
LYS HB2  H N N 225 
LYS HB3  H N N 226 
LYS HG2  H N N 227 
LYS HG3  H N N 228 
LYS HD2  H N N 229 
LYS HD3  H N N 230 
LYS HE2  H N N 231 
LYS HE3  H N N 232 
LYS HZ1  H N N 233 
LYS HZ2  H N N 234 
LYS HZ3  H N N 235 
LYS HXT  H N N 236 
MET N    N N N 237 
MET CA   C N S 238 
MET C    C N N 239 
MET O    O N N 240 
MET CB   C N N 241 
MET CG   C N N 242 
MET SD   S N N 243 
MET CE   C N N 244 
MET OXT  O N N 245 
MET H    H N N 246 
MET H2   H N N 247 
MET HA   H N N 248 
MET HB2  H N N 249 
MET HB3  H N N 250 
MET HG2  H N N 251 
MET HG3  H N N 252 
MET HE1  H N N 253 
MET HE2  H N N 254 
MET HE3  H N N 255 
MET HXT  H N N 256 
PHE N    N N N 257 
PHE CA   C N S 258 
PHE C    C N N 259 
PHE O    O N N 260 
PHE CB   C N N 261 
PHE CG   C Y N 262 
PHE CD1  C Y N 263 
PHE CD2  C Y N 264 
PHE CE1  C Y N 265 
PHE CE2  C Y N 266 
PHE CZ   C Y N 267 
PHE OXT  O N N 268 
PHE H    H N N 269 
PHE H2   H N N 270 
PHE HA   H N N 271 
PHE HB2  H N N 272 
PHE HB3  H N N 273 
PHE HD1  H N N 274 
PHE HD2  H N N 275 
PHE HE1  H N N 276 
PHE HE2  H N N 277 
PHE HZ   H N N 278 
PHE HXT  H N N 279 
PRO N    N N N 280 
PRO CA   C N S 281 
PRO C    C N N 282 
PRO O    O N N 283 
PRO CB   C N N 284 
PRO CG   C N N 285 
PRO CD   C N N 286 
PRO OXT  O N N 287 
PRO H    H N N 288 
PRO HA   H N N 289 
PRO HB2  H N N 290 
PRO HB3  H N N 291 
PRO HG2  H N N 292 
PRO HG3  H N N 293 
PRO HD2  H N N 294 
PRO HD3  H N N 295 
PRO HXT  H N N 296 
SER N    N N N 297 
SER CA   C N S 298 
SER C    C N N 299 
SER O    O N N 300 
SER CB   C N N 301 
SER OG   O N N 302 
SER OXT  O N N 303 
SER H    H N N 304 
SER H2   H N N 305 
SER HA   H N N 306 
SER HB2  H N N 307 
SER HB3  H N N 308 
SER HG   H N N 309 
SER HXT  H N N 310 
SO4 S    S N N 311 
SO4 O1   O N N 312 
SO4 O2   O N N 313 
SO4 O3   O N N 314 
SO4 O4   O N N 315 
THR N    N N N 316 
THR CA   C N S 317 
THR C    C N N 318 
THR O    O N N 319 
THR CB   C N R 320 
THR OG1  O N N 321 
THR CG2  C N N 322 
THR OXT  O N N 323 
THR H    H N N 324 
THR H2   H N N 325 
THR HA   H N N 326 
THR HB   H N N 327 
THR HG1  H N N 328 
THR HG21 H N N 329 
THR HG22 H N N 330 
THR HG23 H N N 331 
THR HXT  H N N 332 
TRP N    N N N 333 
TRP CA   C N S 334 
TRP C    C N N 335 
TRP O    O N N 336 
TRP CB   C N N 337 
TRP CG   C Y N 338 
TRP CD1  C Y N 339 
TRP CD2  C Y N 340 
TRP NE1  N Y N 341 
TRP CE2  C Y N 342 
TRP CE3  C Y N 343 
TRP CZ2  C Y N 344 
TRP CZ3  C Y N 345 
TRP CH2  C Y N 346 
TRP OXT  O N N 347 
TRP H    H N N 348 
TRP H2   H N N 349 
TRP HA   H N N 350 
TRP HB2  H N N 351 
TRP HB3  H N N 352 
TRP HD1  H N N 353 
TRP HE1  H N N 354 
TRP HE3  H N N 355 
TRP HZ2  H N N 356 
TRP HZ3  H N N 357 
TRP HH2  H N N 358 
TRP HXT  H N N 359 
TSU S    S N N 360 
TSU O1   O N N 361 
TSU O2   O N N 362 
TSU O3   O N N 363 
TSU C1   C Y N 364 
TSU C2   C Y N 365 
TSU C3   C Y N 366 
TSU C4   C Y N 367 
TSU C5   C Y N 368 
TSU C6   C Y N 369 
TSU C7   C N N 370 
TSU HO3  H N N 371 
TSU H2   H N N 372 
TSU H3   H N N 373 
TSU H5   H N N 374 
TSU H6   H N N 375 
TSU H71  H N N 376 
TSU H72  H N N 377 
TSU H73  H N N 378 
TYR N    N N N 379 
TYR CA   C N S 380 
TYR C    C N N 381 
TYR O    O N N 382 
TYR CB   C N N 383 
TYR CG   C Y N 384 
TYR CD1  C Y N 385 
TYR CD2  C Y N 386 
TYR CE1  C Y N 387 
TYR CE2  C Y N 388 
TYR CZ   C Y N 389 
TYR OH   O N N 390 
TYR OXT  O N N 391 
TYR H    H N N 392 
TYR H2   H N N 393 
TYR HA   H N N 394 
TYR HB2  H N N 395 
TYR HB3  H N N 396 
TYR HD1  H N N 397 
TYR HD2  H N N 398 
TYR HE1  H N N 399 
TYR HE2  H N N 400 
TYR HH   H N N 401 
TYR HXT  H N N 402 
VAL N    N N N 403 
VAL CA   C N S 404 
VAL C    C N N 405 
VAL O    O N N 406 
VAL CB   C N N 407 
VAL CG1  C N N 408 
VAL CG2  C N N 409 
VAL OXT  O N N 410 
VAL H    H N N 411 
VAL H2   H N N 412 
VAL HA   H N N 413 
VAL HB   H N N 414 
VAL HG11 H N N 415 
VAL HG12 H N N 416 
VAL HG13 H N N 417 
VAL HG21 H N N 418 
VAL HG22 H N N 419 
VAL HG23 H N N 420 
VAL HXT  H N N 421 
# 
loop_
_chem_comp_bond.comp_id 
_chem_comp_bond.atom_id_1 
_chem_comp_bond.atom_id_2 
_chem_comp_bond.value_order 
_chem_comp_bond.pdbx_aromatic_flag 
_chem_comp_bond.pdbx_stereo_config 
_chem_comp_bond.pdbx_ordinal 
ACT C   O    doub N N 1   
ACT C   OXT  sing N N 2   
ACT C   CH3  sing N N 3   
ACT CH3 H1   sing N N 4   
ACT CH3 H2   sing N N 5   
ACT CH3 H3   sing N N 6   
ALA N   CA   sing N N 7   
ALA N   H    sing N N 8   
ALA N   H2   sing N N 9   
ALA CA  C    sing N N 10  
ALA CA  CB   sing N N 11  
ALA CA  HA   sing N N 12  
ALA C   O    doub N N 13  
ALA C   OXT  sing N N 14  
ALA CB  HB1  sing N N 15  
ALA CB  HB2  sing N N 16  
ALA CB  HB3  sing N N 17  
ALA OXT HXT  sing N N 18  
ARG N   CA   sing N N 19  
ARG N   H    sing N N 20  
ARG N   H2   sing N N 21  
ARG CA  C    sing N N 22  
ARG CA  CB   sing N N 23  
ARG CA  HA   sing N N 24  
ARG C   O    doub N N 25  
ARG C   OXT  sing N N 26  
ARG CB  CG   sing N N 27  
ARG CB  HB2  sing N N 28  
ARG CB  HB3  sing N N 29  
ARG CG  CD   sing N N 30  
ARG CG  HG2  sing N N 31  
ARG CG  HG3  sing N N 32  
ARG CD  NE   sing N N 33  
ARG CD  HD2  sing N N 34  
ARG CD  HD3  sing N N 35  
ARG NE  CZ   sing N N 36  
ARG NE  HE   sing N N 37  
ARG CZ  NH1  sing N N 38  
ARG CZ  NH2  doub N N 39  
ARG NH1 HH11 sing N N 40  
ARG NH1 HH12 sing N N 41  
ARG NH2 HH21 sing N N 42  
ARG NH2 HH22 sing N N 43  
ARG OXT HXT  sing N N 44  
ASN N   CA   sing N N 45  
ASN N   H    sing N N 46  
ASN N   H2   sing N N 47  
ASN CA  C    sing N N 48  
ASN CA  CB   sing N N 49  
ASN CA  HA   sing N N 50  
ASN C   O    doub N N 51  
ASN C   OXT  sing N N 52  
ASN CB  CG   sing N N 53  
ASN CB  HB2  sing N N 54  
ASN CB  HB3  sing N N 55  
ASN CG  OD1  doub N N 56  
ASN CG  ND2  sing N N 57  
ASN ND2 HD21 sing N N 58  
ASN ND2 HD22 sing N N 59  
ASN OXT HXT  sing N N 60  
ASP N   CA   sing N N 61  
ASP N   H    sing N N 62  
ASP N   H2   sing N N 63  
ASP CA  C    sing N N 64  
ASP CA  CB   sing N N 65  
ASP CA  HA   sing N N 66  
ASP C   O    doub N N 67  
ASP C   OXT  sing N N 68  
ASP CB  CG   sing N N 69  
ASP CB  HB2  sing N N 70  
ASP CB  HB3  sing N N 71  
ASP CG  OD1  doub N N 72  
ASP CG  OD2  sing N N 73  
ASP OD2 HD2  sing N N 74  
ASP OXT HXT  sing N N 75  
CYS N   CA   sing N N 76  
CYS N   H    sing N N 77  
CYS N   H2   sing N N 78  
CYS CA  C    sing N N 79  
CYS CA  CB   sing N N 80  
CYS CA  HA   sing N N 81  
CYS C   O    doub N N 82  
CYS C   OXT  sing N N 83  
CYS CB  SG   sing N N 84  
CYS CB  HB2  sing N N 85  
CYS CB  HB3  sing N N 86  
CYS SG  HG   sing N N 87  
CYS OXT HXT  sing N N 88  
GLN N   CA   sing N N 89  
GLN N   H    sing N N 90  
GLN N   H2   sing N N 91  
GLN CA  C    sing N N 92  
GLN CA  CB   sing N N 93  
GLN CA  HA   sing N N 94  
GLN C   O    doub N N 95  
GLN C   OXT  sing N N 96  
GLN CB  CG   sing N N 97  
GLN CB  HB2  sing N N 98  
GLN CB  HB3  sing N N 99  
GLN CG  CD   sing N N 100 
GLN CG  HG2  sing N N 101 
GLN CG  HG3  sing N N 102 
GLN CD  OE1  doub N N 103 
GLN CD  NE2  sing N N 104 
GLN NE2 HE21 sing N N 105 
GLN NE2 HE22 sing N N 106 
GLN OXT HXT  sing N N 107 
GLU N   CA   sing N N 108 
GLU N   H    sing N N 109 
GLU N   H2   sing N N 110 
GLU CA  C    sing N N 111 
GLU CA  CB   sing N N 112 
GLU CA  HA   sing N N 113 
GLU C   O    doub N N 114 
GLU C   OXT  sing N N 115 
GLU CB  CG   sing N N 116 
GLU CB  HB2  sing N N 117 
GLU CB  HB3  sing N N 118 
GLU CG  CD   sing N N 119 
GLU CG  HG2  sing N N 120 
GLU CG  HG3  sing N N 121 
GLU CD  OE1  doub N N 122 
GLU CD  OE2  sing N N 123 
GLU OE2 HE2  sing N N 124 
GLU OXT HXT  sing N N 125 
GLY N   CA   sing N N 126 
GLY N   H    sing N N 127 
GLY N   H2   sing N N 128 
GLY CA  C    sing N N 129 
GLY CA  HA2  sing N N 130 
GLY CA  HA3  sing N N 131 
GLY C   O    doub N N 132 
GLY C   OXT  sing N N 133 
GLY OXT HXT  sing N N 134 
HIS N   CA   sing N N 135 
HIS N   H    sing N N 136 
HIS N   H2   sing N N 137 
HIS CA  C    sing N N 138 
HIS CA  CB   sing N N 139 
HIS CA  HA   sing N N 140 
HIS C   O    doub N N 141 
HIS C   OXT  sing N N 142 
HIS CB  CG   sing N N 143 
HIS CB  HB2  sing N N 144 
HIS CB  HB3  sing N N 145 
HIS CG  ND1  sing Y N 146 
HIS CG  CD2  doub Y N 147 
HIS ND1 CE1  doub Y N 148 
HIS ND1 HD1  sing N N 149 
HIS CD2 NE2  sing Y N 150 
HIS CD2 HD2  sing N N 151 
HIS CE1 NE2  sing Y N 152 
HIS CE1 HE1  sing N N 153 
HIS NE2 HE2  sing N N 154 
HIS OXT HXT  sing N N 155 
HOH O   H1   sing N N 156 
HOH O   H2   sing N N 157 
ILE N   CA   sing N N 158 
ILE N   H    sing N N 159 
ILE N   H2   sing N N 160 
ILE CA  C    sing N N 161 
ILE CA  CB   sing N N 162 
ILE CA  HA   sing N N 163 
ILE C   O    doub N N 164 
ILE C   OXT  sing N N 165 
ILE CB  CG1  sing N N 166 
ILE CB  CG2  sing N N 167 
ILE CB  HB   sing N N 168 
ILE CG1 CD1  sing N N 169 
ILE CG1 HG12 sing N N 170 
ILE CG1 HG13 sing N N 171 
ILE CG2 HG21 sing N N 172 
ILE CG2 HG22 sing N N 173 
ILE CG2 HG23 sing N N 174 
ILE CD1 HD11 sing N N 175 
ILE CD1 HD12 sing N N 176 
ILE CD1 HD13 sing N N 177 
ILE OXT HXT  sing N N 178 
LEU N   CA   sing N N 179 
LEU N   H    sing N N 180 
LEU N   H2   sing N N 181 
LEU CA  C    sing N N 182 
LEU CA  CB   sing N N 183 
LEU CA  HA   sing N N 184 
LEU C   O    doub N N 185 
LEU C   OXT  sing N N 186 
LEU CB  CG   sing N N 187 
LEU CB  HB2  sing N N 188 
LEU CB  HB3  sing N N 189 
LEU CG  CD1  sing N N 190 
LEU CG  CD2  sing N N 191 
LEU CG  HG   sing N N 192 
LEU CD1 HD11 sing N N 193 
LEU CD1 HD12 sing N N 194 
LEU CD1 HD13 sing N N 195 
LEU CD2 HD21 sing N N 196 
LEU CD2 HD22 sing N N 197 
LEU CD2 HD23 sing N N 198 
LEU OXT HXT  sing N N 199 
LYS N   CA   sing N N 200 
LYS N   H    sing N N 201 
LYS N   H2   sing N N 202 
LYS CA  C    sing N N 203 
LYS CA  CB   sing N N 204 
LYS CA  HA   sing N N 205 
LYS C   O    doub N N 206 
LYS C   OXT  sing N N 207 
LYS CB  CG   sing N N 208 
LYS CB  HB2  sing N N 209 
LYS CB  HB3  sing N N 210 
LYS CG  CD   sing N N 211 
LYS CG  HG2  sing N N 212 
LYS CG  HG3  sing N N 213 
LYS CD  CE   sing N N 214 
LYS CD  HD2  sing N N 215 
LYS CD  HD3  sing N N 216 
LYS CE  NZ   sing N N 217 
LYS CE  HE2  sing N N 218 
LYS CE  HE3  sing N N 219 
LYS NZ  HZ1  sing N N 220 
LYS NZ  HZ2  sing N N 221 
LYS NZ  HZ3  sing N N 222 
LYS OXT HXT  sing N N 223 
MET N   CA   sing N N 224 
MET N   H    sing N N 225 
MET N   H2   sing N N 226 
MET CA  C    sing N N 227 
MET CA  CB   sing N N 228 
MET CA  HA   sing N N 229 
MET C   O    doub N N 230 
MET C   OXT  sing N N 231 
MET CB  CG   sing N N 232 
MET CB  HB2  sing N N 233 
MET CB  HB3  sing N N 234 
MET CG  SD   sing N N 235 
MET CG  HG2  sing N N 236 
MET CG  HG3  sing N N 237 
MET SD  CE   sing N N 238 
MET CE  HE1  sing N N 239 
MET CE  HE2  sing N N 240 
MET CE  HE3  sing N N 241 
MET OXT HXT  sing N N 242 
PHE N   CA   sing N N 243 
PHE N   H    sing N N 244 
PHE N   H2   sing N N 245 
PHE CA  C    sing N N 246 
PHE CA  CB   sing N N 247 
PHE CA  HA   sing N N 248 
PHE C   O    doub N N 249 
PHE C   OXT  sing N N 250 
PHE CB  CG   sing N N 251 
PHE CB  HB2  sing N N 252 
PHE CB  HB3  sing N N 253 
PHE CG  CD1  doub Y N 254 
PHE CG  CD2  sing Y N 255 
PHE CD1 CE1  sing Y N 256 
PHE CD1 HD1  sing N N 257 
PHE CD2 CE2  doub Y N 258 
PHE CD2 HD2  sing N N 259 
PHE CE1 CZ   doub Y N 260 
PHE CE1 HE1  sing N N 261 
PHE CE2 CZ   sing Y N 262 
PHE CE2 HE2  sing N N 263 
PHE CZ  HZ   sing N N 264 
PHE OXT HXT  sing N N 265 
PRO N   CA   sing N N 266 
PRO N   CD   sing N N 267 
PRO N   H    sing N N 268 
PRO CA  C    sing N N 269 
PRO CA  CB   sing N N 270 
PRO CA  HA   sing N N 271 
PRO C   O    doub N N 272 
PRO C   OXT  sing N N 273 
PRO CB  CG   sing N N 274 
PRO CB  HB2  sing N N 275 
PRO CB  HB3  sing N N 276 
PRO CG  CD   sing N N 277 
PRO CG  HG2  sing N N 278 
PRO CG  HG3  sing N N 279 
PRO CD  HD2  sing N N 280 
PRO CD  HD3  sing N N 281 
PRO OXT HXT  sing N N 282 
SER N   CA   sing N N 283 
SER N   H    sing N N 284 
SER N   H2   sing N N 285 
SER CA  C    sing N N 286 
SER CA  CB   sing N N 287 
SER CA  HA   sing N N 288 
SER C   O    doub N N 289 
SER C   OXT  sing N N 290 
SER CB  OG   sing N N 291 
SER CB  HB2  sing N N 292 
SER CB  HB3  sing N N 293 
SER OG  HG   sing N N 294 
SER OXT HXT  sing N N 295 
SO4 S   O1   doub N N 296 
SO4 S   O2   doub N N 297 
SO4 S   O3   sing N N 298 
SO4 S   O4   sing N N 299 
THR N   CA   sing N N 300 
THR N   H    sing N N 301 
THR N   H2   sing N N 302 
THR CA  C    sing N N 303 
THR CA  CB   sing N N 304 
THR CA  HA   sing N N 305 
THR C   O    doub N N 306 
THR C   OXT  sing N N 307 
THR CB  OG1  sing N N 308 
THR CB  CG2  sing N N 309 
THR CB  HB   sing N N 310 
THR OG1 HG1  sing N N 311 
THR CG2 HG21 sing N N 312 
THR CG2 HG22 sing N N 313 
THR CG2 HG23 sing N N 314 
THR OXT HXT  sing N N 315 
TRP N   CA   sing N N 316 
TRP N   H    sing N N 317 
TRP N   H2   sing N N 318 
TRP CA  C    sing N N 319 
TRP CA  CB   sing N N 320 
TRP CA  HA   sing N N 321 
TRP C   O    doub N N 322 
TRP C   OXT  sing N N 323 
TRP CB  CG   sing N N 324 
TRP CB  HB2  sing N N 325 
TRP CB  HB3  sing N N 326 
TRP CG  CD1  doub Y N 327 
TRP CG  CD2  sing Y N 328 
TRP CD1 NE1  sing Y N 329 
TRP CD1 HD1  sing N N 330 
TRP CD2 CE2  doub Y N 331 
TRP CD2 CE3  sing Y N 332 
TRP NE1 CE2  sing Y N 333 
TRP NE1 HE1  sing N N 334 
TRP CE2 CZ2  sing Y N 335 
TRP CE3 CZ3  doub Y N 336 
TRP CE3 HE3  sing N N 337 
TRP CZ2 CH2  doub Y N 338 
TRP CZ2 HZ2  sing N N 339 
TRP CZ3 CH2  sing Y N 340 
TRP CZ3 HZ3  sing N N 341 
TRP CH2 HH2  sing N N 342 
TRP OXT HXT  sing N N 343 
TSU S   O1   doub N N 344 
TSU S   O2   doub N N 345 
TSU S   O3   sing N N 346 
TSU S   C1   sing N N 347 
TSU O3  HO3  sing N N 348 
TSU C1  C2   doub Y N 349 
TSU C1  C6   sing Y N 350 
TSU C2  C3   sing Y N 351 
TSU C2  H2   sing N N 352 
TSU C3  C4   doub Y N 353 
TSU C3  H3   sing N N 354 
TSU C4  C5   sing Y N 355 
TSU C4  C7   sing N N 356 
TSU C5  C6   doub Y N 357 
TSU C5  H5   sing N N 358 
TSU C6  H6   sing N N 359 
TSU C7  H71  sing N N 360 
TSU C7  H72  sing N N 361 
TSU C7  H73  sing N N 362 
TYR N   CA   sing N N 363 
TYR N   H    sing N N 364 
TYR N   H2   sing N N 365 
TYR CA  C    sing N N 366 
TYR CA  CB   sing N N 367 
TYR CA  HA   sing N N 368 
TYR C   O    doub N N 369 
TYR C   OXT  sing N N 370 
TYR CB  CG   sing N N 371 
TYR CB  HB2  sing N N 372 
TYR CB  HB3  sing N N 373 
TYR CG  CD1  doub Y N 374 
TYR CG  CD2  sing Y N 375 
TYR CD1 CE1  sing Y N 376 
TYR CD1 HD1  sing N N 377 
TYR CD2 CE2  doub Y N 378 
TYR CD2 HD2  sing N N 379 
TYR CE1 CZ   doub Y N 380 
TYR CE1 HE1  sing N N 381 
TYR CE2 CZ   sing Y N 382 
TYR CE2 HE2  sing N N 383 
TYR CZ  OH   sing N N 384 
TYR OH  HH   sing N N 385 
TYR OXT HXT  sing N N 386 
VAL N   CA   sing N N 387 
VAL N   H    sing N N 388 
VAL N   H2   sing N N 389 
VAL CA  C    sing N N 390 
VAL CA  CB   sing N N 391 
VAL CA  HA   sing N N 392 
VAL C   O    doub N N 393 
VAL C   OXT  sing N N 394 
VAL CB  CG1  sing N N 395 
VAL CB  CG2  sing N N 396 
VAL CB  HB   sing N N 397 
VAL CG1 HG11 sing N N 398 
VAL CG1 HG12 sing N N 399 
VAL CG1 HG13 sing N N 400 
VAL CG2 HG21 sing N N 401 
VAL CG2 HG22 sing N N 402 
VAL CG2 HG23 sing N N 403 
VAL OXT HXT  sing N N 404 
# 
_atom_sites.entry_id                    3N6U 
_atom_sites.fract_transf_matrix[1][1]   -0.01094452 
_atom_sites.fract_transf_matrix[1][2]   -0.01345738 
_atom_sites.fract_transf_matrix[1][3]   -0.00872561 
_atom_sites.fract_transf_matrix[2][1]   -0.00477572 
_atom_sites.fract_transf_matrix[2][2]   -0.00200007 
_atom_sites.fract_transf_matrix[2][3]   0.00907485 
_atom_sites.fract_transf_matrix[3][1]   -0.00829533 
_atom_sites.fract_transf_matrix[3][2]   0.00837944 
_atom_sites.fract_transf_matrix[3][3]   -0.00251868 
_atom_sites.fract_transf_vector[1]      -0.285755 
_atom_sites.fract_transf_vector[2]      -0.132616 
_atom_sites.fract_transf_vector[3]      0.227220 
# 
loop_
_atom_type.symbol 
C 
N 
O 
S 
# 
loop_
_atom_site.group_PDB 
_atom_site.id 
_atom_site.type_symbol 
_atom_site.label_atom_id 
_atom_site.label_alt_id 
_atom_site.label_comp_id 
_atom_site.label_asym_id 
_atom_site.label_entity_id 
_atom_site.label_seq_id 
_atom_site.pdbx_PDB_ins_code 
_atom_site.Cartn_x 
_atom_site.Cartn_y 
_atom_site.Cartn_z 
_atom_site.occupancy 
_atom_site.B_iso_or_equiv 
_atom_site.pdbx_formal_charge 
_atom_site.auth_seq_id 
_atom_site.auth_comp_id 
_atom_site.auth_asym_id 
_atom_site.auth_atom_id 
_atom_site.pdbx_PDB_model_num 
ATOM   1    N N   . GLY A 1 1   ? 28.382  -4.695  1.830   1.00 33.43 ? 92   GLY A N   1 
ATOM   2    C CA  . GLY A 1 1   ? 27.341  -5.361  2.737   1.00 33.67 ? 92   GLY A CA  1 
ATOM   3    C C   . GLY A 1 1   ? 26.202  -4.400  3.160   1.00 33.64 ? 92   GLY A C   1 
ATOM   4    O O   . GLY A 1 1   ? 25.822  -4.286  4.365   1.00 34.08 ? 92   GLY A O   1 
ATOM   5    N N   . HIS A 1 2   ? 25.663  -3.707  2.154   1.00 31.33 ? 93   HIS A N   1 
ATOM   6    C CA  . HIS A 1 2   ? 24.654  -2.686  2.344   1.00 29.52 ? 93   HIS A CA  1 
ATOM   7    C C   . HIS A 1 2   ? 23.430  -3.188  1.598   1.00 27.45 ? 93   HIS A C   1 
ATOM   8    O O   . HIS A 1 2   ? 23.534  -3.931  0.588   1.00 26.72 ? 93   HIS A O   1 
ATOM   9    C CB  . HIS A 1 2   ? 25.161  -1.352  1.810   1.00 29.71 ? 93   HIS A CB  1 
ATOM   10   C CG  . HIS A 1 2   ? 26.308  -0.770  2.602   0.50 29.68 ? 93   HIS A CG  1 
ATOM   11   N ND1 . HIS A 1 2   ? 26.808  0.498   2.369   0.50 29.54 ? 93   HIS A ND1 1 
ATOM   12   C CD2 . HIS A 1 2   ? 27.050  -1.280  3.621   0.50 28.42 ? 93   HIS A CD2 1 
ATOM   13   C CE1 . HIS A 1 2   ? 27.812  0.734   3.203   0.50 28.01 ? 93   HIS A CE1 1 
ATOM   14   N NE2 . HIS A 1 2   ? 27.975  -0.329  3.974   0.50 27.08 ? 93   HIS A NE2 1 
ATOM   15   N N   . ILE A 1 3   ? 22.275  -2.901  2.150   1.00 23.84 ? 94   ILE A N   1 
ATOM   16   C CA  . ILE A 1 3   ? 21.062  -3.157  1.410   1.00 22.33 ? 94   ILE A CA  1 
ATOM   17   C C   . ILE A 1 3   ? 20.338  -1.840  1.374   1.00 21.27 ? 94   ILE A C   1 
ATOM   18   O O   . ILE A 1 3   ? 20.157  -1.207  2.413   1.00 20.73 ? 94   ILE A O   1 
ATOM   19   C CB  . ILE A 1 3   ? 20.189  -4.227  2.072   1.00 22.08 ? 94   ILE A CB  1 
ATOM   20   C CG1 . ILE A 1 3   ? 20.845  -5.567  2.010   1.00 24.79 ? 94   ILE A CG1 1 
ATOM   21   C CG2 . ILE A 1 3   ? 18.808  -4.350  1.338   1.00 22.30 ? 94   ILE A CG2 1 
ATOM   22   C CD1 . ILE A 1 3   ? 20.220  -6.522  2.990   1.00 28.56 ? 94   ILE A CD1 1 
ATOM   23   N N   . THR A 1 4   ? 19.953  -1.403  0.176   1.00 20.13 ? 95   THR A N   1 
ATOM   24   C CA  . THR A 1 4   ? 19.170  -0.189  0.075   1.00 18.10 ? 95   THR A CA  1 
ATOM   25   C C   . THR A 1 4   ? 17.877  -0.604  -0.589  1.00 18.60 ? 95   THR A C   1 
ATOM   26   O O   . THR A 1 4   ? 17.915  -1.188  -1.663  1.00 16.63 ? 95   THR A O   1 
ATOM   27   C CB  . THR A 1 4   ? 19.849  0.829   -0.765  1.00 19.46 ? 95   THR A CB  1 
ATOM   28   O OG1 . THR A 1 4   ? 21.126  1.110   -0.191  1.00 24.08 ? 95   THR A OG1 1 
ATOM   29   C CG2 . THR A 1 4   ? 19.069  2.123   -0.760  1.00 20.76 ? 95   THR A CG2 1 
ATOM   30   N N   . PHE A 1 5   ? 16.757  -0.320  0.062   1.00 16.75 ? 96   PHE A N   1 
ATOM   31   C CA  . PHE A 1 5   ? 15.476  -0.711  -0.523  1.00 16.22 ? 96   PHE A CA  1 
ATOM   32   C C   . PHE A 1 5   ? 14.357  0.249   -0.154  1.00 16.06 ? 96   PHE A C   1 
ATOM   33   O O   . PHE A 1 5   ? 14.523  1.106   0.765   1.00 14.35 ? 96   PHE A O   1 
ATOM   34   C CB  . PHE A 1 5   ? 15.120  -2.139  -0.119  1.00 15.22 ? 96   PHE A CB  1 
ATOM   35   C CG  . PHE A 1 5   ? 14.659  -2.284  1.296   1.00 17.42 ? 96   PHE A CG  1 
ATOM   36   C CD1 . PHE A 1 5   ? 13.325  -2.520  1.589   1.00 19.33 ? 96   PHE A CD1 1 
ATOM   37   C CD2 . PHE A 1 5   ? 15.586  -2.230  2.357   1.00 18.83 ? 96   PHE A CD2 1 
ATOM   38   C CE1 . PHE A 1 5   ? 12.934  -2.696  2.890   1.00 13.18 ? 96   PHE A CE1 1 
ATOM   39   C CE2 . PHE A 1 5   ? 15.184  -2.431  3.672   1.00 19.74 ? 96   PHE A CE2 1 
ATOM   40   C CZ  . PHE A 1 5   ? 13.853  -2.639  3.943   1.00 16.08 ? 96   PHE A CZ  1 
ATOM   41   N N   . ALA A 1 6   ? 13.219  0.132   -0.882  1.00 13.95 ? 97   ALA A N   1 
ATOM   42   C CA  . ALA A 1 6   ? 12.068  0.959   -0.594  1.00 15.86 ? 97   ALA A CA  1 
ATOM   43   C C   . ALA A 1 6   ? 10.973  0.059   -0.135  1.00 18.74 ? 97   ALA A C   1 
ATOM   44   O O   . ALA A 1 6   ? 10.882  -1.106  -0.583  1.00 19.50 ? 97   ALA A O   1 
ATOM   45   C CB  . ALA A 1 6   ? 11.628  1.779   -1.852  1.00 14.44 ? 97   ALA A CB  1 
ATOM   46   N N   . ALA A 1 7   ? 10.140  0.582   0.778   1.00 18.22 ? 98   ALA A N   1 
ATOM   47   C CA  . ALA A 1 7   ? 9.029   -0.095  1.283   1.00 18.68 ? 98   ALA A CA  1 
ATOM   48   C C   . ALA A 1 7   ? 7.765   0.791   1.197   1.00 21.41 ? 98   ALA A C   1 
ATOM   49   O O   . ALA A 1 7   ? 7.810   2.040   1.383   1.00 21.99 ? 98   ALA A O   1 
ATOM   50   C CB  . ALA A 1 7   ? 9.290   -0.579  2.703   1.00 19.91 ? 98   ALA A CB  1 
ATOM   51   N N   . SER A 1 8   ? 6.678   0.128   0.828   1.00 21.58 ? 99   SER A N   1 
ATOM   52   C CA  . SER A 1 8   ? 5.318   0.703   0.813   1.00 23.23 ? 99   SER A CA  1 
ATOM   53   C C   . SER A 1 8   ? 4.731   0.978   2.217   1.00 22.17 ? 99   SER A C   1 
ATOM   54   O O   . SER A 1 8   ? 5.153   0.397   3.231   1.00 22.07 ? 99   SER A O   1 
ATOM   55   C CB  . SER A 1 8   ? 4.411   -0.274  0.031   1.00 22.55 ? 99   SER A CB  1 
ATOM   56   O OG  . SER A 1 8   ? 4.087   -1.406  0.832   1.00 27.00 ? 99   SER A OG  1 
ATOM   57   N N   . PRO A 1 9   ? 3.701   1.871   2.319   1.00 24.13 ? 100  PRO A N   1 
ATOM   58   C CA  . PRO A 1 9   ? 3.198   2.102   3.691   1.00 23.97 ? 100  PRO A CA  1 
ATOM   59   C C   . PRO A 1 9   ? 2.772   0.895   4.468   1.00 24.83 ? 100  PRO A C   1 
ATOM   60   O O   . PRO A 1 9   ? 3.075   0.840   5.662   1.00 27.14 ? 100  PRO A O   1 
ATOM   61   C CB  . PRO A 1 9   ? 2.013   3.079   3.480   1.00 26.14 ? 100  PRO A CB  1 
ATOM   62   C CG  . PRO A 1 9   ? 2.498   3.935   2.311   1.00 24.15 ? 100  PRO A CG  1 
ATOM   63   C CD  . PRO A 1 9   ? 3.239   2.889   1.382   1.00 24.19 ? 100  PRO A CD  1 
ATOM   64   N N   . ALA A 1 10  ? 2.077   -0.084  3.876   1.00 25.33 ? 101  ALA A N   1 
ATOM   65   C CA  . ALA A 1 10  ? 1.575   -1.214  4.704   1.00 25.54 ? 101  ALA A CA  1 
ATOM   66   C C   . ALA A 1 10  ? 2.743   -1.986  5.289   1.00 26.68 ? 101  ALA A C   1 
ATOM   67   O O   . ALA A 1 10  ? 2.781   -2.364  6.517   1.00 26.60 ? 101  ALA A O   1 
ATOM   68   C CB  . ALA A 1 10  ? 0.717   -2.156  3.864   1.00 27.58 ? 101  ALA A CB  1 
ATOM   69   N N   . ILE A 1 11  ? 3.732   -2.159  4.401   1.00 25.08 ? 102  ILE A N   1 
ATOM   70   C CA  . ILE A 1 11  ? 4.982   -2.805  4.785   1.00 24.08 ? 102  ILE A CA  1 
ATOM   71   C C   . ILE A 1 11  ? 5.651   -1.996  5.871   1.00 20.92 ? 102  ILE A C   1 
ATOM   72   O O   . ILE A 1 11  ? 5.984   -2.535  6.906   1.00 19.94 ? 102  ILE A O   1 
ATOM   73   C CB  . ILE A 1 11  ? 5.925   -2.983  3.571   1.00 25.21 ? 102  ILE A CB  1 
ATOM   74   C CG1 . ILE A 1 11  ? 5.287   -3.869  2.475   1.00 27.70 ? 102  ILE A CG1 1 
ATOM   75   C CG2 . ILE A 1 11  ? 7.330   -3.496  4.060   1.00 25.14 ? 102  ILE A CG2 1 
ATOM   76   C CD1 . ILE A 1 11  ? 5.594   -5.307  2.512   1.00 27.24 ? 102  ILE A CD1 1 
ATOM   77   N N   . ALA A 1 12  ? 5.773   -0.687  5.659   1.00 20.08 ? 103  ALA A N   1 
ATOM   78   C CA  . ALA A 1 12  ? 6.499   0.172   6.631   1.00 20.69 ? 103  ALA A CA  1 
ATOM   79   C C   . ALA A 1 12  ? 5.939   0.075   8.071   1.00 21.32 ? 103  ALA A C   1 
ATOM   80   O O   . ALA A 1 12  ? 6.663   0.162   9.061   1.00 18.13 ? 103  ALA A O   1 
ATOM   81   C CB  . ALA A 1 12  ? 6.526   1.591   6.131   1.00 19.79 ? 103  ALA A CB  1 
ATOM   82   N N   . LEU A 1 13  ? 4.622   -0.154  8.192   1.00 21.16 ? 104  LEU A N   1 
ATOM   83   C CA  . LEU A 1 13  ? 3.937   -0.070  9.510   1.00 21.20 ? 104  LEU A CA  1 
ATOM   84   C C   . LEU A 1 13  ? 3.846   -1.336  10.415  1.00 24.34 ? 104  LEU A C   1 
ATOM   85   O O   . LEU A 1 13  ? 3.673   -1.289  11.664  1.00 23.77 ? 104  LEU A O   1 
ATOM   86   C CB  . LEU A 1 13  ? 2.511   0.459   9.291   1.00 19.13 ? 104  LEU A CB  1 
ATOM   87   C CG  . LEU A 1 13  ? 2.510   1.935   8.866   1.00 16.21 ? 104  LEU A CG  1 
ATOM   88   C CD1 . LEU A 1 13  ? 1.072   2.321   8.593   1.00 14.60 ? 104  LEU A CD1 1 
ATOM   89   C CD2 . LEU A 1 13  ? 3.054   2.807   10.039  1.00 21.17 ? 104  LEU A CD2 1 
ATOM   90   N N   . ALA A 1 14  ? 3.883   -2.476  9.803   1.00 26.02 ? 105  ALA A N   1 
ATOM   91   C CA  . ALA A 1 14  ? 3.773   -3.651  10.609  1.00 26.61 ? 105  ALA A CA  1 
ATOM   92   C C   . ALA A 1 14  ? 5.034   -4.435  10.309  1.00 27.64 ? 105  ALA A C   1 
ATOM   93   O O   . ALA A 1 14  ? 5.949   -4.526  11.171  1.00 28.25 ? 105  ALA A O   1 
ATOM   94   C CB  . ALA A 1 14  ? 2.532   -4.440  10.179  1.00 27.37 ? 105  ALA A CB  1 
ATOM   95   N N   . ALA A 1 15  ? 5.120   -4.918  9.071   1.00 24.88 ? 106  ALA A N   1 
ATOM   96   C CA  . ALA A 1 15  ? 6.121   -5.939  8.762   1.00 25.52 ? 106  ALA A CA  1 
ATOM   97   C C   . ALA A 1 15  ? 7.546   -5.420  8.928   1.00 24.27 ? 106  ALA A C   1 
ATOM   98   O O   . ALA A 1 15  ? 8.435   -6.108  9.456   1.00 24.64 ? 106  ALA A O   1 
ATOM   99   C CB  . ALA A 1 15  ? 5.902   -6.443  7.373   1.00 24.50 ? 106  ALA A CB  1 
ATOM   100  N N   . LEU A 1 16  ? 7.764   -4.192  8.510   1.00 23.94 ? 107  LEU A N   1 
ATOM   101  C CA  . LEU A 1 16  ? 9.141   -3.696  8.446   1.00 24.80 ? 107  LEU A CA  1 
ATOM   102  C C   . LEU A 1 16  ? 9.896   -3.692  9.786   1.00 25.38 ? 107  LEU A C   1 
ATOM   103  O O   . LEU A 1 16  ? 10.965  -4.323  9.856   1.00 26.25 ? 107  LEU A O   1 
ATOM   104  C CB  . LEU A 1 16  ? 9.216   -2.390  7.662   1.00 25.06 ? 107  LEU A CB  1 
ATOM   105  C CG  . LEU A 1 16  ? 10.590  -1.743  7.521   1.00 26.35 ? 107  LEU A CG  1 
ATOM   106  C CD1 . LEU A 1 16  ? 11.440  -2.708  6.703   1.00 22.51 ? 107  LEU A CD1 1 
ATOM   107  C CD2 . LEU A 1 16  ? 10.452  -0.381  6.879   1.00 25.18 ? 107  LEU A CD2 1 
ATOM   108  N N   . PRO A 1 17  ? 9.353   -3.057  10.859  1.00 24.99 ? 108  PRO A N   1 
ATOM   109  C CA  . PRO A 1 17  ? 10.028  -3.048  12.184  1.00 25.09 ? 108  PRO A CA  1 
ATOM   110  C C   . PRO A 1 17  ? 10.320  -4.439  12.720  1.00 25.85 ? 108  PRO A C   1 
ATOM   111  O O   . PRO A 1 17  ? 11.410  -4.676  13.230  1.00 26.89 ? 108  PRO A O   1 
ATOM   112  C CB  . PRO A 1 17  ? 8.978   -2.429  13.128  1.00 25.20 ? 108  PRO A CB  1 
ATOM   113  C CG  . PRO A 1 17  ? 8.119   -1.603  12.247  1.00 25.40 ? 108  PRO A CG  1 
ATOM   114  C CD  . PRO A 1 17  ? 8.126   -2.220  10.850  1.00 26.13 ? 108  PRO A CD  1 
ATOM   115  N N   . LEU A 1 18  ? 9.327   -5.338  12.645  1.00 24.91 ? 109  LEU A N   1 
ATOM   116  C CA  . LEU A 1 18  ? 9.507   -6.708  13.139  1.00 25.39 ? 109  LEU A CA  1 
ATOM   117  C C   . LEU A 1 18  ? 10.597  -7.387  12.307  1.00 23.41 ? 109  LEU A C   1 
ATOM   118  O O   . LEU A 1 18  ? 11.511  -8.054  12.849  1.00 24.82 ? 109  LEU A O   1 
ATOM   119  C CB  . LEU A 1 18  ? 8.181   -7.499  13.030  1.00 26.83 ? 109  LEU A CB  1 
ATOM   120  C CG  . LEU A 1 18  ? 7.133   -7.200  14.126  1.00 28.89 ? 109  LEU A CG  1 
ATOM   121  C CD1 . LEU A 1 18  ? 5.900   -8.089  13.863  1.00 31.14 ? 109  LEU A CD1 1 
ATOM   122  C CD2 . LEU A 1 18  ? 7.702   -7.435  15.505  1.00 31.03 ? 109  LEU A CD2 1 
ATOM   123  N N   . ALA A 1 19  ? 10.492  -7.223  11.008  1.00 21.37 ? 110  ALA A N   1 
ATOM   124  C CA  . ALA A 1 19  ? 11.462  -7.791  10.055  1.00 21.09 ? 110  ALA A CA  1 
ATOM   125  C C   . ALA A 1 19  ? 12.907  -7.317  10.268  1.00 21.85 ? 110  ALA A C   1 
ATOM   126  O O   . ALA A 1 19  ? 13.884  -8.107  10.211  1.00 22.00 ? 110  ALA A O   1 
ATOM   127  C CB  . ALA A 1 19  ? 10.992  -7.532  8.637   1.00 19.56 ? 110  ALA A CB  1 
ATOM   128  N N   . LEU A 1 20  ? 13.070  -6.018  10.526  1.00 20.52 ? 111  LEU A N   1 
ATOM   129  C CA  . LEU A 1 20  ? 14.373  -5.466  10.655  1.00 20.33 ? 111  LEU A CA  1 
ATOM   130  C C   . LEU A 1 20  ? 14.980  -5.975  11.936  1.00 22.38 ? 111  LEU A C   1 
ATOM   131  O O   . LEU A 1 20  ? 16.205  -6.166  11.976  1.00 22.11 ? 111  LEU A O   1 
ATOM   132  C CB  . LEU A 1 20  ? 14.338  -3.920  10.620  1.00 20.06 ? 111  LEU A CB  1 
ATOM   133  C CG  . LEU A 1 20  ? 14.086  -3.292  9.240   1.00 19.62 ? 111  LEU A CG  1 
ATOM   134  C CD1 . LEU A 1 20  ? 13.804  -1.781  9.327   1.00 19.83 ? 111  LEU A CD1 1 
ATOM   135  C CD2 . LEU A 1 20  ? 15.264  -3.536  8.228   1.00 15.77 ? 111  LEU A CD2 1 
ATOM   136  N N   . ALA A 1 21  ? 14.153  -6.148  12.981  1.00 22.46 ? 112  ALA A N   1 
ATOM   137  C CA  . ALA A 1 21  ? 14.631  -6.718  14.262  1.00 24.30 ? 112  ALA A CA  1 
ATOM   138  C C   . ALA A 1 21  ? 15.051  -8.178  14.088  1.00 24.08 ? 112  ALA A C   1 
ATOM   139  O O   . ALA A 1 21  ? 16.095  -8.557  14.538  1.00 25.78 ? 112  ALA A O   1 
ATOM   140  C CB  . ALA A 1 21  ? 13.585  -6.587  15.353  1.00 24.21 ? 112  ALA A CB  1 
ATOM   141  N N   . SER A 1 22  ? 14.267  -8.976  13.378  1.00 26.06 ? 113  SER A N   1 
ATOM   142  C CA  . SER A 1 22  ? 14.606  -10.387 13.179  1.00 26.26 ? 113  SER A CA  1 
ATOM   143  C C   . SER A 1 22  ? 15.848  -10.520 12.324  1.00 26.48 ? 113  SER A C   1 
ATOM   144  O O   . SER A 1 22  ? 16.748  -11.311 12.613  1.00 27.46 ? 113  SER A O   1 
ATOM   145  C CB  . SER A 1 22  ? 13.449  -11.115 12.533  1.00 26.67 ? 113  SER A CB  1 
ATOM   146  O OG  . SER A 1 22  ? 12.336  -11.157 13.411  1.00 31.15 ? 113  SER A OG  1 
ATOM   147  N N   . PHE A 1 23  ? 15.899  -9.687  11.294  1.00 26.04 ? 114  PHE A N   1 
ATOM   148  C CA  . PHE A 1 23  ? 17.020  -9.656  10.366  1.00 24.96 ? 114  PHE A CA  1 
ATOM   149  C C   . PHE A 1 23  ? 18.356  -9.181  10.989  1.00 26.99 ? 114  PHE A C   1 
ATOM   150  O O   . PHE A 1 23  ? 19.434  -9.740  10.674  1.00 26.25 ? 114  PHE A O   1 
ATOM   151  C CB  . PHE A 1 23  ? 16.613  -8.776  9.176   1.00 23.97 ? 114  PHE A CB  1 
ATOM   152  C CG  . PHE A 1 23  ? 17.725  -8.544  8.180   1.00 21.38 ? 114  PHE A CG  1 
ATOM   153  C CD1 . PHE A 1 23  ? 17.978  -9.491  7.154   1.00 21.51 ? 114  PHE A CD1 1 
ATOM   154  C CD2 . PHE A 1 23  ? 18.547  -7.435  8.299   1.00 22.71 ? 114  PHE A CD2 1 
ATOM   155  C CE1 . PHE A 1 23  ? 19.045  -9.220  6.215   1.00 19.29 ? 114  PHE A CE1 1 
ATOM   156  C CE2 . PHE A 1 23  ? 19.607  -7.175  7.397   1.00 24.59 ? 114  PHE A CE2 1 
ATOM   157  C CZ  . PHE A 1 23  ? 19.838  -8.072  6.364   1.00 19.39 ? 114  PHE A CZ  1 
ATOM   158  N N   . ALA A 1 24  ? 18.322  -8.124  11.817  1.00 26.71 ? 115  ALA A N   1 
ATOM   159  C CA  . ALA A 1 24  ? 19.534  -7.693  12.524  1.00 29.63 ? 115  ALA A CA  1 
ATOM   160  C C   . ALA A 1 24  ? 20.129  -8.799  13.439  1.00 31.04 ? 115  ALA A C   1 
ATOM   161  O O   . ALA A 1 24  ? 21.333  -8.798  13.689  1.00 31.94 ? 115  ALA A O   1 
ATOM   162  C CB  . ALA A 1 24  ? 19.290  -6.416  13.318  1.00 29.40 ? 115  ALA A CB  1 
ATOM   163  N N   . ARG A 1 25  ? 19.305  -9.728  13.922  1.00 33.22 ? 116  ARG A N   1 
ATOM   164  C CA  . ARG A 1 25  ? 19.795  -10.887 14.710  1.00 35.12 ? 116  ARG A CA  1 
ATOM   165  C C   . ARG A 1 25  ? 20.596  -11.833 13.780  1.00 36.24 ? 116  ARG A C   1 
ATOM   166  O O   . ARG A 1 25  ? 21.730  -12.267 14.115  1.00 37.27 ? 116  ARG A O   1 
ATOM   167  C CB  . ARG A 1 25  ? 18.644  -11.705 15.363  1.00 36.08 ? 116  ARG A CB  1 
ATOM   168  C CG  . ARG A 1 25  ? 17.775  -11.000 16.434  1.00 39.80 ? 116  ARG A CG  1 
ATOM   169  C CD  . ARG A 1 25  ? 16.318  -11.638 16.677  1.00 46.07 ? 116  ARG A CD  1 
ATOM   170  N NE  . ARG A 1 25  ? 16.280  -13.108 16.912  1.00 51.07 ? 116  ARG A NE  1 
ATOM   171  C CZ  . ARG A 1 25  ? 15.471  -14.020 16.320  1.00 51.90 ? 116  ARG A CZ  1 
ATOM   172  N NH1 . ARG A 1 25  ? 14.550  -13.690 15.402  1.00 50.51 ? 116  ARG A NH1 1 
ATOM   173  N NH2 . ARG A 1 25  ? 15.585  -15.304 16.666  1.00 50.37 ? 116  ARG A NH2 1 
ATOM   174  N N   . GLU A 1 26  ? 20.012  -12.128 12.616  1.00 35.96 ? 117  GLU A N   1 
ATOM   175  C CA  . GLU A 1 26  ? 20.564  -13.092 11.652  1.00 35.87 ? 117  GLU A CA  1 
ATOM   176  C C   . GLU A 1 26  ? 21.735  -12.555 10.852  1.00 34.31 ? 117  GLU A C   1 
ATOM   177  O O   . GLU A 1 26  ? 22.680  -13.291 10.559  1.00 33.17 ? 117  GLU A O   1 
ATOM   178  C CB  . GLU A 1 26  ? 19.449  -13.586 10.726  1.00 36.37 ? 117  GLU A CB  1 
ATOM   179  C CG  . GLU A 1 26  ? 19.779  -14.849 9.934   1.00 41.82 ? 117  GLU A CG  1 
ATOM   180  C CD  . GLU A 1 26  ? 18.668  -15.267 8.970   1.00 47.42 ? 117  GLU A CD  1 
ATOM   181  O OE1 . GLU A 1 26  ? 17.586  -14.630 8.940   1.00 46.29 ? 117  GLU A OE1 1 
ATOM   182  O OE2 . GLU A 1 26  ? 18.892  -16.248 8.210   1.00 50.34 ? 117  GLU A OE2 1 
ATOM   183  N N   . PHE A 1 27  ? 21.669  -11.292 10.449  1.00 32.84 ? 118  PHE A N   1 
ATOM   184  C CA  . PHE A 1 27  ? 22.726  -10.678 9.654   1.00 33.16 ? 118  PHE A CA  1 
ATOM   185  C C   . PHE A 1 27  ? 23.250  -9.399  10.316  1.00 34.16 ? 118  PHE A C   1 
ATOM   186  O O   . PHE A 1 27  ? 22.963  -8.299  9.843   1.00 33.39 ? 118  PHE A O   1 
ATOM   187  C CB  . PHE A 1 27  ? 22.193  -10.323 8.250   1.00 33.04 ? 118  PHE A CB  1 
ATOM   188  C CG  . PHE A 1 27  ? 21.734  -11.508 7.418   1.00 32.02 ? 118  PHE A CG  1 
ATOM   189  C CD1 . PHE A 1 27  ? 22.571  -12.047 6.441   1.00 32.81 ? 118  PHE A CD1 1 
ATOM   190  C CD2 . PHE A 1 27  ? 20.462  -12.064 7.599   1.00 32.84 ? 118  PHE A CD2 1 
ATOM   191  C CE1 . PHE A 1 27  ? 22.159  -13.138 5.661   1.00 32.84 ? 118  PHE A CE1 1 
ATOM   192  C CE2 . PHE A 1 27  ? 20.007  -13.148 6.804   1.00 32.96 ? 118  PHE A CE2 1 
ATOM   193  C CZ  . PHE A 1 27  ? 20.862  -13.691 5.844   1.00 34.20 ? 118  PHE A CZ  1 
ATOM   194  N N   . PRO A 1 28  ? 24.025  -9.514  11.414  1.00 34.58 ? 119  PRO A N   1 
ATOM   195  C CA  . PRO A 1 28  ? 24.226  -8.322  12.218  1.00 35.01 ? 119  PRO A CA  1 
ATOM   196  C C   . PRO A 1 28  ? 25.227  -7.354  11.609  1.00 35.43 ? 119  PRO A C   1 
ATOM   197  O O   . PRO A 1 28  ? 25.304  -6.220  12.019  1.00 34.61 ? 119  PRO A O   1 
ATOM   198  C CB  . PRO A 1 28  ? 24.745  -8.882  13.564  1.00 34.99 ? 119  PRO A CB  1 
ATOM   199  C CG  . PRO A 1 28  ? 25.473  -10.082 13.196  1.00 36.33 ? 119  PRO A CG  1 
ATOM   200  C CD  . PRO A 1 28  ? 24.639  -10.705 12.044  1.00 35.55 ? 119  PRO A CD  1 
ATOM   201  N N   . ASP A 1 29  ? 25.995  -7.820  10.632  1.00 35.83 ? 120  ASP A N   1 
ATOM   202  C CA  . ASP A 1 29  ? 26.976  -6.957  9.986   1.00 36.84 ? 120  ASP A CA  1 
ATOM   203  C C   . ASP A 1 29  ? 26.477  -6.219  8.728   1.00 35.33 ? 120  ASP A C   1 
ATOM   204  O O   . ASP A 1 29  ? 27.262  -5.502  8.129   1.00 35.67 ? 120  ASP A O   1 
ATOM   205  C CB  . ASP A 1 29  ? 28.243  -7.745  9.661   1.00 37.87 ? 120  ASP A CB  1 
ATOM   206  C CG  . ASP A 1 29  ? 27.943  -9.192  9.260   1.00 43.42 ? 120  ASP A CG  1 
ATOM   207  O OD1 . ASP A 1 29  ? 26.734  -9.565  9.122   1.00 48.47 ? 120  ASP A OD1 1 
ATOM   208  O OD2 . ASP A 1 29  ? 28.925  -9.973  9.100   1.00 50.86 ? 120  ASP A OD2 1 
ATOM   209  N N   . VAL A 1 30  ? 25.193  -6.375  8.366   1.00 33.60 ? 121  VAL A N   1 
ATOM   210  C CA  . VAL A 1 30  ? 24.588  -5.712  7.174   1.00 31.04 ? 121  VAL A CA  1 
ATOM   211  C C   . VAL A 1 30  ? 24.068  -4.322  7.541   1.00 29.99 ? 121  VAL A C   1 
ATOM   212  O O   . VAL A 1 30  ? 23.432  -4.169  8.577   1.00 29.85 ? 121  VAL A O   1 
ATOM   213  C CB  . VAL A 1 30  ? 23.433  -6.575  6.592   1.00 30.28 ? 121  VAL A CB  1 
ATOM   214  C CG1 . VAL A 1 30  ? 22.788  -5.944  5.357   1.00 26.54 ? 121  VAL A CG1 1 
ATOM   215  C CG2 . VAL A 1 30  ? 23.945  -7.894  6.219   1.00 31.57 ? 121  VAL A CG2 1 
ATOM   216  N N   . THR A 1 31  ? 24.367  -3.303  6.730   1.00 28.20 ? 122  THR A N   1 
ATOM   217  C CA  . THR A 1 31  ? 23.799  -1.986  6.975   1.00 28.39 ? 122  THR A CA  1 
ATOM   218  C C   . THR A 1 31  ? 22.556  -1.798  6.130   1.00 25.92 ? 122  THR A C   1 
ATOM   219  O O   . THR A 1 31  ? 22.579  -2.008  4.900   1.00 25.87 ? 122  THR A O   1 
ATOM   220  C CB  . THR A 1 31  ? 24.800  -0.791  6.715   1.00 29.65 ? 122  THR A CB  1 
ATOM   221  O OG1 . THR A 1 31  ? 25.983  -1.010  7.488   1.00 34.14 ? 122  THR A OG1 1 
ATOM   222  C CG2 . THR A 1 31  ? 24.188  0.611   7.155   1.00 30.89 ? 122  THR A CG2 1 
ATOM   223  N N   . VAL A 1 32  ? 21.466  -1.404  6.768   1.00 23.32 ? 123  VAL A N   1 
ATOM   224  C CA  . VAL A 1 32  ? 20.264  -1.225  5.980   1.00 20.70 ? 123  VAL A CA  1 
ATOM   225  C C   . VAL A 1 32  ? 19.986  0.252   5.716   1.00 17.80 ? 123  VAL A C   1 
ATOM   226  O O   . VAL A 1 32  ? 20.132  1.131   6.611   1.00 14.54 ? 123  VAL A O   1 
ATOM   227  C CB  . VAL A 1 32  ? 19.103  -1.994  6.634   1.00 20.25 ? 123  VAL A CB  1 
ATOM   228  C CG1 . VAL A 1 32  ? 17.813  -1.817  5.848   1.00 23.20 ? 123  VAL A CG1 1 
ATOM   229  C CG2 . VAL A 1 32  ? 19.463  -3.462  6.668   1.00 20.49 ? 123  VAL A CG2 1 
ATOM   230  N N   . ASN A 1 33  ? 19.566  0.544   4.490   1.00 17.17 ? 124  ASN A N   1 
ATOM   231  C CA  . ASN A 1 33  ? 19.065  1.883   4.176   1.00 16.67 ? 124  ASN A CA  1 
ATOM   232  C C   . ASN A 1 33  ? 17.643  1.727   3.583   1.00 17.13 ? 124  ASN A C   1 
ATOM   233  O O   . ASN A 1 33  ? 17.507  1.203   2.507   1.00 17.70 ? 124  ASN A O   1 
ATOM   234  C CB  . ASN A 1 33  ? 20.017  2.533   3.129   1.00 19.19 ? 124  ASN A CB  1 
ATOM   235  C CG  . ASN A 1 33  ? 19.654  3.978   2.811   1.00 21.37 ? 124  ASN A CG  1 
ATOM   236  O OD1 . ASN A 1 33  ? 18.477  4.306   2.650   1.00 24.39 ? 124  ASN A OD1 1 
ATOM   237  N ND2 . ASN A 1 33  ? 20.690  4.858   2.651   1.00 20.13 ? 124  ASN A ND2 1 
ATOM   238  N N   . VAL A 1 34  ? 16.624  2.211   4.259   1.00 14.23 ? 125  VAL A N   1 
ATOM   239  C CA  . VAL A 1 34  ? 15.260  2.038   3.744   1.00 16.56 ? 125  VAL A CA  1 
ATOM   240  C C   . VAL A 1 34  ? 14.599  3.342   3.440   1.00 17.50 ? 125  VAL A C   1 
ATOM   241  O O   . VAL A 1 34  ? 14.779  4.350   4.166   1.00 18.50 ? 125  VAL A O   1 
ATOM   242  C CB  . VAL A 1 34  ? 14.413  1.211   4.731   1.00 16.75 ? 125  VAL A CB  1 
ATOM   243  C CG1 . VAL A 1 34  ? 14.307  1.868   6.077   1.00 18.35 ? 125  VAL A CG1 1 
ATOM   244  C CG2 . VAL A 1 34  ? 13.048  0.884   4.145   1.00 17.06 ? 125  VAL A CG2 1 
ATOM   245  N N   . ARG A 1 35  ? 13.837  3.371   2.366   1.00 17.34 ? 126  ARG A N   1 
ATOM   246  C CA  . ARG A 1 35  ? 13.116  4.579   2.042   1.00 19.66 ? 126  ARG A CA  1 
ATOM   247  C C   . ARG A 1 35  ? 11.649  4.289   1.686   1.00 19.93 ? 126  ARG A C   1 
ATOM   248  O O   . ARG A 1 35  ? 11.238  3.136   1.547   1.00 18.21 ? 126  ARG A O   1 
ATOM   249  C CB  . ARG A 1 35  ? 13.819  5.292   0.927   1.00 19.60 ? 126  ARG A CB  1 
ATOM   250  C CG  . ARG A 1 35  ? 14.040  4.518   -0.322  1.00 25.43 ? 126  ARG A CG  1 
ATOM   251  C CD  . ARG A 1 35  ? 14.799  5.448   -1.240  1.00 29.55 ? 126  ARG A CD  1 
ATOM   252  N NE  . ARG A 1 35  ? 16.200  5.618   -0.850  1.00 38.23 ? 126  ARG A NE  1 
ATOM   253  C CZ  . ARG A 1 35  ? 17.101  6.206   -1.638  1.00 42.17 ? 126  ARG A CZ  1 
ATOM   254  N NH1 . ARG A 1 35  ? 16.726  6.678   -2.819  1.00 42.90 ? 126  ARG A NH1 1 
ATOM   255  N NH2 . ARG A 1 35  ? 18.366  6.332   -1.260  1.00 45.44 ? 126  ARG A NH2 1 
ATOM   256  N N   . ASP A 1 36  ? 10.843  5.341   1.645   1.00 19.59 ? 127  ASP A N   1 
ATOM   257  C CA  . ASP A 1 36  ? 9.508   5.188   1.124   1.00 21.87 ? 127  ASP A CA  1 
ATOM   258  C C   . ASP A 1 36  ? 9.588   4.977   -0.377  1.00 22.07 ? 127  ASP A C   1 
ATOM   259  O O   . ASP A 1 36  ? 10.445  5.475   -1.001  1.00 21.62 ? 127  ASP A O   1 
ATOM   260  C CB  . ASP A 1 36  ? 8.681   6.465   1.368   1.00 24.51 ? 127  ASP A CB  1 
ATOM   261  C CG  . ASP A 1 36  ? 8.312   6.674   2.844   1.00 24.71 ? 127  ASP A CG  1 
ATOM   262  O OD1 . ASP A 1 36  ? 7.786   5.735   3.501   1.00 24.27 ? 127  ASP A OD1 1 
ATOM   263  O OD2 . ASP A 1 36  ? 8.562   7.831   3.314   1.00 28.75 ? 127  ASP A OD2 1 
ATOM   264  N N   . GLY A 1 37  ? 8.620   4.288   -0.951  1.00 25.00 ? 128  GLY A N   1 
ATOM   265  C CA  . GLY A 1 37  ? 8.616   4.116   -2.406  1.00 25.64 ? 128  GLY A CA  1 
ATOM   266  C C   . GLY A 1 37  ? 7.359   3.334   -2.721  1.00 24.62 ? 128  GLY A C   1 
ATOM   267  O O   . GLY A 1 37  ? 6.977   2.421   -1.981  1.00 23.90 ? 128  GLY A O   1 
ATOM   268  N N   . MET A 1 38  ? 6.676   3.766   -3.771  1.00 25.28 ? 129  MET A N   1 
ATOM   269  C CA  . MET A 1 38  ? 5.591   3.001   -4.362  1.00 26.32 ? 129  MET A CA  1 
ATOM   270  C C   . MET A 1 38  ? 5.816   2.947   -5.857  1.00 26.66 ? 129  MET A C   1 
ATOM   271  O O   . MET A 1 38  ? 6.485   3.821   -6.433  1.00 25.31 ? 129  MET A O   1 
ATOM   272  C CB  . MET A 1 38  ? 4.199   3.619   -4.034  1.00 27.32 ? 129  MET A CB  1 
ATOM   273  C CG  . MET A 1 38  ? 3.589   3.038   -2.721  0.50 26.98 ? 129  MET A CG  1 
ATOM   274  S SD  . MET A 1 38  ? 2.040   3.738   -2.077  0.50 32.96 ? 129  MET A SD  1 
ATOM   275  C CE  . MET A 1 38  ? 2.506   5.478   -2.078  0.50 25.45 ? 129  MET A CE  1 
ATOM   276  N N   . TYR A 1 39  ? 5.273   1.890   -6.477  1.00 28.37 ? 130  TYR A N   1 
ATOM   277  C CA  . TYR A 1 39  ? 5.238   1.787   -7.929  1.00 30.23 ? 130  TYR A CA  1 
ATOM   278  C C   . TYR A 1 39  ? 4.254   2.840   -8.447  1.00 30.72 ? 130  TYR A C   1 
ATOM   279  O O   . TYR A 1 39  ? 3.170   2.956   -7.912  1.00 30.75 ? 130  TYR A O   1 
ATOM   280  C CB  . TYR A 1 39  ? 4.741   0.399   -8.395  1.00 31.19 ? 130  TYR A CB  1 
ATOM   281  C CG  . TYR A 1 39  ? 5.040   0.216   -9.892  1.00 37.19 ? 130  TYR A CG  1 
ATOM   282  C CD1 . TYR A 1 39  ? 4.022   0.189   -10.857 1.00 41.93 ? 130  TYR A CD1 1 
ATOM   283  C CD2 . TYR A 1 39  ? 6.374   0.172   -10.338 1.00 41.49 ? 130  TYR A CD2 1 
ATOM   284  C CE1 . TYR A 1 39  ? 4.362   0.069   -12.250 1.00 44.19 ? 130  TYR A CE1 1 
ATOM   285  C CE2 . TYR A 1 39  ? 6.714   0.058   -11.686 1.00 44.63 ? 130  TYR A CE2 1 
ATOM   286  C CZ  . TYR A 1 39  ? 5.719   -0.003  -12.635 1.00 45.91 ? 130  TYR A CZ  1 
ATOM   287  O OH  . TYR A 1 39  ? 6.143   -0.133  -13.955 1.00 50.42 ? 130  TYR A OH  1 
ATOM   288  N N   . PRO A 1 40  ? 4.602   3.585   -9.502  1.00 31.36 ? 131  PRO A N   1 
ATOM   289  C CA  . PRO A 1 40  ? 5.691   3.512   -10.485 1.00 31.14 ? 131  PRO A CA  1 
ATOM   290  C C   . PRO A 1 40  ? 6.941   4.257   -10.075 1.00 30.23 ? 131  PRO A C   1 
ATOM   291  O O   . PRO A 1 40  ? 7.953   4.132   -10.762 1.00 29.14 ? 131  PRO A O   1 
ATOM   292  C CB  . PRO A 1 40  ? 5.105   4.250   -11.706 1.00 31.66 ? 131  PRO A CB  1 
ATOM   293  C CG  . PRO A 1 40  ? 4.350   5.405   -11.046 1.00 33.22 ? 131  PRO A CG  1 
ATOM   294  C CD  . PRO A 1 40  ? 3.784   4.802   -9.707  1.00 33.11 ? 131  PRO A CD  1 
ATOM   295  N N   . ALA A 1 41  ? 6.879   5.082   -9.018  1.00 29.69 ? 132  ALA A N   1 
ATOM   296  C CA  . ALA A 1 41  ? 7.996   6.004   -8.794  1.00 29.65 ? 132  ALA A CA  1 
ATOM   297  C C   . ALA A 1 41  ? 9.319   5.276   -8.508  1.00 28.51 ? 132  ALA A C   1 
ATOM   298  O O   . ALA A 1 41  ? 10.377  5.772   -8.893  1.00 30.82 ? 132  ALA A O   1 
ATOM   299  C CB  . ALA A 1 41  ? 7.673   7.045   -7.730  1.00 29.66 ? 132  ALA A CB  1 
ATOM   300  N N   . VAL A 1 42  ? 9.274   4.101   -7.892  1.00 28.26 ? 133  VAL A N   1 
ATOM   301  C CA  . VAL A 1 42  ? 10.500  3.331   -7.612  1.00 27.60 ? 133  VAL A CA  1 
ATOM   302  C C   . VAL A 1 42  ? 11.177  2.818   -8.892  1.00 28.88 ? 133  VAL A C   1 
ATOM   303  O O   . VAL A 1 42  ? 12.312  2.384   -8.832  1.00 29.69 ? 133  VAL A O   1 
ATOM   304  C CB  . VAL A 1 42  ? 10.244  2.084   -6.754  1.00 26.89 ? 133  VAL A CB  1 
ATOM   305  C CG1 . VAL A 1 42  ? 9.944   2.447   -5.287  1.00 27.61 ? 133  VAL A CG1 1 
ATOM   306  C CG2 . VAL A 1 42  ? 9.150   1.198   -7.342  1.00 25.65 ? 133  VAL A CG2 1 
ATOM   307  N N   . SER A 1 43  ? 10.449  2.802   -10.017 1.00 28.85 ? 134  SER A N   1 
ATOM   308  C CA  . SER A 1 43  ? 10.883  2.049   -11.226 1.00 30.28 ? 134  SER A CA  1 
ATOM   309  C C   . SER A 1 43  ? 12.268  2.525   -11.715 1.00 29.43 ? 134  SER A C   1 
ATOM   310  O O   . SER A 1 43  ? 13.156  1.742   -11.914 1.00 29.11 ? 134  SER A O   1 
ATOM   311  C CB  . SER A 1 43  ? 9.835   2.171   -12.366 1.00 29.93 ? 134  SER A CB  1 
ATOM   312  O OG  . SER A 1 43  ? 9.955   1.165   -13.369 1.00 35.65 ? 134  SER A OG  1 
ATOM   313  N N   . PRO A 1 44  ? 12.435  3.818   -11.941 1.00 29.52 ? 135  PRO A N   1 
ATOM   314  C CA  . PRO A 1 44  ? 13.733  4.295   -12.386 1.00 29.30 ? 135  PRO A CA  1 
ATOM   315  C C   . PRO A 1 44  ? 14.867  4.116   -11.357 1.00 29.59 ? 135  PRO A C   1 
ATOM   316  O O   . PRO A 1 44  ? 16.031  4.034   -11.754 1.00 29.02 ? 135  PRO A O   1 
ATOM   317  C CB  . PRO A 1 44  ? 13.490  5.783   -12.616 1.00 29.80 ? 135  PRO A CB  1 
ATOM   318  C CG  . PRO A 1 44  ? 12.321  6.100   -11.775 1.00 30.53 ? 135  PRO A CG  1 
ATOM   319  C CD  . PRO A 1 44  ? 11.451  4.905   -11.842 1.00 29.59 ? 135  PRO A CD  1 
ATOM   320  N N   . GLN A 1 45  ? 14.540  4.080   -10.056 1.00 28.65 ? 136  GLN A N   1 
ATOM   321  C CA  . GLN A 1 45  ? 15.568  3.864   -9.024  1.00 26.80 ? 136  GLN A CA  1 
ATOM   322  C C   . GLN A 1 45  ? 15.998  2.412   -8.967  1.00 25.58 ? 136  GLN A C   1 
ATOM   323  O O   . GLN A 1 45  ? 17.140  2.080   -8.595  1.00 23.89 ? 136  GLN A O   1 
ATOM   324  C CB  . GLN A 1 45  ? 15.053  4.290   -7.668  1.00 28.19 ? 136  GLN A CB  1 
ATOM   325  C CG  . GLN A 1 45  ? 14.666  5.784   -7.515  1.00 32.61 ? 136  GLN A CG  1 
ATOM   326  C CD  . GLN A 1 45  ? 13.783  5.948   -6.267  1.00 41.33 ? 136  GLN A CD  1 
ATOM   327  O OE1 . GLN A 1 45  ? 14.246  5.760   -5.138  1.00 44.43 ? 136  GLN A OE1 1 
ATOM   328  N NE2 . GLN A 1 45  ? 12.509  6.269   -6.469  1.00 41.60 ? 136  GLN A NE2 1 
ATOM   329  N N   . LEU A 1 46  ? 15.073  1.538   -9.299  1.00 24.62 ? 137  LEU A N   1 
ATOM   330  C CA  . LEU A 1 46  ? 15.407  0.134   -9.386  1.00 26.32 ? 137  LEU A CA  1 
ATOM   331  C C   . LEU A 1 46  ? 16.233  -0.071  -10.654 1.00 27.43 ? 137  LEU A C   1 
ATOM   332  O O   . LEU A 1 46  ? 17.318  -0.714  -10.620 1.00 26.24 ? 137  LEU A O   1 
ATOM   333  C CB  . LEU A 1 46  ? 14.131  -0.684  -9.470  1.00 25.25 ? 137  LEU A CB  1 
ATOM   334  C CG  . LEU A 1 46  ? 13.327  -0.893  -8.188  1.00 21.20 ? 137  LEU A CG  1 
ATOM   335  C CD1 . LEU A 1 46  ? 11.987  -1.491  -8.539  1.00 22.73 ? 137  LEU A CD1 1 
ATOM   336  C CD2 . LEU A 1 46  ? 14.071  -1.721  -7.157  1.00 19.85 ? 137  LEU A CD2 1 
ATOM   337  N N   . ARG A 1 47  ? 15.701  0.476   -11.755 1.00 29.54 ? 138  ARG A N   1 
ATOM   338  C CA  . ARG A 1 47  ? 16.357  0.443   -13.068 1.00 33.10 ? 138  ARG A CA  1 
ATOM   339  C C   . ARG A 1 47  ? 17.838  0.886   -13.018 1.00 33.25 ? 138  ARG A C   1 
ATOM   340  O O   . ARG A 1 47  ? 18.702  0.177   -13.555 1.00 34.59 ? 138  ARG A O   1 
ATOM   341  C CB  . ARG A 1 47  ? 15.563  1.220   -14.167 1.00 33.48 ? 138  ARG A CB  1 
ATOM   342  C CG  . ARG A 1 47  ? 14.287  0.501   -14.685 1.00 38.35 ? 138  ARG A CG  1 
ATOM   343  C CD  . ARG A 1 47  ? 13.785  1.034   -16.092 1.00 44.24 ? 138  ARG A CD  1 
ATOM   344  N NE  . ARG A 1 47  ? 13.970  2.486   -16.278 1.00 49.94 ? 138  ARG A NE  1 
ATOM   345  C CZ  . ARG A 1 47  ? 13.068  3.456   -16.026 1.00 50.72 ? 138  ARG A CZ  1 
ATOM   346  N NH1 . ARG A 1 47  ? 11.842  3.193   -15.556 1.00 49.40 ? 138  ARG A NH1 1 
ATOM   347  N NH2 . ARG A 1 47  ? 13.414  4.726   -16.251 1.00 50.33 ? 138  ARG A NH2 1 
ATOM   348  N N   . ASP A 1 48  ? 18.115  2.047   -12.415 1.00 34.22 ? 139  ASP A N   1 
ATOM   349  C CA  . ASP A 1 48  ? 19.491  2.598   -12.337 1.00 35.46 ? 139  ASP A CA  1 
ATOM   350  C C   . ASP A 1 48  ? 20.371  2.004   -11.236 1.00 34.69 ? 139  ASP A C   1 
ATOM   351  O O   . ASP A 1 48  ? 21.565  2.301   -11.142 1.00 35.13 ? 139  ASP A O   1 
ATOM   352  C CB  . ASP A 1 48  ? 19.511  4.159   -12.314 1.00 35.38 ? 139  ASP A CB  1 
ATOM   353  C CG  . ASP A 1 48  ? 19.074  4.785   -10.971 1.00 39.75 ? 139  ASP A CG  1 
ATOM   354  O OD1 . ASP A 1 48  ? 18.681  4.044   -10.055 1.00 43.11 ? 139  ASP A OD1 1 
ATOM   355  O OD2 . ASP A 1 48  ? 19.118  6.053   -10.815 1.00 39.54 ? 139  ASP A OD2 1 
ATOM   356  N N   . GLY A 1 49  ? 19.793  1.153   -10.406 1.00 33.69 ? 140  GLY A N   1 
ATOM   357  C CA  . GLY A 1 49  ? 20.553  0.531   -9.331  1.00 33.88 ? 140  GLY A CA  1 
ATOM   358  C C   . GLY A 1 49  ? 20.692  1.316   -8.036  1.00 33.78 ? 140  GLY A C   1 
ATOM   359  O O   . GLY A 1 49  ? 21.341  0.843   -7.115  1.00 35.45 ? 140  GLY A O   1 
ATOM   360  N N   . THR A 1 50  ? 20.091  2.481   -7.918  1.00 32.66 ? 141  THR A N   1 
ATOM   361  C CA  . THR A 1 50  ? 20.042  3.106   -6.595  1.00 32.61 ? 141  THR A CA  1 
ATOM   362  C C   . THR A 1 50  ? 19.353  2.219   -5.544  1.00 30.04 ? 141  THR A C   1 
ATOM   363  O O   . THR A 1 50  ? 19.885  2.077   -4.447  1.00 30.73 ? 141  THR A O   1 
ATOM   364  C CB  . THR A 1 50  ? 19.496  4.538   -6.624  1.00 33.02 ? 141  THR A CB  1 
ATOM   365  O OG1 . THR A 1 50  ? 18.065  4.520   -6.620  1.00 39.92 ? 141  THR A OG1 1 
ATOM   366  C CG2 . THR A 1 50  ? 19.967  5.240   -7.833  1.00 33.55 ? 141  THR A CG2 1 
ATOM   367  N N   . LEU A 1 51  ? 18.237  1.564   -5.892  1.00 26.87 ? 142  LEU A N   1 
ATOM   368  C CA  . LEU A 1 51  ? 17.572  0.568   -5.022  1.00 23.20 ? 142  LEU A CA  1 
ATOM   369  C C   . LEU A 1 51  ? 17.893  -0.841  -5.445  1.00 22.61 ? 142  LEU A C   1 
ATOM   370  O O   . LEU A 1 51  ? 17.894  -1.167  -6.643  1.00 22.31 ? 142  LEU A O   1 
ATOM   371  C CB  . LEU A 1 51  ? 16.031  0.743   -4.996  1.00 22.82 ? 142  LEU A CB  1 
ATOM   372  C CG  . LEU A 1 51  ? 15.510  2.076   -4.504  1.00 22.51 ? 142  LEU A CG  1 
ATOM   373  C CD1 . LEU A 1 51  ? 13.972  2.319   -4.836  1.00 23.79 ? 142  LEU A CD1 1 
ATOM   374  C CD2 . LEU A 1 51  ? 15.738  2.177   -3.011  1.00 20.94 ? 142  LEU A CD2 1 
ATOM   375  N N   . ASP A 1 52  ? 18.179  -1.680  -4.462  1.00 21.52 ? 143  ASP A N   1 
ATOM   376  C CA  . ASP A 1 52  ? 18.386  -3.080  -4.721  1.00 22.50 ? 143  ASP A CA  1 
ATOM   377  C C   . ASP A 1 52  ? 17.031  -3.766  -4.994  1.00 21.34 ? 143  ASP A C   1 
ATOM   378  O O   . ASP A 1 52  ? 16.959  -4.783  -5.705  1.00 20.85 ? 143  ASP A O   1 
ATOM   379  C CB  . ASP A 1 52  ? 19.065  -3.744  -3.535  1.00 22.70 ? 143  ASP A CB  1 
ATOM   380  C CG  . ASP A 1 52  ? 20.426  -3.101  -3.238  1.00 27.48 ? 143  ASP A CG  1 
ATOM   381  O OD1 . ASP A 1 52  ? 21.102  -2.684  -4.192  1.00 32.57 ? 143  ASP A OD1 1 
ATOM   382  O OD2 . ASP A 1 52  ? 20.787  -2.938  -2.068  1.00 23.84 ? 143  ASP A OD2 1 
ATOM   383  N N   . PHE A 1 53  ? 15.972  -3.258  -4.350  1.00 18.68 ? 144  PHE A N   1 
ATOM   384  C CA  . PHE A 1 53  ? 14.671  -3.846  -4.548  1.00 17.26 ? 144  PHE A CA  1 
ATOM   385  C C   . PHE A 1 53  ? 13.646  -2.926  -3.933  1.00 18.73 ? 144  PHE A C   1 
ATOM   386  O O   . PHE A 1 53  ? 13.983  -1.945  -3.220  1.00 17.96 ? 144  PHE A O   1 
ATOM   387  C CB  . PHE A 1 53  ? 14.565  -5.281  -4.006  1.00 17.21 ? 144  PHE A CB  1 
ATOM   388  C CG  . PHE A 1 53  ? 14.734  -5.408  -2.531  1.00 17.48 ? 144  PHE A CG  1 
ATOM   389  C CD1 . PHE A 1 53  ? 13.626  -5.291  -1.685  1.00 13.97 ? 144  PHE A CD1 1 
ATOM   390  C CD2 . PHE A 1 53  ? 15.991  -5.698  -1.971  1.00 19.46 ? 144  PHE A CD2 1 
ATOM   391  C CE1 . PHE A 1 53  ? 13.733  -5.443  -0.307  1.00 14.89 ? 144  PHE A CE1 1 
ATOM   392  C CE2 . PHE A 1 53  ? 16.119  -5.884  -0.519  1.00 16.28 ? 144  PHE A CE2 1 
ATOM   393  C CZ  . PHE A 1 53  ? 14.947  -5.756  0.290   1.00 16.17 ? 144  PHE A CZ  1 
ATOM   394  N N   . ALA A 1 54  ? 12.389  -3.181  -4.246  1.00 16.89 ? 145  ALA A N   1 
ATOM   395  C CA  . ALA A 1 54  ? 11.332  -2.320  -3.669  1.00 17.48 ? 145  ALA A CA  1 
ATOM   396  C C   . ALA A 1 54  ? 10.191  -3.236  -3.259  1.00 17.77 ? 145  ALA A C   1 
ATOM   397  O O   . ALA A 1 54  ? 9.928   -4.237  -3.971  1.00 19.05 ? 145  ALA A O   1 
ATOM   398  C CB  . ALA A 1 54  ? 10.895  -1.262  -4.662  1.00 16.65 ? 145  ALA A CB  1 
ATOM   399  N N   . LEU A 1 55  ? 9.588   -2.989  -2.102  1.00 16.80 ? 146  LEU A N   1 
ATOM   400  C CA  . LEU A 1 55  ? 8.417   -3.769  -1.707  1.00 18.56 ? 146  LEU A CA  1 
ATOM   401  C C   . LEU A 1 55  ? 7.157   -2.890  -1.843  1.00 20.11 ? 146  LEU A C   1 
ATOM   402  O O   . LEU A 1 55  ? 7.004   -1.915  -1.089  1.00 19.00 ? 146  LEU A O   1 
ATOM   403  C CB  . LEU A 1 55  ? 8.576   -4.320  -0.292  1.00 18.87 ? 146  LEU A CB  1 
ATOM   404  C CG  . LEU A 1 55  ? 9.885   -5.010  0.030   1.00 20.62 ? 146  LEU A CG  1 
ATOM   405  C CD1 . LEU A 1 55  ? 9.930   -5.297  1.489   1.00 24.60 ? 146  LEU A CD1 1 
ATOM   406  C CD2 . LEU A 1 55  ? 10.117  -6.238  -0.803  1.00 21.41 ? 146  LEU A CD2 1 
ATOM   407  N N   . THR A 1 56  ? 6.295   -3.183  -2.830  1.00 20.92 ? 147  THR A N   1 
ATOM   408  C CA  . THR A 1 56  ? 5.202   -2.247  -3.181  1.00 21.64 ? 147  THR A CA  1 
ATOM   409  C C   . THR A 1 56  ? 4.072   -2.968  -3.918  1.00 22.64 ? 147  THR A C   1 
ATOM   410  O O   . THR A 1 56  ? 4.354   -3.928  -4.720  1.00 20.09 ? 147  THR A O   1 
ATOM   411  C CB  . THR A 1 56  ? 5.744   -1.093  -4.098  1.00 23.10 ? 147  THR A CB  1 
ATOM   412  O OG1 . THR A 1 56  ? 4.671   -0.262  -4.531  1.00 24.96 ? 147  THR A OG1 1 
ATOM   413  C CG2 . THR A 1 56  ? 6.418   -1.597  -5.317  1.00 21.42 ? 147  THR A CG2 1 
ATOM   414  N N   . ALA A 1 57  ? 2.822   -2.535  -3.688  1.00 20.19 ? 148  ALA A N   1 
ATOM   415  C CA  . ALA A 1 57  ? 1.746   -2.896  -4.657  1.00 20.89 ? 148  ALA A CA  1 
ATOM   416  C C   . ALA A 1 57  ? 2.123   -2.565  -6.084  1.00 20.95 ? 148  ALA A C   1 
ATOM   417  O O   . ALA A 1 57  ? 2.771   -1.573  -6.387  1.00 19.64 ? 148  ALA A O   1 
ATOM   418  C CB  . ALA A 1 57  ? 0.361   -2.234  -4.297  1.00 20.32 ? 148  ALA A CB  1 
ATOM   419  N N   . ALA A 1 58  ? 1.671   -3.397  -7.017  1.00 22.12 ? 149  ALA A N   1 
ATOM   420  C CA  . ALA A 1 58  ? 1.829   -3.099  -8.418  1.00 23.70 ? 149  ALA A CA  1 
ATOM   421  C C   . ALA A 1 58  ? 0.937   -4.121  -9.156  1.00 25.70 ? 149  ALA A C   1 
ATOM   422  O O   . ALA A 1 58  ? 0.352   -5.021  -8.543  1.00 24.59 ? 149  ALA A O   1 
ATOM   423  C CB  . ALA A 1 58  ? 3.322   -3.227  -8.876  1.00 24.23 ? 149  ALA A CB  1 
ATOM   424  N N   . HIS A 1 59  ? 0.831   -3.944  -10.465 1.00 30.59 ? 150  HIS A N   1 
ATOM   425  C CA  . HIS A 1 59  ? 0.167   -4.974  -11.302 1.00 34.33 ? 150  HIS A CA  1 
ATOM   426  C C   . HIS A 1 59  ? 1.236   -5.533  -12.235 1.00 35.66 ? 150  HIS A C   1 
ATOM   427  O O   . HIS A 1 59  ? 1.818   -4.762  -13.007 1.00 35.10 ? 150  HIS A O   1 
ATOM   428  C CB  . HIS A 1 59  ? -1.022  -4.404  -12.092 1.00 34.15 ? 150  HIS A CB  1 
ATOM   429  C CG  . HIS A 1 59  ? -2.025  -3.676  -11.242 1.00 36.29 ? 150  HIS A CG  1 
ATOM   430  N ND1 . HIS A 1 59  ? -3.194  -4.261  -10.807 1.00 37.90 ? 150  HIS A ND1 1 
ATOM   431  C CD2 . HIS A 1 59  ? -2.039  -2.405  -10.770 1.00 35.86 ? 150  HIS A CD2 1 
ATOM   432  C CE1 . HIS A 1 59  ? -3.874  -3.393  -10.080 1.00 40.07 ? 150  HIS A CE1 1 
ATOM   433  N NE2 . HIS A 1 59  ? -3.194  -2.258  -10.044 1.00 39.01 ? 150  HIS A NE2 1 
ATOM   434  N N   . LYS A 1 60  ? 1.518   -6.835  -12.100 1.00 38.71 ? 151  LYS A N   1 
ATOM   435  C CA  . LYS A 1 60  ? 2.345   -7.618  -13.077 1.00 42.10 ? 151  LYS A CA  1 
ATOM   436  C C   . LYS A 1 60  ? 2.536   -6.963  -14.438 1.00 43.46 ? 151  LYS A C   1 
ATOM   437  O O   . LYS A 1 60  ? 3.666   -6.813  -14.908 1.00 44.52 ? 151  LYS A O   1 
ATOM   438  C CB  . LYS A 1 60  ? 1.732   -8.995  -13.339 1.00 43.43 ? 151  LYS A CB  1 
ATOM   439  C CG  . LYS A 1 60  ? 2.578   -10.171 -12.862 1.00 46.21 ? 151  LYS A CG  1 
ATOM   440  C CD  . LYS A 1 60  ? 1.715   -11.432 -12.785 1.00 51.42 ? 151  LYS A CD  1 
ATOM   441  C CE  . LYS A 1 60  ? 2.006   -12.248 -11.478 1.00 54.09 ? 151  LYS A CE  1 
ATOM   442  N NZ  . LYS A 1 60  ? 1.265   -13.585 -11.389 1.00 54.24 ? 151  LYS A NZ  1 
ATOM   443  N N   . HIS A 1 61  ? 1.423   -6.583  -15.070 1.00 44.92 ? 152  HIS A N   1 
ATOM   444  C CA  . HIS A 1 61  ? 1.402   -6.221  -16.479 1.00 45.98 ? 152  HIS A CA  1 
ATOM   445  C C   . HIS A 1 61  ? 1.909   -4.800  -16.792 1.00 45.61 ? 152  HIS A C   1 
ATOM   446  O O   . HIS A 1 61  ? 2.225   -4.515  -17.951 1.00 45.35 ? 152  HIS A O   1 
ATOM   447  C CB  . HIS A 1 61  ? -0.008  -6.486  -17.086 1.00 47.33 ? 152  HIS A CB  1 
ATOM   448  C CG  . HIS A 1 61  ? -0.346  -7.949  -17.266 1.00 50.93 ? 152  HIS A CG  1 
ATOM   449  N ND1 . HIS A 1 61  ? -1.385  -8.570  -16.595 1.00 54.94 ? 152  HIS A ND1 1 
ATOM   450  C CD2 . HIS A 1 61  ? 0.227   -8.914  -18.036 1.00 54.01 ? 152  HIS A CD2 1 
ATOM   451  C CE1 . HIS A 1 61  ? -1.446  -9.846  -16.949 1.00 55.55 ? 152  HIS A CE1 1 
ATOM   452  N NE2 . HIS A 1 61  ? -0.477  -10.080 -17.820 1.00 55.72 ? 152  HIS A NE2 1 
ATOM   453  N N   . ASP A 1 62  ? 2.003   -3.918  -15.786 1.00 44.95 ? 153  ASP A N   1 
ATOM   454  C CA  . ASP A 1 62  ? 2.429   -2.527  -16.019 1.00 44.85 ? 153  ASP A CA  1 
ATOM   455  C C   . ASP A 1 62  ? 3.963   -2.405  -15.940 1.00 44.60 ? 153  ASP A C   1 
ATOM   456  O O   . ASP A 1 62  ? 4.564   -1.416  -16.403 1.00 44.26 ? 153  ASP A O   1 
ATOM   457  C CB  . ASP A 1 62  ? 1.821   -1.560  -14.970 1.00 45.61 ? 153  ASP A CB  1 
ATOM   458  C CG  . ASP A 1 62  ? 0.293   -1.622  -14.898 0.50 44.94 ? 153  ASP A CG  1 
ATOM   459  O OD1 . ASP A 1 62  ? -0.355  -1.707  -15.963 0.50 44.15 ? 153  ASP A OD1 1 
ATOM   460  O OD2 . ASP A 1 62  ? -0.243  -1.556  -13.770 0.50 43.97 ? 153  ASP A OD2 1 
ATOM   461  N N   . ILE A 1 63  ? 4.561   -3.439  -15.344 1.00 44.25 ? 154  ILE A N   1 
ATOM   462  C CA  . ILE A 1 63  ? 5.943   -3.465  -14.854 1.00 43.82 ? 154  ILE A CA  1 
ATOM   463  C C   . ILE A 1 63  ? 6.937   -3.683  -15.981 1.00 44.24 ? 154  ILE A C   1 
ATOM   464  O O   . ILE A 1 63  ? 6.800   -4.686  -16.698 1.00 42.81 ? 154  ILE A O   1 
ATOM   465  C CB  . ILE A 1 63  ? 6.034   -4.615  -13.850 1.00 44.32 ? 154  ILE A CB  1 
ATOM   466  C CG1 . ILE A 1 63  ? 5.258   -4.236  -12.579 1.00 43.32 ? 154  ILE A CG1 1 
ATOM   467  C CG2 . ILE A 1 63  ? 7.487   -5.033  -13.545 1.00 43.68 ? 154  ILE A CG2 1 
ATOM   468  C CD1 . ILE A 1 63  ? 5.026   -5.393  -11.683 1.00 46.18 ? 154  ILE A CD1 1 
ATOM   469  N N   . ASP A 1 64  ? 7.923   -2.778  -16.130 1.00 44.02 ? 155  ASP A N   1 
ATOM   470  C CA  . ASP A 1 64  ? 8.944   -2.897  -17.213 1.00 45.60 ? 155  ASP A CA  1 
ATOM   471  C C   . ASP A 1 64  ? 9.551   -4.277  -17.273 1.00 45.68 ? 155  ASP A C   1 
ATOM   472  O O   . ASP A 1 64  ? 9.551   -4.995  -16.263 1.00 45.07 ? 155  ASP A O   1 
ATOM   473  C CB  . ASP A 1 64  ? 10.082  -1.893  -17.082 1.00 46.59 ? 155  ASP A CB  1 
ATOM   474  C CG  . ASP A 1 64  ? 9.592   -0.480  -16.881 1.00 49.32 ? 155  ASP A CG  1 
ATOM   475  O OD1 . ASP A 1 64  ? 8.389   -0.213  -17.135 1.00 51.95 ? 155  ASP A OD1 1 
ATOM   476  O OD2 . ASP A 1 64  ? 10.407  0.376   -16.452 1.00 50.00 ? 155  ASP A OD2 1 
ATOM   477  N N   . THR A 1 65  ? 10.054  -4.628  -18.465 1.00 45.93 ? 156  THR A N   1 
ATOM   478  C CA  . THR A 1 65  ? 10.691  -5.926  -18.757 1.00 46.18 ? 156  THR A CA  1 
ATOM   479  C C   . THR A 1 65  ? 11.924  -6.165  -17.925 1.00 44.84 ? 156  THR A C   1 
ATOM   480  O O   . THR A 1 65  ? 12.266  -7.325  -17.702 1.00 44.81 ? 156  THR A O   1 
ATOM   481  C CB  . THR A 1 65  ? 11.189  -6.002  -20.211 1.00 46.32 ? 156  THR A CB  1 
ATOM   482  O OG1 . THR A 1 65  ? 10.260  -5.335  -21.067 1.00 49.42 ? 156  THR A OG1 1 
ATOM   483  C CG2 . THR A 1 65  ? 11.389  -7.465  -20.662 1.00 46.96 ? 156  THR A CG2 1 
ATOM   484  N N   . ASP A 1 66  ? 12.588  -5.071  -17.508 1.00 44.24 ? 157  ASP A N   1 
ATOM   485  C CA  . ASP A 1 66  ? 13.836  -5.132  -16.699 1.00 42.75 ? 157  ASP A CA  1 
ATOM   486  C C   . ASP A 1 66  ? 13.594  -5.775  -15.342 1.00 40.56 ? 157  ASP A C   1 
ATOM   487  O O   . ASP A 1 66  ? 14.511  -6.382  -14.726 1.00 39.46 ? 157  ASP A O   1 
ATOM   488  C CB  . ASP A 1 66  ? 14.371  -3.730  -16.405 1.00 44.47 ? 157  ASP A CB  1 
ATOM   489  C CG  . ASP A 1 66  ? 14.799  -2.983  -17.642 1.00 47.23 ? 157  ASP A CG  1 
ATOM   490  O OD1 . ASP A 1 66  ? 15.183  -3.633  -18.644 1.00 51.81 ? 157  ASP A OD1 1 
ATOM   491  O OD2 . ASP A 1 66  ? 14.764  -1.728  -17.593 1.00 53.01 ? 157  ASP A OD2 1 
ATOM   492  N N   . LEU A 1 67  ? 12.364  -5.578  -14.865 1.00 36.93 ? 158  LEU A N   1 
ATOM   493  C CA  . LEU A 1 67  ? 12.042  -5.860  -13.499 1.00 33.55 ? 158  LEU A CA  1 
ATOM   494  C C   . LEU A 1 67  ? 11.392  -7.195  -13.384 1.00 33.27 ? 158  LEU A C   1 
ATOM   495  O O   . LEU A 1 67  ? 10.580  -7.588  -14.223 1.00 32.19 ? 158  LEU A O   1 
ATOM   496  C CB  . LEU A 1 67  ? 11.151  -4.738  -12.945 1.00 34.06 ? 158  LEU A CB  1 
ATOM   497  C CG  . LEU A 1 67  ? 11.745  -3.325  -13.171 1.00 33.27 ? 158  LEU A CG  1 
ATOM   498  C CD1 . LEU A 1 67  ? 10.751  -2.219  -12.802 1.00 35.47 ? 158  LEU A CD1 1 
ATOM   499  C CD2 . LEU A 1 67  ? 13.082  -3.114  -12.395 1.00 35.33 ? 158  LEU A CD2 1 
ATOM   500  N N   . GLU A 1 68  ? 11.753  -7.933  -12.362 1.00 32.04 ? 159  GLU A N   1 
ATOM   501  C CA  . GLU A 1 68  ? 10.967  -9.067  -12.030 1.00 32.01 ? 159  GLU A CA  1 
ATOM   502  C C   . GLU A 1 68  ? 10.114  -8.717  -10.820 1.00 32.15 ? 159  GLU A C   1 
ATOM   503  O O   . GLU A 1 68  ? 10.429  -7.797  -10.039 1.00 30.18 ? 159  GLU A O   1 
ATOM   504  C CB  . GLU A 1 68  ? 11.796  -10.328 -11.785 1.00 32.31 ? 159  GLU A CB  1 
ATOM   505  C CG  . GLU A 1 68  ? 12.550  -10.472 -10.517 0.50 32.25 ? 159  GLU A CG  1 
ATOM   506  C CD  . GLU A 1 68  ? 13.462  -11.683 -10.600 0.50 35.01 ? 159  GLU A CD  1 
ATOM   507  O OE1 . GLU A 1 68  ? 13.198  -12.547 -11.478 0.50 34.62 ? 159  GLU A OE1 1 
ATOM   508  O OE2 . GLU A 1 68  ? 14.445  -11.766 -9.829  0.50 36.47 ? 159  GLU A OE2 1 
ATOM   509  N N   . ALA A 1 69  ? 9.057   -9.499  -10.678 1.00 31.84 ? 160  ALA A N   1 
ATOM   510  C CA  . ALA A 1 69  ? 8.039   -9.198  -9.738  1.00 32.13 ? 160  ALA A CA  1 
ATOM   511  C C   . ALA A 1 69  ? 7.635   -10.473 -9.101  1.00 31.67 ? 160  ALA A C   1 
ATOM   512  O O   . ALA A 1 69  ? 6.959   -11.288 -9.707  1.00 33.51 ? 160  ALA A O   1 
ATOM   513  C CB  . ALA A 1 69  ? 6.892   -8.511  -10.440 1.00 32.28 ? 160  ALA A CB  1 
ATOM   514  N N   . GLN A 1 70  ? 8.128   -10.656 -7.897  1.00 31.23 ? 161  GLN A N   1 
ATOM   515  C CA  . GLN A 1 70  ? 7.870   -11.779 -7.061  1.00 31.27 ? 161  GLN A CA  1 
ATOM   516  C C   . GLN A 1 70  ? 6.746   -11.345 -6.133  1.00 31.20 ? 161  GLN A C   1 
ATOM   517  O O   . GLN A 1 70  ? 6.967   -10.568 -5.164  1.00 30.36 ? 161  GLN A O   1 
ATOM   518  C CB  . GLN A 1 70  ? 9.126   -12.187 -6.252  1.00 31.84 ? 161  GLN A CB  1 
ATOM   519  C CG  . GLN A 1 70  ? 8.858   -13.238 -5.142  1.00 36.11 ? 161  GLN A CG  1 
ATOM   520  C CD  . GLN A 1 70  ? 9.887   -13.287 -3.963  1.00 43.24 ? 161  GLN A CD  1 
ATOM   521  O OE1 . GLN A 1 70  ? 11.022  -12.775 -4.055  1.00 43.95 ? 161  GLN A OE1 1 
ATOM   522  N NE2 . GLN A 1 70  ? 9.479   -13.948 -2.848  1.00 43.92 ? 161  GLN A NE2 1 
ATOM   523  N N   . PRO A 1 71  ? 5.531   -11.878 -6.390  1.00 29.63 ? 162  PRO A N   1 
ATOM   524  C CA  . PRO A 1 71  ? 4.394   -11.670 -5.500  1.00 28.34 ? 162  PRO A CA  1 
ATOM   525  C C   . PRO A 1 71  ? 4.659   -12.179 -4.095  1.00 28.09 ? 162  PRO A C   1 
ATOM   526  O O   . PRO A 1 71  ? 5.178   -13.261 -3.887  1.00 26.50 ? 162  PRO A O   1 
ATOM   527  C CB  . PRO A 1 71  ? 3.244   -12.464 -6.203  1.00 28.67 ? 162  PRO A CB  1 
ATOM   528  C CG  . PRO A 1 71  ? 3.957   -13.392 -7.215  1.00 29.20 ? 162  PRO A CG  1 
ATOM   529  C CD  . PRO A 1 71  ? 5.171   -12.620 -7.616  1.00 30.17 ? 162  PRO A CD  1 
ATOM   530  N N   . LEU A 1 72  ? 4.298   -11.381 -3.109  1.00 26.33 ? 163  LEU A N   1 
ATOM   531  C CA  . LEU A 1 72  ? 4.470   -11.757 -1.746  1.00 27.25 ? 163  LEU A CA  1 
ATOM   532  C C   . LEU A 1 72  ? 3.119   -12.102 -1.112  1.00 27.81 ? 163  LEU A C   1 
ATOM   533  O O   . LEU A 1 72  ? 2.991   -13.085 -0.370  1.00 29.10 ? 163  LEU A O   1 
ATOM   534  C CB  . LEU A 1 72  ? 5.176   -10.605 -0.963  1.00 28.13 ? 163  LEU A CB  1 
ATOM   535  C CG  . LEU A 1 72  ? 6.652   -10.315 -1.239  1.00 31.50 ? 163  LEU A CG  1 
ATOM   536  C CD1 . LEU A 1 72  ? 7.100   -9.110  -0.401  1.00 35.58 ? 163  LEU A CD1 1 
ATOM   537  C CD2 . LEU A 1 72  ? 7.573   -11.556 -0.944  1.00 30.00 ? 163  LEU A CD2 1 
ATOM   538  N N   . TYR A 1 73  ? 2.096   -11.270 -1.371  1.00 27.69 ? 164  TYR A N   1 
ATOM   539  C CA  . TYR A 1 73  ? 0.767   -11.442 -0.767  1.00 27.40 ? 164  TYR A CA  1 
ATOM   540  C C   . TYR A 1 73  ? -0.178  -10.443 -1.444  1.00 26.54 ? 164  TYR A C   1 
ATOM   541  O O   . TYR A 1 73  ? 0.248   -9.575  -2.225  1.00 25.44 ? 164  TYR A O   1 
ATOM   542  C CB  . TYR A 1 73  ? 0.727   -11.280 0.772   1.00 28.71 ? 164  TYR A CB  1 
ATOM   543  C CG  . TYR A 1 73  ? 1.277   -9.967  1.316   1.00 31.12 ? 164  TYR A CG  1 
ATOM   544  C CD1 . TYR A 1 73  ? 0.429   -8.858  1.561   1.00 31.65 ? 164  TYR A CD1 1 
ATOM   545  C CD2 . TYR A 1 73  ? 2.649   -9.825  1.586   1.00 29.51 ? 164  TYR A CD2 1 
ATOM   546  C CE1 . TYR A 1 73  ? 0.945   -7.657  2.057   0.50 30.00 ? 164  TYR A CE1 1 
ATOM   547  C CE2 . TYR A 1 73  ? 3.177   -8.593  2.062   1.00 32.99 ? 164  TYR A CE2 1 
ATOM   548  C CZ  . TYR A 1 73  ? 2.314   -7.541  2.302   0.50 30.78 ? 164  TYR A CZ  1 
ATOM   549  O OH  . TYR A 1 73  ? 2.840   -6.366  2.776   0.50 34.22 ? 164  TYR A OH  1 
ATOM   550  N N   . VAL A 1 74  ? -1.460  -10.627 -1.166  1.00 26.06 ? 165  VAL A N   1 
ATOM   551  C CA  . VAL A 1 74  ? -2.490  -9.698  -1.601  1.00 24.91 ? 165  VAL A CA  1 
ATOM   552  C C   . VAL A 1 74  ? -2.877  -8.707  -0.487  1.00 24.52 ? 165  VAL A C   1 
ATOM   553  O O   . VAL A 1 74  ? -3.108  -9.093  0.656   1.00 24.91 ? 165  VAL A O   1 
ATOM   554  C CB  . VAL A 1 74  ? -3.763  -10.439 -2.243  1.00 25.96 ? 165  VAL A CB  1 
ATOM   555  C CG1 . VAL A 1 74  ? -4.839  -9.402  -2.640  1.00 23.76 ? 165  VAL A CG1 1 
ATOM   556  C CG2 . VAL A 1 74  ? -3.377  -11.231 -3.510  1.00 24.44 ? 165  VAL A CG2 1 
ATOM   557  N N   . SER A 1 75  ? -2.927  -7.411  -0.842  1.00 24.89 ? 166  SER A N   1 
ATOM   558  C CA  . SER A 1 75  ? -3.280  -6.345  0.114   1.00 23.80 ? 166  SER A CA  1 
ATOM   559  C C   . SER A 1 75  ? -4.730  -6.552  0.656   1.00 23.83 ? 166  SER A C   1 
ATOM   560  O O   . SER A 1 75  ? -5.486  -7.354  0.083   1.00 22.89 ? 166  SER A O   1 
ATOM   561  C CB  . SER A 1 75  ? -3.105  -4.993  -0.600  1.00 23.05 ? 166  SER A CB  1 
ATOM   562  O OG  . SER A 1 75  ? -4.184  -4.735  -1.506  1.00 24.38 ? 166  SER A OG  1 
ATOM   563  N N   . ASP A 1 76  ? -5.098  -5.930  1.786   1.00 22.73 ? 167  ASP A N   1 
ATOM   564  C CA  . ASP A 1 76  ? -6.504  -5.923  2.271   1.00 22.55 ? 167  ASP A CA  1 
ATOM   565  C C   . ASP A 1 76  ? -6.914  -4.436  2.274   1.00 21.08 ? 167  ASP A C   1 
ATOM   566  O O   . ASP A 1 76  ? -6.543  -3.700  3.174   1.00 21.47 ? 167  ASP A O   1 
ATOM   567  C CB  . ASP A 1 76  ? -6.630  -6.554  3.669   1.00 22.77 ? 167  ASP A CB  1 
ATOM   568  C CG  . ASP A 1 76  ? -8.057  -6.520  4.252   1.00 28.67 ? 167  ASP A CG  1 
ATOM   569  O OD1 . ASP A 1 76  ? -9.035  -6.149  3.580   1.00 31.08 ? 167  ASP A OD1 1 
ATOM   570  O OD2 . ASP A 1 76  ? -8.197  -6.827  5.470   1.00 34.26 ? 167  ASP A OD2 1 
ATOM   571  N N   . VAL A 1 77  ? -7.644  -4.032  1.245   1.00 19.75 ? 168  VAL A N   1 
ATOM   572  C CA  . VAL A 1 77  ? -8.005  -2.598  1.104   1.00 19.28 ? 168  VAL A CA  1 
ATOM   573  C C   . VAL A 1 77  ? -9.285  -2.347  1.892   1.00 16.71 ? 168  VAL A C   1 
ATOM   574  O O   . VAL A 1 77  ? -10.221 -3.160  1.746   1.00 17.09 ? 168  VAL A O   1 
ATOM   575  C CB  . VAL A 1 77  ? -8.187  -2.216  -0.344  1.00 20.37 ? 168  VAL A CB  1 
ATOM   576  C CG1 . VAL A 1 77  ? -8.747  -0.752  -0.437  1.00 23.84 ? 168  VAL A CG1 1 
ATOM   577  C CG2 . VAL A 1 77  ? -6.798  -2.301  -1.067  1.00 22.58 ? 168  VAL A CG2 1 
ATOM   578  N N   . VAL A 1 78  ? -9.341  -1.269  2.704   1.00 14.83 ? 169  VAL A N   1 
ATOM   579  C CA  . VAL A 1 78  ? -10.574 -0.958  3.443   1.00 13.89 ? 169  VAL A CA  1 
ATOM   580  C C   . VAL A 1 78  ? -11.056 0.445   3.003   1.00 12.87 ? 169  VAL A C   1 
ATOM   581  O O   . VAL A 1 78  ? -10.239 1.254   2.551   1.00 12.46 ? 169  VAL A O   1 
ATOM   582  C CB  . VAL A 1 78  ? -10.444 -1.028  4.966   1.00 14.14 ? 169  VAL A CB  1 
ATOM   583  C CG1 . VAL A 1 78  ? -10.068 -2.544  5.420   1.00 18.90 ? 169  VAL A CG1 1 
ATOM   584  C CG2 . VAL A 1 78  ? -9.355  -0.157  5.480   1.00 16.38 ? 169  VAL A CG2 1 
ATOM   585  N N   . ILE A 1 79  ? -12.354 0.688   3.122   1.00 13.89 ? 170  ILE A N   1 
ATOM   586  C CA  . ILE A 1 79  ? -12.906 2.079   2.946   1.00 12.75 ? 170  ILE A CA  1 
ATOM   587  C C   . ILE A 1 79  ? -13.027 2.647   4.341   1.00 13.09 ? 170  ILE A C   1 
ATOM   588  O O   . ILE A 1 79  ? -13.493 1.943   5.279   1.00 15.31 ? 170  ILE A O   1 
ATOM   589  C CB  . ILE A 1 79  ? -14.236 1.996   2.234   1.00 13.62 ? 170  ILE A CB  1 
ATOM   590  C CG1 . ILE A 1 79  ? -13.986 1.533   0.768   1.00 13.62 ? 170  ILE A CG1 1 
ATOM   591  C CG2 . ILE A 1 79  ? -14.940 3.384   2.221   1.00 11.89 ? 170  ILE A CG2 1 
ATOM   592  C CD1 . ILE A 1 79  ? -15.294 0.963   0.115   1.00 19.73 ? 170  ILE A CD1 1 
ATOM   593  N N   . VAL A 1 80  ? -12.547 3.865   4.517   1.00 10.78 ? 171  VAL A N   1 
ATOM   594  C CA  . VAL A 1 80  ? -12.419 4.450   5.781   1.00 11.01 ? 171  VAL A CA  1 
ATOM   595  C C   . VAL A 1 80  ? -13.057 5.805   5.797   1.00 11.07 ? 171  VAL A C   1 
ATOM   596  O O   . VAL A 1 80  ? -12.933 6.514   4.807   1.00 11.38 ? 171  VAL A O   1 
ATOM   597  C CB  . VAL A 1 80  ? -10.930 4.599   6.102   1.00 10.73 ? 171  VAL A CB  1 
ATOM   598  C CG1 . VAL A 1 80  ? -10.678 5.370   7.429   1.00 9.73  ? 171  VAL A CG1 1 
ATOM   599  C CG2 . VAL A 1 80  ? -10.388 3.086   6.147   1.00 11.95 ? 171  VAL A CG2 1 
ATOM   600  N N   . GLY A 1 81  ? -13.767 6.125   6.882   1.00 13.14 ? 172  GLY A N   1 
ATOM   601  C CA  . GLY A 1 81  ? -14.325 7.518   7.034   1.00 13.03 ? 172  GLY A CA  1 
ATOM   602  C C   . GLY A 1 81  ? -14.319 7.884   8.516   1.00 14.23 ? 172  GLY A C   1 
ATOM   603  O O   . GLY A 1 81  ? -13.976 7.056   9.356   1.00 12.25 ? 172  GLY A O   1 
ATOM   604  N N   . GLN A 1 82  ? -14.613 9.145   8.852   1.00 15.41 ? 173  GLN A N   1 
ATOM   605  C CA  . GLN A 1 82  ? -14.656 9.570   10.256  1.00 17.02 ? 173  GLN A CA  1 
ATOM   606  C C   . GLN A 1 82  ? -15.709 8.655   10.953  1.00 17.43 ? 173  GLN A C   1 
ATOM   607  O O   . GLN A 1 82  ? -16.651 8.122   10.312  1.00 17.31 ? 173  GLN A O   1 
ATOM   608  C CB  . GLN A 1 82  ? -15.064 11.047  10.279  1.00 17.61 ? 173  GLN A CB  1 
ATOM   609  C CG  . GLN A 1 82  ? -16.583 11.157  9.792   1.00 19.77 ? 173  GLN A CG  1 
ATOM   610  C CD  . GLN A 1 82  ? -17.572 11.493  10.911  1.00 29.14 ? 173  GLN A CD  1 
ATOM   611  O OE1 . GLN A 1 82  ? -17.395 11.105  12.092  1.00 26.53 ? 173  GLN A OE1 1 
ATOM   612  N NE2 . GLN A 1 82  ? -18.603 12.273  10.546  1.00 28.41 ? 173  GLN A NE2 1 
ATOM   613  N N   . ARG A 1 83  ? -15.499 8.422   12.248  1.00 19.65 ? 174  ARG A N   1 
ATOM   614  C CA  . ARG A 1 83  ? -16.186 7.406   13.006  1.00 20.55 ? 174  ARG A CA  1 
ATOM   615  C C   . ARG A 1 83  ? -17.742 7.482   12.955  1.00 21.72 ? 174  ARG A C   1 
ATOM   616  O O   . ARG A 1 83  ? -18.422 6.470   13.075  1.00 24.16 ? 174  ARG A O   1 
ATOM   617  C CB  . ARG A 1 83  ? -15.783 7.620   14.477  1.00 21.17 ? 174  ARG A CB  1 
ATOM   618  C CG  . ARG A 1 83  ? -15.893 6.393   15.292  1.00 27.57 ? 174  ARG A CG  1 
ATOM   619  C CD  . ARG A 1 83  ? -15.242 6.669   16.643  1.00 30.39 ? 174  ARG A CD  1 
ATOM   620  N NE  . ARG A 1 83  ? -15.900 7.775   17.356  0.50 30.03 ? 174  ARG A NE  1 
ATOM   621  C CZ  . ARG A 1 83  ? -17.074 7.676   17.981  0.50 29.07 ? 174  ARG A CZ  1 
ATOM   622  N NH1 . ARG A 1 83  ? -17.759 6.541   17.968  0.50 29.53 ? 174  ARG A NH1 1 
ATOM   623  N NH2 . ARG A 1 83  ? -17.587 8.728   18.586  0.50 28.62 ? 174  ARG A NH2 1 
ATOM   624  N N   . GLN A 1 84  ? -18.263 8.690   12.902  1.00 19.82 ? 175  GLN A N   1 
ATOM   625  C CA  . GLN A 1 84  ? -19.744 8.899   12.881  1.00 21.17 ? 175  GLN A CA  1 
ATOM   626  C C   . GLN A 1 84  ? -20.229 9.144   11.456  1.00 19.96 ? 175  GLN A C   1 
ATOM   627  O O   . GLN A 1 84  ? -21.365 9.623   11.267  1.00 19.39 ? 175  GLN A O   1 
ATOM   628  C CB  . GLN A 1 84  ? -20.039 10.201  13.644  1.00 21.63 ? 175  GLN A CB  1 
ATOM   629  C CG  . GLN A 1 84  ? -19.646 10.255  15.119  1.00 31.26 ? 175  GLN A CG  1 
ATOM   630  C CD  . GLN A 1 84  ? -20.598 9.470   15.954  1.00 39.03 ? 175  GLN A CD  1 
ATOM   631  O OE1 . GLN A 1 84  ? -20.701 8.263   15.792  1.00 41.19 ? 175  GLN A OE1 1 
ATOM   632  N NE2 . GLN A 1 84  ? -21.362 10.156  16.819  1.00 40.32 ? 175  GLN A NE2 1 
ATOM   633  N N   . HIS A 1 85  ? -19.398 8.880   10.438  1.00 15.44 ? 176  HIS A N   1 
ATOM   634  C CA  . HIS A 1 85  ? -19.883 8.970   9.029   1.00 14.40 ? 176  HIS A CA  1 
ATOM   635  C C   . HIS A 1 85  ? -21.307 8.436   8.769   1.00 14.06 ? 176  HIS A C   1 
ATOM   636  O O   . HIS A 1 85  ? -21.655 7.338   9.194   1.00 15.87 ? 176  HIS A O   1 
ATOM   637  C CB  . HIS A 1 85  ? -18.974 8.242   8.024   1.00 12.74 ? 176  HIS A CB  1 
ATOM   638  C CG  . HIS A 1 85  ? -18.992 8.897   6.672   1.00 11.43 ? 176  HIS A CG  1 
ATOM   639  N ND1 . HIS A 1 85  ? -19.886 8.545   5.691   1.00 15.35 ? 176  HIS A ND1 1 
ATOM   640  C CD2 . HIS A 1 85  ? -18.255 9.909   6.156   1.00 12.56 ? 176  HIS A CD2 1 
ATOM   641  C CE1 . HIS A 1 85  ? -19.702 9.299   4.615   1.00 12.36 ? 176  HIS A CE1 1 
ATOM   642  N NE2 . HIS A 1 85  ? -18.709 10.129  4.869   1.00 13.46 ? 176  HIS A NE2 1 
ATOM   643  N N   . PRO A 1 86  ? -22.117 9.218   8.033   1.00 13.80 ? 177  PRO A N   1 
ATOM   644  C CA  . PRO A 1 86  ? -23.488 8.796   7.628   1.00 14.47 ? 177  PRO A CA  1 
ATOM   645  C C   . PRO A 1 86  ? -23.439 7.415   6.967   1.00 15.25 ? 177  PRO A C   1 
ATOM   646  O O   . PRO A 1 86  ? -24.371 6.631   7.072   1.00 17.63 ? 177  PRO A O   1 
ATOM   647  C CB  . PRO A 1 86  ? -23.864 9.877   6.617   1.00 13.89 ? 177  PRO A CB  1 
ATOM   648  C CG  . PRO A 1 86  ? -23.218 11.076  7.130   1.00 16.60 ? 177  PRO A CG  1 
ATOM   649  C CD  . PRO A 1 86  ? -21.867 10.627  7.707   1.00 11.56 ? 177  PRO A CD  1 
ATOM   650  N N   . MET A 1 87  ? -22.376 7.122   6.223   1.00 15.37 ? 178  MET A N   1 
ATOM   651  C CA  . MET A 1 87  ? -22.255 5.841   5.586   1.00 17.17 ? 178  MET A CA  1 
ATOM   652  C C   . MET A 1 87  ? -21.442 4.798   6.346   1.00 17.53 ? 178  MET A C   1 
ATOM   653  O O   . MET A 1 87  ? -21.152 3.719   5.779   1.00 18.73 ? 178  MET A O   1 
ATOM   654  C CB  . MET A 1 87  ? -21.672 5.962   4.153   1.00 16.64 ? 178  MET A CB  1 
ATOM   655  C CG  . MET A 1 87  ? -22.724 6.177   3.132   1.00 22.73 ? 178  MET A CG  1 
ATOM   656  S SD  . MET A 1 87  ? -23.218 7.874   3.322   1.00 25.88 ? 178  MET A SD  1 
ATOM   657  C CE  . MET A 1 87  ? -24.386 7.914   1.840   1.00 20.52 ? 178  MET A CE  1 
ATOM   658  N N   . ALA A 1 88  ? -21.113 5.050   7.603   1.00 21.30 ? 179  ALA A N   1 
ATOM   659  C CA  . ALA A 1 88  ? -20.312 4.090   8.405   1.00 22.44 ? 179  ALA A CA  1 
ATOM   660  C C   . ALA A 1 88  ? -20.832 2.672   8.398   1.00 24.63 ? 179  ALA A C   1 
ATOM   661  O O   . ALA A 1 88  ? -20.059 1.721   8.474   1.00 25.84 ? 179  ALA A O   1 
ATOM   662  C CB  . ALA A 1 88  ? -20.140 4.584   9.872   1.00 22.31 ? 179  ALA A CB  1 
ATOM   663  N N   . ASN A 1 89  ? -22.126 2.505   8.294   1.00 26.13 ? 180  ASN A N   1 
ATOM   664  C CA  . ASN A 1 89  ? -22.686 1.202   8.461   1.00 26.83 ? 180  ASN A CA  1 
ATOM   665  C C   . ASN A 1 89  ? -22.995 0.594   7.116   1.00 26.14 ? 180  ASN A C   1 
ATOM   666  O O   . ASN A 1 89  ? -23.558 -0.494  7.058   1.00 25.49 ? 180  ASN A O   1 
ATOM   667  C CB  . ASN A 1 89  ? -23.960 1.264   9.382   1.00 27.89 ? 180  ASN A CB  1 
ATOM   668  C CG  . ASN A 1 89  ? -23.696 1.952   10.755  1.00 32.05 ? 180  ASN A CG  1 
ATOM   669  O OD1 . ASN A 1 89  ? -22.838 1.528   11.518  1.00 30.15 ? 180  ASN A OD1 1 
ATOM   670  N ND2 . ASN A 1 89  ? -24.450 3.045   11.045  1.00 35.28 ? 180  ASN A ND2 1 
ATOM   671  N N   . ALA A 1 90  ? -22.593 1.245   6.006   1.00 25.15 ? 181  ALA A N   1 
ATOM   672  C CA  . ALA A 1 90  ? -22.895 0.733   4.653   1.00 25.25 ? 181  ALA A CA  1 
ATOM   673  C C   . ALA A 1 90  ? -22.260 -0.615  4.312   1.00 25.64 ? 181  ALA A C   1 
ATOM   674  O O   . ALA A 1 90  ? -21.196 -0.939  4.798   1.00 26.19 ? 181  ALA A O   1 
ATOM   675  C CB  . ALA A 1 90  ? -22.523 1.728   3.588   1.00 23.73 ? 181  ALA A CB  1 
ATOM   676  N N   . THR A 1 91  ? -22.906 -1.363  3.425   1.00 25.68 ? 182  THR A N   1 
ATOM   677  C CA  . THR A 1 91  ? -22.429 -2.700  3.044   1.00 26.71 ? 182  THR A CA  1 
ATOM   678  C C   . THR A 1 91  ? -22.237 -2.845  1.547   1.00 24.83 ? 182  THR A C   1 
ATOM   679  O O   . THR A 1 91  ? -21.684 -3.818  1.099   1.00 27.70 ? 182  THR A O   1 
ATOM   680  C CB  . THR A 1 91  ? -23.452 -3.776  3.459   1.00 27.41 ? 182  THR A CB  1 
ATOM   681  O OG1 . THR A 1 91  ? -24.595 -3.640  2.587   1.00 26.61 ? 182  THR A OG1 1 
ATOM   682  C CG2 . THR A 1 91  ? -23.850 -3.638  4.898   1.00 29.61 ? 182  THR A CG2 1 
ATOM   683  N N   . ARG A 1 92  ? -22.712 -1.889  0.760   1.00 24.73 ? 183  ARG A N   1 
ATOM   684  C CA  . ARG A 1 92  ? -22.648 -1.987  -0.689  1.00 23.94 ? 183  ARG A CA  1 
ATOM   685  C C   . ARG A 1 92  ? -22.103 -0.701  -1.282  1.00 22.68 ? 183  ARG A C   1 
ATOM   686  O O   . ARG A 1 92  ? -22.453 0.385   -0.824  1.00 22.07 ? 183  ARG A O   1 
ATOM   687  C CB  . ARG A 1 92  ? -24.046 -2.269  -1.321  1.00 24.38 ? 183  ARG A CB  1 
ATOM   688  C CG  . ARG A 1 92  ? -24.853 -3.491  -0.792  1.00 27.59 ? 183  ARG A CG  1 
ATOM   689  C CD  . ARG A 1 92  ? -24.084 -4.777  -1.189  1.00 33.83 ? 183  ARG A CD  1 
ATOM   690  N NE  . ARG A 1 92  ? -24.562 -6.020  -0.574  1.00 33.51 ? 183  ARG A NE  1 
ATOM   691  C CZ  . ARG A 1 92  ? -24.049 -7.239  -0.828  1.00 37.09 ? 183  ARG A CZ  1 
ATOM   692  N NH1 . ARG A 1 92  ? -23.031 -7.395  -1.659  1.00 38.37 ? 183  ARG A NH1 1 
ATOM   693  N NH2 . ARG A 1 92  ? -24.542 -8.317  -0.242  1.00 37.71 ? 183  ARG A NH2 1 
ATOM   694  N N   . LEU A 1 93  ? -21.280 -0.817  -2.329  1.00 22.91 ? 184  LEU A N   1 
ATOM   695  C CA  . LEU A 1 93  ? -20.731 0.360   -3.053  1.00 22.21 ? 184  LEU A CA  1 
ATOM   696  C C   . LEU A 1 93  ? -21.776 1.335   -3.583  1.00 22.96 ? 184  LEU A C   1 
ATOM   697  O O   . LEU A 1 93  ? -21.626 2.552   -3.465  1.00 21.87 ? 184  LEU A O   1 
ATOM   698  C CB  . LEU A 1 93  ? -19.830 -0.080  -4.207  1.00 21.93 ? 184  LEU A CB  1 
ATOM   699  C CG  . LEU A 1 93  ? -18.431 -0.620  -3.904  1.00 20.75 ? 184  LEU A CG  1 
ATOM   700  C CD1 . LEU A 1 93  ? -17.761 -0.957  -5.208  1.00 18.63 ? 184  LEU A CD1 1 
ATOM   701  C CD2 . LEU A 1 93  ? -17.588 0.457   -3.235  1.00 17.98 ? 184  LEU A CD2 1 
ATOM   702  N N   . ALA A 1 94  ? -22.876 0.801   -4.126  1.00 21.37 ? 185  ALA A N   1 
ATOM   703  C CA  . ALA A 1 94  ? -24.009 1.651   -4.531  1.00 21.02 ? 185  ALA A CA  1 
ATOM   704  C C   . ALA A 1 94  ? -24.460 2.610   -3.407  1.00 19.11 ? 185  ALA A C   1 
ATOM   705  O O   . ALA A 1 94  ? -24.867 3.746   -3.691  1.00 20.08 ? 185  ALA A O   1 
ATOM   706  C CB  . ALA A 1 94  ? -25.200 0.815   -5.106  1.00 20.06 ? 185  ALA A CB  1 
ATOM   707  N N   . GLU A 1 95  ? -24.329 2.213   -2.160  1.00 18.76 ? 186  GLU A N   1 
ATOM   708  C CA  . GLU A 1 95  ? -24.731 3.121   -1.065  1.00 20.55 ? 186  GLU A CA  1 
ATOM   709  C C   . GLU A 1 95  ? -23.788 4.320   -0.873  1.00 19.44 ? 186  GLU A C   1 
ATOM   710  O O   . GLU A 1 95  ? -24.140 5.269   -0.191  1.00 19.39 ? 186  GLU A O   1 
ATOM   711  C CB  . GLU A 1 95  ? -24.933 2.394   0.270   1.00 21.08 ? 186  GLU A CB  1 
ATOM   712  C CG  . GLU A 1 95  ? -25.968 1.215   0.267   1.00 26.75 ? 186  GLU A CG  1 
ATOM   713  C CD  . GLU A 1 95  ? -25.937 0.409   1.564   1.00 32.85 ? 186  GLU A CD  1 
ATOM   714  O OE1 . GLU A 1 95  ? -24.964 -0.304  1.837   1.00 27.56 ? 186  GLU A OE1 1 
ATOM   715  O OE2 . GLU A 1 95  ? -26.932 0.435   2.319   1.00 37.09 ? 186  GLU A OE2 1 
ATOM   716  N N   . LEU A 1 96  ? -22.577 4.251   -1.441  1.00 17.16 ? 187  LEU A N   1 
ATOM   717  C CA  . LEU A 1 96  ? -21.533 5.251   -1.226  1.00 15.59 ? 187  LEU A CA  1 
ATOM   718  C C   . LEU A 1 96  ? -21.492 6.194   -2.420  1.00 17.02 ? 187  LEU A C   1 
ATOM   719  O O   . LEU A 1 96  ? -20.719 7.127   -2.457  1.00 15.42 ? 187  LEU A O   1 
ATOM   720  C CB  . LEU A 1 96  ? -20.117 4.589   -1.102  1.00 16.48 ? 187  LEU A CB  1 
ATOM   721  C CG  . LEU A 1 96  ? -20.015 3.471   -0.091  1.00 15.59 ? 187  LEU A CG  1 
ATOM   722  C CD1 . LEU A 1 96  ? -18.581 2.965   0.058   1.00 16.52 ? 187  LEU A CD1 1 
ATOM   723  C CD2 . LEU A 1 96  ? -20.521 3.998   1.233   1.00 16.71 ? 187  LEU A CD2 1 
ATOM   724  N N   . GLN A 1 97  ? -22.358 5.984   -3.390  1.00 16.23 ? 188  GLN A N   1 
ATOM   725  C CA  . GLN A 1 97  ? -22.089 6.590   -4.683  1.00 17.81 ? 188  GLN A CA  1 
ATOM   726  C C   . GLN A 1 97  ? -22.237 8.094   -4.687  1.00 17.08 ? 188  GLN A C   1 
ATOM   727  O O   . GLN A 1 97  ? -21.646 8.760   -5.535  1.00 17.71 ? 188  GLN A O   1 
ATOM   728  C CB  . GLN A 1 97  ? -22.920 5.924   -5.780  1.00 20.59 ? 188  GLN A CB  1 
ATOM   729  C CG  . GLN A 1 97  ? -24.360 6.168   -5.725  1.00 24.00 ? 188  GLN A CG  1 
ATOM   730  C CD  . GLN A 1 97  ? -25.085 5.344   -6.861  1.00 30.85 ? 188  GLN A CD  1 
ATOM   731  O OE1 . GLN A 1 97  ? -25.001 5.687   -8.036  1.00 29.26 ? 188  GLN A OE1 1 
ATOM   732  N NE2 . GLN A 1 97  ? -25.753 4.264   -6.478  1.00 29.64 ? 188  GLN A NE2 1 
ATOM   733  N N   . GLU A 1 98  ? -22.973 8.666   -3.728  1.00 15.76 ? 189  GLU A N   1 
ATOM   734  C CA  . GLU A 1 98  ? -23.011 10.116  -3.608  1.00 16.37 ? 189  GLU A CA  1 
ATOM   735  C C   . GLU A 1 98  ? -21.977 10.727  -2.661  1.00 15.21 ? 189  GLU A C   1 
ATOM   736  O O   . GLU A 1 98  ? -21.938 11.973  -2.465  1.00 15.42 ? 189  GLU A O   1 
ATOM   737  C CB  . GLU A 1 98  ? -24.420 10.534  -3.116  1.00 18.64 ? 189  GLU A CB  1 
ATOM   738  C CG  . GLU A 1 98  ? -25.530 9.959   -3.992  1.00 23.87 ? 189  GLU A CG  1 
ATOM   739  C CD  . GLU A 1 98  ? -25.419 10.590  -5.380  1.00 29.26 ? 189  GLU A CD  1 
ATOM   740  O OE1 . GLU A 1 98  ? -25.009 11.782  -5.440  1.00 27.93 ? 189  GLU A OE1 1 
ATOM   741  O OE2 . GLU A 1 98  ? -25.716 9.898   -6.385  1.00 37.62 ? 189  GLU A OE2 1 
ATOM   742  N N   . CYS A 1 99  ? -21.167 9.881   -2.017  1.00 14.42 ? 190  CYS A N   1 
ATOM   743  C CA  . CYS A 1 99  ? -20.135 10.437  -1.055  1.00 14.07 ? 190  CYS A CA  1 
ATOM   744  C C   . CYS A 1 99  ? -19.008 11.078  -1.839  1.00 14.72 ? 190  CYS A C   1 
ATOM   745  O O   . CYS A 1 99  ? -18.781 10.732  -3.047  1.00 13.04 ? 190  CYS A O   1 
ATOM   746  C CB  . CYS A 1 99  ? -19.507 9.316   -0.221  1.00 16.70 ? 190  CYS A CB  1 
ATOM   747  S SG  . CYS A 1 99  ? -20.630 8.452   0.878   1.00 19.15 ? 190  CYS A SG  1 
ATOM   748  N N   . ARG A 1 100 ? -18.298 11.986  -1.177  1.00 11.41 ? 191  ARG A N   1 
ATOM   749  C CA  . ARG A 1 100 ? -17.124 12.580  -1.757  1.00 13.10 ? 191  ARG A CA  1 
ATOM   750  C C   . ARG A 1 100 ? -15.909 11.837  -1.216  1.00 12.52 ? 191  ARG A C   1 
ATOM   751  O O   . ARG A 1 100 ? -15.890 11.461  -0.018  1.00 12.53 ? 191  ARG A O   1 
ATOM   752  C CB  . ARG A 1 100 ? -17.090 14.074  -1.380  1.00 12.01 ? 191  ARG A CB  1 
ATOM   753  C CG  . ARG A 1 100 ? -18.273 14.734  -2.119  1.00 15.78 ? 191  ARG A CG  1 
ATOM   754  C CD  . ARG A 1 100 ? -18.451 16.211  -1.701  1.00 21.24 ? 191  ARG A CD  1 
ATOM   755  N NE  . ARG A 1 100 ? -17.220 16.961  -1.811  1.00 28.26 ? 191  ARG A NE  1 
ATOM   756  C CZ  . ARG A 1 100 ? -16.486 17.383  -0.782  1.00 29.35 ? 191  ARG A CZ  1 
ATOM   757  N NH1 . ARG A 1 100 ? -16.853 17.117  0.475   1.00 27.94 ? 191  ARG A NH1 1 
ATOM   758  N NH2 . ARG A 1 100 ? -15.369 18.061  -1.030  1.00 25.84 ? 191  ARG A NH2 1 
ATOM   759  N N   . TRP A 1 101 ? -14.937 11.617  -2.109  1.00 10.75 ? 192  TRP A N   1 
ATOM   760  C CA  . TRP A 1 101 ? -13.719 10.848  -1.812  1.00 11.51 ? 192  TRP A CA  1 
ATOM   761  C C   . TRP A 1 101 ? -12.424 11.698  -1.710  1.00 9.99  ? 192  TRP A C   1 
ATOM   762  O O   . TRP A 1 101 ? -12.275 12.698  -2.422  1.00 10.12 ? 192  TRP A O   1 
ATOM   763  C CB  . TRP A 1 101 ? -13.557 9.739   -2.884  1.00 6.89  ? 192  TRP A CB  1 
ATOM   764  C CG  . TRP A 1 101 ? -14.660 8.786   -2.846  1.00 9.52  ? 192  TRP A CG  1 
ATOM   765  C CD1 . TRP A 1 101 ? -15.919 8.963   -3.444  1.00 8.42  ? 192  TRP A CD1 1 
ATOM   766  C CD2 . TRP A 1 101 ? -14.707 7.525   -2.151  1.00 10.06 ? 192  TRP A CD2 1 
ATOM   767  N NE1 . TRP A 1 101 ? -16.724 7.876   -3.133  1.00 11.45 ? 192  TRP A NE1 1 
ATOM   768  C CE2 . TRP A 1 101 ? -16.014 6.987   -2.350  1.00 12.36 ? 192  TRP A CE2 1 
ATOM   769  C CE3 . TRP A 1 101 ? -13.766 6.785   -1.383  1.00 10.36 ? 192  TRP A CE3 1 
ATOM   770  C CZ2 . TRP A 1 101 ? -16.406 5.746   -1.832  1.00 11.52 ? 192  TRP A CZ2 1 
ATOM   771  C CZ3 . TRP A 1 101 ? -14.133 5.523   -0.854  1.00 10.44 ? 192  TRP A CZ3 1 
ATOM   772  C CH2 . TRP A 1 101 ? -15.466 5.014   -1.054  1.00 11.14 ? 192  TRP A CH2 1 
ATOM   773  N N   . ALA A 1 102 ? -11.519 11.302  -0.806  1.00 8.72  ? 193  ALA A N   1 
ATOM   774  C CA  . ALA A 1 102 ? -10.138 11.679  -0.822  1.00 11.93 ? 193  ALA A CA  1 
ATOM   775  C C   . ALA A 1 102 ? -9.470  10.617  -1.663  1.00 12.09 ? 193  ALA A C   1 
ATOM   776  O O   . ALA A 1 102 ? -9.369  9.460   -1.205  1.00 15.46 ? 193  ALA A O   1 
ATOM   777  C CB  . ALA A 1 102 ? -9.556  11.650  0.637   1.00 9.43  ? 193  ALA A CB  1 
ATOM   778  N N   . PHE A 1 103 ? -9.035  10.978  -2.893  1.00 12.76 ? 194  PHE A N   1 
ATOM   779  C CA  . PHE A 1 103 ? -8.415  9.985   -3.747  1.00 11.93 ? 194  PHE A CA  1 
ATOM   780  C C   . PHE A 1 103 ? -7.032  9.721   -3.196  1.00 13.04 ? 194  PHE A C   1 
ATOM   781  O O   . PHE A 1 103 ? -6.148  10.593  -3.226  1.00 15.28 ? 194  PHE A O   1 
ATOM   782  C CB  . PHE A 1 103 ? -8.308  10.480  -5.205  1.00 9.42  ? 194  PHE A CB  1 
ATOM   783  C CG  . PHE A 1 103 ? -9.562  10.310  -5.997  1.00 11.90 ? 194  PHE A CG  1 
ATOM   784  C CD1 . PHE A 1 103 ? -10.735 9.856   -5.428  1.00 15.72 ? 194  PHE A CD1 1 
ATOM   785  C CD2 . PHE A 1 103 ? -9.564  10.615  -7.382  1.00 16.60 ? 194  PHE A CD2 1 
ATOM   786  C CE1 . PHE A 1 103 ? -11.925 9.672   -6.200  1.00 16.69 ? 194  PHE A CE1 1 
ATOM   787  C CE2 . PHE A 1 103 ? -10.761 10.488  -8.141  1.00 18.97 ? 194  PHE A CE2 1 
ATOM   788  C CZ  . PHE A 1 103 ? -11.929 10.037  -7.558  1.00 20.24 ? 194  PHE A CZ  1 
ATOM   789  N N   . SER A 1 104 ? -6.795  8.490   -2.750  1.00 12.17 ? 195  SER A N   1 
ATOM   790  C CA  . SER A 1 104 ? -5.452  8.231   -2.231  1.00 13.07 ? 195  SER A CA  1 
ATOM   791  C C   . SER A 1 104 ? -4.520  7.495   -3.277  1.00 13.59 ? 195  SER A C   1 
ATOM   792  O O   . SER A 1 104 ? -4.978  7.004   -4.324  1.00 12.36 ? 195  SER A O   1 
ATOM   793  C CB  . SER A 1 104 ? -5.623  7.457   -0.930  1.00 11.78 ? 195  SER A CB  1 
ATOM   794  O OG  . SER A 1 104 ? -6.328  6.208   -1.202  1.00 12.85 ? 195  SER A OG  1 
ATOM   795  N N   . SER A 1 105 ? -3.227  7.409   -2.963  1.00 15.38 ? 196  SER A N   1 
ATOM   796  C CA  . SER A 1 105 ? -2.276  6.882   -3.973  1.00 16.67 ? 196  SER A CA  1 
ATOM   797  C C   . SER A 1 105 ? -2.479  5.434   -4.254  1.00 16.01 ? 196  SER A C   1 
ATOM   798  O O   . SER A 1 105 ? -2.761  4.621   -3.367  1.00 18.80 ? 196  SER A O   1 
ATOM   799  C CB  . SER A 1 105 ? -0.830  6.975   -3.541  1.00 17.92 ? 196  SER A CB  1 
ATOM   800  O OG  . SER A 1 105 ? -0.544  8.321   -3.269  1.00 20.76 ? 196  SER A OG  1 
ATOM   801  N N   . ALA A 1 106 ? -2.156  5.095   -5.476  1.00 17.94 ? 197  ALA A N   1 
ATOM   802  C CA  . ALA A 1 106 ? -2.239  3.728   -5.920  1.00 17.66 ? 197  ALA A CA  1 
ATOM   803  C C   . ALA A 1 106 ? -1.380  3.582   -7.162  1.00 17.78 ? 197  ALA A C   1 
ATOM   804  O O   . ALA A 1 106 ? -1.115  4.554   -7.886  1.00 18.37 ? 197  ALA A O   1 
ATOM   805  C CB  . ALA A 1 106 ? -3.710  3.406   -6.234  1.00 18.19 ? 197  ALA A CB  1 
ATOM   806  N N   . PRO A 1 107 ? -0.950  2.344   -7.467  1.00 19.45 ? 198  PRO A N   1 
ATOM   807  C CA  . PRO A 1 107 ? -0.078  2.235   -8.649  1.00 21.30 ? 198  PRO A CA  1 
ATOM   808  C C   . PRO A 1 107 ? -0.630  2.856   -9.972  1.00 24.02 ? 198  PRO A C   1 
ATOM   809  O O   . PRO A 1 107 ? 0.113   3.477   -10.773 1.00 24.44 ? 198  PRO A O   1 
ATOM   810  C CB  . PRO A 1 107 ? 0.173   0.715   -8.774  1.00 22.08 ? 198  PRO A CB  1 
ATOM   811  C CG  . PRO A 1 107 ? -0.277  0.077   -7.564  1.00 21.40 ? 198  PRO A CG  1 
ATOM   812  C CD  . PRO A 1 107 ? -1.017  1.124   -6.668  1.00 21.13 ? 198  PRO A CD  1 
ATOM   813  N N   . ARG A 1 108 ? -1.941  2.764   -10.197 1.00 24.68 ? 199  ARG A N   1 
ATOM   814  C CA  . ARG A 1 108 ? -2.483  3.317   -11.437 1.00 23.97 ? 199  ARG A CA  1 
ATOM   815  C C   . ARG A 1 108 ? -2.948  4.781   -11.344 1.00 24.65 ? 199  ARG A C   1 
ATOM   816  O O   . ARG A 1 108 ? -3.519  5.317   -12.291 1.00 25.96 ? 199  ARG A O   1 
ATOM   817  C CB  . ARG A 1 108 ? -3.575  2.382   -11.970 1.00 25.42 ? 199  ARG A CB  1 
ATOM   818  C CG  . ARG A 1 108 ? -2.952  1.148   -12.598 1.00 25.61 ? 199  ARG A CG  1 
ATOM   819  C CD  . ARG A 1 108 ? -3.963  0.216   -13.241 1.00 36.96 ? 199  ARG A CD  1 
ATOM   820  N NE  . ARG A 1 108 ? -3.225  -0.724  -14.101 1.00 43.78 ? 199  ARG A NE  1 
ATOM   821  C CZ  . ARG A 1 108 ? -3.592  -1.986  -14.381 1.00 48.57 ? 199  ARG A CZ  1 
ATOM   822  N NH1 . ARG A 1 108 ? -4.720  -2.517  -13.879 1.00 48.71 ? 199  ARG A NH1 1 
ATOM   823  N NH2 . ARG A 1 108 ? -2.808  -2.723  -15.174 1.00 49.32 ? 199  ARG A NH2 1 
ATOM   824  N N   . GLY A 1 109 ? -2.691  5.428   -10.205 1.00 21.90 ? 200  GLY A N   1 
ATOM   825  C CA  . GLY A 1 109 ? -2.935  6.860   -10.096 1.00 18.61 ? 200  GLY A CA  1 
ATOM   826  C C   . GLY A 1 109 ? -3.827  7.093   -8.879  1.00 16.77 ? 200  GLY A C   1 
ATOM   827  O O   . GLY A 1 109 ? -4.421  6.169   -8.352  1.00 15.50 ? 200  GLY A O   1 
ATOM   828  N N   . PRO A 1 110 ? -3.914  8.353   -8.412  1.00 17.46 ? 201  PRO A N   1 
ATOM   829  C CA  . PRO A 1 110 ? -4.729  8.679   -7.243  1.00 16.83 ? 201  PRO A CA  1 
ATOM   830  C C   . PRO A 1 110 ? -6.181  8.228   -7.449  1.00 14.66 ? 201  PRO A C   1 
ATOM   831  O O   . PRO A 1 110 ? -6.777  8.462   -8.506  1.00 14.83 ? 201  PRO A O   1 
ATOM   832  C CB  . PRO A 1 110 ? -4.625  10.220  -7.184  1.00 18.41 ? 201  PRO A CB  1 
ATOM   833  C CG  . PRO A 1 110 ? -3.301  10.520  -7.833  1.00 18.47 ? 201  PRO A CG  1 
ATOM   834  C CD  . PRO A 1 110 ? -3.365  9.575   -9.036  1.00 18.08 ? 201  PRO A CD  1 
ATOM   835  N N   . GLY A 1 111 ? -6.740  7.579   -6.457  1.00 13.05 ? 202  GLY A N   1 
ATOM   836  C CA  . GLY A 1 111 ? -8.139  7.144   -6.521  1.00 13.45 ? 202  GLY A CA  1 
ATOM   837  C C   . GLY A 1 111 ? -8.388  5.941   -7.427  1.00 15.61 ? 202  GLY A C   1 
ATOM   838  O O   . GLY A 1 111 ? -9.545  5.551   -7.592  1.00 13.22 ? 202  GLY A O   1 
ATOM   839  N N   . ALA A 1 112 ? -7.324  5.337   -8.006  1.00 14.00 ? 203  ALA A N   1 
ATOM   840  C CA  . ALA A 1 112 ? -7.571  4.250   -8.950  1.00 16.57 ? 203  ALA A CA  1 
ATOM   841  C C   . ALA A 1 112 ? -8.318  3.071   -8.354  1.00 15.50 ? 203  ALA A C   1 
ATOM   842  O O   . ALA A 1 112 ? -9.108  2.504   -9.078  1.00 15.39 ? 203  ALA A O   1 
ATOM   843  C CB  . ALA A 1 112 ? -6.272  3.756   -9.699  1.00 15.55 ? 203  ALA A CB  1 
ATOM   844  N N   . ILE A 1 113 ? -8.099  2.714   -7.078  1.00 13.54 ? 204  ILE A N   1 
ATOM   845  C CA  . ILE A 1 113 ? -8.764  1.558   -6.487  1.00 16.03 ? 204  ILE A CA  1 
ATOM   846  C C   . ILE A 1 113 ? -10.300 1.770   -6.429  1.00 14.81 ? 204  ILE A C   1 
ATOM   847  O O   . ILE A 1 113 ? -11.048 0.930   -6.896  1.00 10.78 ? 204  ILE A O   1 
ATOM   848  C CB  . ILE A 1 113 ? -8.220  1.236   -5.094  1.00 16.56 ? 204  ILE A CB  1 
ATOM   849  C CG1 . ILE A 1 113 ? -6.791  0.757   -5.225  1.00 21.60 ? 204  ILE A CG1 1 
ATOM   850  C CG2 . ILE A 1 113 ? -8.959  0.059   -4.408  1.00 18.36 ? 204  ILE A CG2 1 
ATOM   851  C CD1 . ILE A 1 113 ? -5.964  1.403   -4.145  1.00 28.94 ? 204  ILE A CD1 1 
ATOM   852  N N   . ILE A 1 114 ? -10.729 2.921   -5.892  1.00 12.34 ? 205  ILE A N   1 
ATOM   853  C CA  . ILE A 1 114 ? -12.172 3.132   -5.763  1.00 12.83 ? 205  ILE A CA  1 
ATOM   854  C C   . ILE A 1 114 ? -12.816 3.407   -7.125  1.00 11.26 ? 205  ILE A C   1 
ATOM   855  O O   . ILE A 1 114 ? -13.933 3.021   -7.367  1.00 11.93 ? 205  ILE A O   1 
ATOM   856  C CB  . ILE A 1 114 ? -12.502 4.263   -4.703  1.00 12.05 ? 205  ILE A CB  1 
ATOM   857  C CG1 . ILE A 1 114 ? -14.001 4.183   -4.293  1.00 12.07 ? 205  ILE A CG1 1 
ATOM   858  C CG2 . ILE A 1 114 ? -12.070 5.693   -5.223  1.00 14.07 ? 205  ILE A CG2 1 
ATOM   859  C CD1 . ILE A 1 114 ? -14.369 2.863   -3.574  1.00 15.02 ? 205  ILE A CD1 1 
ATOM   860  N N   . ARG A 1 115 ? -12.094 4.035   -8.061  1.00 13.22 ? 206  ARG A N   1 
ATOM   861  C CA  . ARG A 1 115 ? -12.660 4.256   -9.388  1.00 11.91 ? 206  ARG A CA  1 
ATOM   862  C C   . ARG A 1 115 ? -12.870 2.912   -10.069 1.00 14.64 ? 206  ARG A C   1 
ATOM   863  O O   . ARG A 1 115 ? -13.921 2.634   -10.701 1.00 13.55 ? 206  ARG A O   1 
ATOM   864  C CB  . ARG A 1 115 ? -11.755 5.156   -10.226 1.00 13.05 ? 206  ARG A CB  1 
ATOM   865  C CG  . ARG A 1 115 ? -11.693 6.664   -9.717  1.00 14.14 ? 206  ARG A CG  1 
ATOM   866  C CD  . ARG A 1 115 ? -10.705 7.375   -10.542 1.00 19.45 ? 206  ARG A CD  1 
ATOM   867  N NE  . ARG A 1 115 ? -11.249 7.478   -11.901 1.00 19.71 ? 206  ARG A NE  1 
ATOM   868  C CZ  . ARG A 1 115 ? -10.643 8.086   -12.927 1.00 30.55 ? 206  ARG A CZ  1 
ATOM   869  N NH1 . ARG A 1 115 ? -9.445  8.691   -12.775 1.00 32.79 ? 206  ARG A NH1 1 
ATOM   870  N NH2 . ARG A 1 115 ? -11.249 8.128   -14.120 1.00 30.55 ? 206  ARG A NH2 1 
ATOM   871  N N   . ASN A 1 116 ? -11.851 2.066   -9.991  1.00 12.72 ? 207  ASN A N   1 
ATOM   872  C CA  . ASN A 1 116 ? -12.028 0.729   -10.547 1.00 15.45 ? 207  ASN A CA  1 
ATOM   873  C C   . ASN A 1 116 ? -13.143 -0.060  -9.833  1.00 14.15 ? 207  ASN A C   1 
ATOM   874  O O   . ASN A 1 116 ? -13.913 -0.753  -10.496 1.00 14.71 ? 207  ASN A O   1 
ATOM   875  C CB  . ASN A 1 116 ? -10.688 0.023   -10.500 1.00 14.94 ? 207  ASN A CB  1 
ATOM   876  C CG  . ASN A 1 116 ? -10.629 -1.252  -11.378 1.00 24.67 ? 207  ASN A CG  1 
ATOM   877  O OD1 . ASN A 1 116 ? -10.935 -1.243  -12.588 1.00 28.80 ? 207  ASN A OD1 1 
ATOM   878  N ND2 . ASN A 1 116 ? -10.186 -2.342  -10.753 1.00 29.88 ? 207  ASN A ND2 1 
ATOM   879  N N   . ALA A 1 117 ? -13.228 0.038   -8.511  1.00 14.95 ? 208  ALA A N   1 
ATOM   880  C CA  . ALA A 1 117 ? -14.291 -0.674  -7.744  1.00 16.45 ? 208  ALA A CA  1 
ATOM   881  C C   . ALA A 1 117 ? -15.720 -0.323  -8.206  1.00 17.18 ? 208  ALA A C   1 
ATOM   882  O O   . ALA A 1 117 ? -16.563 -1.220  -8.512  1.00 15.17 ? 208  ALA A O   1 
ATOM   883  C CB  . ALA A 1 117 ? -14.161 -0.430  -6.255  1.00 15.96 ? 208  ALA A CB  1 
ATOM   884  N N   . PHE A 1 118 ? -15.961 0.982   -8.309  1.00 16.25 ? 209  PHE A N   1 
ATOM   885  C CA  . PHE A 1 118 ? -17.239 1.537   -8.785  1.00 16.88 ? 209  PHE A CA  1 
ATOM   886  C C   . PHE A 1 118 ? -17.472 1.069   -10.238 1.00 17.27 ? 209  PHE A C   1 
ATOM   887  O O   . PHE A 1 118 ? -18.570 0.676   -10.588 1.00 17.08 ? 209  PHE A O   1 
ATOM   888  C CB  . PHE A 1 118 ? -17.171 3.067   -8.778  1.00 17.17 ? 209  PHE A CB  1 
ATOM   889  C CG  . PHE A 1 118 ? -17.675 3.715   -7.497  1.00 18.26 ? 209  PHE A CG  1 
ATOM   890  C CD1 . PHE A 1 118 ? -17.193 3.357   -6.256  1.00 20.29 ? 209  PHE A CD1 1 
ATOM   891  C CD2 . PHE A 1 118 ? -18.624 4.750   -7.567  1.00 24.70 ? 209  PHE A CD2 1 
ATOM   892  C CE1 . PHE A 1 118 ? -17.682 3.989   -5.047  1.00 19.78 ? 209  PHE A CE1 1 
ATOM   893  C CE2 . PHE A 1 118 ? -19.115 5.391   -6.389  1.00 23.54 ? 209  PHE A CE2 1 
ATOM   894  C CZ  . PHE A 1 118 ? -18.666 4.981   -5.119  1.00 18.67 ? 209  PHE A CZ  1 
ATOM   895  N N   . ALA A 1 119 ? -16.444 1.132   -11.073 1.00 17.83 ? 210  ALA A N   1 
ATOM   896  C CA  . ALA A 1 119 ? -16.601 0.786   -12.488 1.00 18.81 ? 210  ALA A CA  1 
ATOM   897  C C   . ALA A 1 119 ? -17.054 -0.682  -12.654 1.00 21.07 ? 210  ALA A C   1 
ATOM   898  O O   . ALA A 1 119 ? -17.898 -0.976  -13.509 1.00 19.84 ? 210  ALA A O   1 
ATOM   899  C CB  . ALA A 1 119 ? -15.314 1.080   -13.306 1.00 18.32 ? 210  ALA A CB  1 
ATOM   900  N N   . ARG A 1 120 ? -16.474 -1.584  -11.837 1.00 21.92 ? 211  ARG A N   1 
ATOM   901  C CA  . ARG A 1 120 ? -16.678 -3.019  -12.007 1.00 23.85 ? 211  ARG A CA  1 
ATOM   902  C C   . ARG A 1 120 ? -18.090 -3.395  -11.650 1.00 24.92 ? 211  ARG A C   1 
ATOM   903  O O   . ARG A 1 120 ? -18.588 -4.440  -12.080 1.00 26.80 ? 211  ARG A O   1 
ATOM   904  C CB  . ARG A 1 120 ? -15.694 -3.814  -11.133 1.00 20.58 ? 211  ARG A CB  1 
ATOM   905  C CG  . ARG A 1 120 ? -14.337 -3.902  -11.788 1.00 25.44 ? 211  ARG A CG  1 
ATOM   906  C CD  . ARG A 1 120 ? -13.242 -4.567  -10.943 1.00 30.54 ? 211  ARG A CD  1 
ATOM   907  N NE  . ARG A 1 120 ? -12.037 -4.496  -11.794 1.00 41.19 ? 211  ARG A NE  1 
ATOM   908  C CZ  . ARG A 1 120 ? -10.887 -5.164  -11.657 1.00 46.09 ? 211  ARG A CZ  1 
ATOM   909  N NH1 . ARG A 1 120 ? -10.673 -6.029  -10.658 1.00 46.84 ? 211  ARG A NH1 1 
ATOM   910  N NH2 . ARG A 1 120 ? -9.923  -4.948  -12.563 1.00 47.17 ? 211  ARG A NH2 1 
ATOM   911  N N   . TYR A 1 121 ? -18.716 -2.562  -10.824 1.00 27.42 ? 212  TYR A N   1 
ATOM   912  C CA  . TYR A 1 121 ? -20.119 -2.708  -10.529 1.00 29.09 ? 212  TYR A CA  1 
ATOM   913  C C   . TYR A 1 121 ? -21.065 -1.854  -11.388 1.00 29.27 ? 212  TYR A C   1 
ATOM   914  O O   . TYR A 1 121 ? -22.233 -1.707  -11.055 1.00 31.63 ? 212  TYR A O   1 
ATOM   915  C CB  . TYR A 1 121 ? -20.366 -2.446  -9.066  1.00 29.21 ? 212  TYR A CB  1 
ATOM   916  C CG  . TYR A 1 121 ? -19.961 -3.595  -8.150  1.00 32.10 ? 212  TYR A CG  1 
ATOM   917  C CD1 . TYR A 1 121 ? -20.865 -4.615  -7.855  1.00 33.19 ? 212  TYR A CD1 1 
ATOM   918  C CD2 . TYR A 1 121 ? -18.683 -3.655  -7.583  1.00 27.13 ? 212  TYR A CD2 1 
ATOM   919  C CE1 . TYR A 1 121 ? -20.507 -5.679  -6.991  1.00 35.50 ? 212  TYR A CE1 1 
ATOM   920  C CE2 . TYR A 1 121 ? -18.309 -4.690  -6.759  1.00 31.92 ? 212  TYR A CE2 1 
ATOM   921  C CZ  . TYR A 1 121 ? -19.220 -5.703  -6.470  1.00 30.67 ? 212  TYR A CZ  1 
ATOM   922  O OH  . TYR A 1 121 ? -18.863 -6.718  -5.664  1.00 33.58 ? 212  TYR A OH  1 
ATOM   923  N N   . GLY A 1 122 ? -20.600 -1.366  -12.523 1.00 29.58 ? 213  GLY A N   1 
ATOM   924  C CA  . GLY A 1 122 ? -21.445 -0.512  -13.397 1.00 29.05 ? 213  GLY A CA  1 
ATOM   925  C C   . GLY A 1 122 ? -21.988 0.717   -12.667 1.00 28.37 ? 213  GLY A C   1 
ATOM   926  O O   . GLY A 1 122 ? -23.098 1.178   -12.971 1.00 29.06 ? 213  GLY A O   1 
ATOM   927  N N   . LEU A 1 123 ? -21.235 1.253   -11.693 1.00 25.83 ? 214  LEU A N   1 
ATOM   928  C CA  . LEU A 1 123 ? -21.621 2.524   -11.107 1.00 23.98 ? 214  LEU A CA  1 
ATOM   929  C C   . LEU A 1 123 ? -20.992 3.712   -11.846 1.00 22.01 ? 214  LEU A C   1 
ATOM   930  O O   . LEU A 1 123 ? -20.001 3.559   -12.562 1.00 21.59 ? 214  LEU A O   1 
ATOM   931  C CB  . LEU A 1 123 ? -21.342 2.551   -9.611  1.00 23.69 ? 214  LEU A CB  1 
ATOM   932  C CG  . LEU A 1 123 ? -21.855 1.375   -8.767  1.00 23.23 ? 214  LEU A CG  1 
ATOM   933  C CD1 . LEU A 1 123 ? -21.122 1.434   -7.492  1.00 17.49 ? 214  LEU A CD1 1 
ATOM   934  C CD2 . LEU A 1 123 ? -23.326 1.571   -8.550  1.00 26.96 ? 214  LEU A CD2 1 
ATOM   935  N N   . PRO A 1 124 ? -21.552 4.908   -11.692 1.00 21.47 ? 215  PRO A N   1 
ATOM   936  C CA  . PRO A 1 124 ? -20.851 6.087   -12.230 1.00 20.81 ? 215  PRO A CA  1 
ATOM   937  C C   . PRO A 1 124 ? -19.542 6.332   -11.470 1.00 17.98 ? 215  PRO A C   1 
ATOM   938  O O   . PRO A 1 124 ? -19.265 5.619   -10.489 1.00 16.81 ? 215  PRO A O   1 
ATOM   939  C CB  . PRO A 1 124 ? -21.855 7.243   -11.985 1.00 21.04 ? 215  PRO A CB  1 
ATOM   940  C CG  . PRO A 1 124 ? -23.150 6.548   -11.641 1.00 23.74 ? 215  PRO A CG  1 
ATOM   941  C CD  . PRO A 1 124 ? -22.691 5.317   -10.884 1.00 24.46 ? 215  PRO A CD  1 
ATOM   942  N N   . GLU A 1 125 ? -18.716 7.274   -11.934 1.00 15.97 ? 216  GLU A N   1 
ATOM   943  C CA  . GLU A 1 125 ? -17.416 7.533   -11.275 1.00 15.62 ? 216  GLU A CA  1 
ATOM   944  C C   . GLU A 1 125 ? -17.677 8.048   -9.873  1.00 14.01 ? 216  GLU A C   1 
ATOM   945  O O   . GLU A 1 125 ? -18.658 8.773   -9.665  1.00 13.46 ? 216  GLU A O   1 
ATOM   946  C CB  . GLU A 1 125 ? -16.596 8.572   -12.062 1.00 14.63 ? 216  GLU A CB  1 
ATOM   947  C CG  . GLU A 1 125 ? -16.081 8.108   -13.407 1.00 22.96 ? 216  GLU A CG  1 
ATOM   948  C CD  . GLU A 1 125 ? -14.631 7.562   -13.387 1.00 26.84 ? 216  GLU A CD  1 
ATOM   949  O OE1 . GLU A 1 125 ? -14.089 7.195   -12.284 1.00 26.66 ? 216  GLU A OE1 1 
ATOM   950  O OE2 . GLU A 1 125 ? -14.010 7.543   -14.490 1.00 28.18 ? 216  GLU A OE2 1 
ATOM   951  N N   . PRO A 1 126 ? -16.849 7.671   -8.904  1.00 15.02 ? 217  PRO A N   1 
ATOM   952  C CA  . PRO A 1 126 ? -16.904 8.230   -7.538  1.00 13.61 ? 217  PRO A CA  1 
ATOM   953  C C   . PRO A 1 126 ? -16.597 9.750   -7.598  1.00 13.72 ? 217  PRO A C   1 
ATOM   954  O O   . PRO A 1 126 ? -15.885 10.234  -8.483  1.00 12.89 ? 217  PRO A O   1 
ATOM   955  C CB  . PRO A 1 126 ? -15.837 7.404   -6.778  1.00 15.88 ? 217  PRO A CB  1 
ATOM   956  C CG  . PRO A 1 126 ? -14.857 7.084   -7.803  1.00 15.74 ? 217  PRO A CG  1 
ATOM   957  C CD  . PRO A 1 126 ? -15.686 6.776   -9.051  1.00 14.10 ? 217  PRO A CD  1 
ATOM   958  N N   . LYS A 1 127 ? -17.268 10.501  -6.742  1.00 12.44 ? 218  LYS A N   1 
ATOM   959  C CA  . LYS A 1 127 ? -17.085 11.942  -6.690  1.00 12.58 ? 218  LYS A CA  1 
ATOM   960  C C   . LYS A 1 127 ? -15.740 12.288  -6.052  1.00 12.67 ? 218  LYS A C   1 
ATOM   961  O O   . LYS A 1 127 ? -15.398 11.795  -4.907  1.00 12.72 ? 218  LYS A O   1 
ATOM   962  C CB  . LYS A 1 127 ? -18.236 12.510  -5.860  1.00 13.29 ? 218  LYS A CB  1 
ATOM   963  C CG  . LYS A 1 127 ? -19.637 12.301  -6.519  1.00 13.79 ? 218  LYS A CG  1 
ATOM   964  C CD  . LYS A 1 127 ? -20.685 12.973  -5.559  1.00 25.62 ? 218  LYS A CD  1 
ATOM   965  C CE  . LYS A 1 127 ? -22.001 13.567  -6.238  1.00 28.98 ? 218  LYS A CE  1 
ATOM   966  N NZ  . LYS A 1 127 ? -22.006 13.786  -7.761  1.00 30.62 ? 218  LYS A NZ  1 
ATOM   967  N N   . LEU A 1 128 ? -14.969 13.138  -6.751  1.00 14.03 ? 219  LEU A N   1 
ATOM   968  C CA  . LEU A 1 128 ? -13.673 13.624  -6.223  1.00 15.86 ? 219  LEU A CA  1 
ATOM   969  C C   . LEU A 1 128 ? -13.911 14.745  -5.248  1.00 17.45 ? 219  LEU A C   1 
ATOM   970  O O   . LEU A 1 128 ? -14.447 15.836  -5.628  1.00 18.37 ? 219  LEU A O   1 
ATOM   971  C CB  . LEU A 1 128 ? -12.721 14.077  -7.336  1.00 16.63 ? 219  LEU A CB  1 
ATOM   972  C CG  . LEU A 1 128 ? -11.393 14.797  -6.988  1.00 22.77 ? 219  LEU A CG  1 
ATOM   973  C CD1 . LEU A 1 128 ? -10.541 13.923  -6.072  1.00 23.71 ? 219  LEU A CD1 1 
ATOM   974  C CD2 . LEU A 1 128 ? -10.629 15.063  -8.283  1.00 28.75 ? 219  LEU A CD2 1 
ATOM   975  N N   . GLY A 1 129 ? -13.480 14.527  -4.005  1.00 15.12 ? 220  GLY A N   1 
ATOM   976  C CA  . GLY A 1 129 ? -13.507 15.611  -3.074  1.00 14.95 ? 220  GLY A CA  1 
ATOM   977  C C   . GLY A 1 129 ? -12.154 16.263  -2.939  1.00 15.39 ? 220  GLY A C   1 
ATOM   978  O O   . GLY A 1 129 ? -12.060 17.479  -2.967  1.00 14.58 ? 220  GLY A O   1 
ATOM   979  N N   . LEU A 1 130 ? -11.102 15.466  -2.900  1.00 14.84 ? 221  LEU A N   1 
ATOM   980  C CA  . LEU A 1 130 ? -9.725  16.001  -2.790  1.00 14.50 ? 221  LEU A CA  1 
ATOM   981  C C   . LEU A 1 130 ? -8.712  14.929  -3.171  1.00 14.58 ? 221  LEU A C   1 
ATOM   982  O O   . LEU A 1 130 ? -9.007  13.753  -3.097  1.00 14.49 ? 221  LEU A O   1 
ATOM   983  C CB  . LEU A 1 130 ? -9.455  16.581  -1.412  1.00 17.51 ? 221  LEU A CB  1 
ATOM   984  C CG  . LEU A 1 130 ? -8.988  15.883  -0.160  1.00 19.46 ? 221  LEU A CG  1 
ATOM   985  C CD1 . LEU A 1 130 ? -7.662  15.331  -0.287  1.00 23.20 ? 221  LEU A CD1 1 
ATOM   986  C CD2 . LEU A 1 130 ? -8.881  16.874  0.980   1.00 27.41 ? 221  LEU A CD2 1 
ATOM   987  N N   . VAL A 1 131 ? -7.547  15.323  -3.645  1.00 13.00 ? 222  VAL A N   1 
ATOM   988  C CA  . VAL A 1 131 ? -6.503  14.318  -3.941  1.00 13.00 ? 222  VAL A CA  1 
ATOM   989  C C   . VAL A 1 131 ? -5.460  14.381  -2.797  1.00 14.32 ? 222  VAL A C   1 
ATOM   990  O O   . VAL A 1 131 ? -5.008  15.469  -2.430  1.00 14.00 ? 222  VAL A O   1 
ATOM   991  C CB  . VAL A 1 131 ? -5.811  14.576  -5.280  1.00 12.08 ? 222  VAL A CB  1 
ATOM   992  C CG1 . VAL A 1 131 ? -4.619  13.577  -5.454  1.00 11.47 ? 222  VAL A CG1 1 
ATOM   993  C CG2 . VAL A 1 131 ? -6.815  14.371  -6.452  1.00 16.91 ? 222  VAL A CG2 1 
ATOM   994  N N   . CYS A 1 132 ? -5.234  13.247  -2.129  1.00 10.30 ? 223  CYS A N   1 
ATOM   995  C CA  . CYS A 1 132 ? -4.331  13.237  -1.023  1.00 13.23 ? 223  CYS A CA  1 
ATOM   996  C C   . CYS A 1 132 ? -3.354  12.088  -1.222  1.00 16.18 ? 223  CYS A C   1 
ATOM   997  O O   . CYS A 1 132 ? -3.644  10.941  -0.816  1.00 16.45 ? 223  CYS A O   1 
ATOM   998  C CB  . CYS A 1 132 ? -5.094  13.071  0.306   1.00 12.61 ? 223  CYS A CB  1 
ATOM   999  S SG  . CYS A 1 132 ? -3.913  13.149  1.695   1.00 15.06 ? 223  CYS A SG  1 
ATOM   1000 N N   . GLU A 1 133 ? -2.216  12.405  -1.840  1.00 15.89 ? 224  GLU A N   1 
ATOM   1001 C CA  . GLU A 1 133 ? -1.197  11.374  -2.174  1.00 19.36 ? 224  GLU A CA  1 
ATOM   1002 C C   . GLU A 1 133 ? -0.392  10.875  -0.986  1.00 19.77 ? 224  GLU A C   1 
ATOM   1003 O O   . GLU A 1 133 ? 0.242   9.814   -1.039  1.00 23.61 ? 224  GLU A O   1 
ATOM   1004 C CB  . GLU A 1 133 ? -0.331  11.834  -3.348  1.00 19.92 ? 224  GLU A CB  1 
ATOM   1005 C CG  . GLU A 1 133 ? -1.187  11.820  -4.658  1.00 27.53 ? 224  GLU A CG  1 
ATOM   1006 C CD  . GLU A 1 133 ? -0.410  12.087  -5.966  1.00 36.15 ? 224  GLU A CD  1 
ATOM   1007 O OE1 . GLU A 1 133 ? 0.160   11.114  -6.499  1.00 39.37 ? 224  GLU A OE1 1 
ATOM   1008 O OE2 . GLU A 1 133 ? -0.438  13.245  -6.475  1.00 41.40 ? 224  GLU A OE2 1 
ATOM   1009 N N   . SER A 1 134 ? -0.524  11.529  0.131   1.00 19.77 ? 225  SER A N   1 
ATOM   1010 C CA  . SER A 1 134 ? 0.277   11.248  1.298   1.00 19.47 ? 225  SER A CA  1 
ATOM   1011 C C   . SER A 1 134 ? -0.439  10.308  2.237   1.00 18.78 ? 225  SER A C   1 
ATOM   1012 O O   . SER A 1 134 ? -1.441  10.717  2.864   1.00 13.25 ? 225  SER A O   1 
ATOM   1013 C CB  . SER A 1 134 ? 0.445   12.567  2.042   1.00 19.07 ? 225  SER A CB  1 
ATOM   1014 O OG  . SER A 1 134 ? 1.056   12.280  3.294   1.00 18.91 ? 225  SER A OG  1 
ATOM   1015 N N   . PHE A 1 135 ? 0.077   9.078   2.379   1.00 19.38 ? 226  PHE A N   1 
ATOM   1016 C CA  . PHE A 1 135 ? -0.566  8.129   3.290   1.00 20.43 ? 226  PHE A CA  1 
ATOM   1017 C C   . PHE A 1 135 ? -0.314  8.601   4.748   1.00 20.01 ? 226  PHE A C   1 
ATOM   1018 O O   . PHE A 1 135 ? -1.072  8.339   5.670   1.00 19.06 ? 226  PHE A O   1 
ATOM   1019 C CB  . PHE A 1 135 ? -0.166  6.650   2.977   1.00 21.25 ? 226  PHE A CB  1 
ATOM   1020 C CG  . PHE A 1 135 ? -1.016  5.976   1.887   1.00 19.53 ? 226  PHE A CG  1 
ATOM   1021 C CD1 . PHE A 1 135 ? -2.360  5.676   2.116   1.00 21.68 ? 226  PHE A CD1 1 
ATOM   1022 C CD2 . PHE A 1 135 ? -0.458  5.609   0.668   1.00 22.30 ? 226  PHE A CD2 1 
ATOM   1023 C CE1 . PHE A 1 135 ? -3.190  5.038   1.108   1.00 24.17 ? 226  PHE A CE1 1 
ATOM   1024 C CE2 . PHE A 1 135 ? -1.218  5.003   -0.351  1.00 24.36 ? 226  PHE A CE2 1 
ATOM   1025 C CZ  . PHE A 1 135 ? -2.577  4.691   -0.161  1.00 23.81 ? 226  PHE A CZ  1 
ATOM   1026 N N   . LEU A 1 136 ? 0.759   9.328   4.977   1.00 20.43 ? 227  LEU A N   1 
ATOM   1027 C CA  . LEU A 1 136 ? 0.970   9.922   6.298   1.00 20.29 ? 227  LEU A CA  1 
ATOM   1028 C C   . LEU A 1 136 ? -0.122  10.901  6.703   1.00 18.61 ? 227  LEU A C   1 
ATOM   1029 O O   . LEU A 1 136 ? -0.518  10.945  7.887   1.00 18.36 ? 227  LEU A O   1 
ATOM   1030 C CB  . LEU A 1 136 ? 2.347   10.660  6.284   1.00 23.43 ? 227  LEU A CB  1 
ATOM   1031 C CG  . LEU A 1 136 ? 3.006   11.130  7.559   1.00 23.23 ? 227  LEU A CG  1 
ATOM   1032 C CD1 . LEU A 1 136 ? 3.214   10.016  8.459   1.00 18.00 ? 227  LEU A CD1 1 
ATOM   1033 C CD2 . LEU A 1 136 ? 4.347   11.656  7.164   1.00 25.78 ? 227  LEU A CD2 1 
ATOM   1034 N N   . ALA A 1 137 ? -0.558  11.736  5.750   1.00 16.57 ? 228  ALA A N   1 
ATOM   1035 C CA  . ALA A 1 137 ? -1.638  12.755  6.005   1.00 14.14 ? 228  ALA A CA  1 
ATOM   1036 C C   . ALA A 1 137 ? -3.056  12.237  5.978   1.00 13.60 ? 228  ALA A C   1 
ATOM   1037 O O   . ALA A 1 137 ? -3.994  12.832  6.581   1.00 12.71 ? 228  ALA A O   1 
ATOM   1038 C CB  . ALA A 1 137 ? -1.580  13.930  4.979   1.00 15.08 ? 228  ALA A CB  1 
ATOM   1039 N N   . LEU A 1 138 ? -3.231  11.168  5.238   1.00 11.43 ? 229  LEU A N   1 
ATOM   1040 C CA  . LEU A 1 138 ? -4.585  10.727  4.913   1.00 10.86 ? 229  LEU A CA  1 
ATOM   1041 C C   . LEU A 1 138 ? -5.482  10.449  6.118   1.00 10.50 ? 229  LEU A C   1 
ATOM   1042 O O   . LEU A 1 138 ? -6.641  10.867  6.103   1.00 10.79 ? 229  LEU A O   1 
ATOM   1043 C CB  . LEU A 1 138 ? -4.563  9.537   3.913   1.00 9.73  ? 229  LEU A CB  1 
ATOM   1044 C CG  . LEU A 1 138 ? -5.896  8.982   3.380   1.00 10.47 ? 229  LEU A CG  1 
ATOM   1045 C CD1 . LEU A 1 138 ? -6.454  10.003  2.375   1.00 10.95 ? 229  LEU A CD1 1 
ATOM   1046 C CD2 . LEU A 1 138 ? -5.547  7.633   2.629   1.00 8.21  ? 229  LEU A CD2 1 
ATOM   1047 N N   . PRO A 1 139 ? -4.998  9.722   7.165   1.00 10.56 ? 230  PRO A N   1 
ATOM   1048 C CA  . PRO A 1 139 ? -5.962  9.403   8.216   1.00 12.42 ? 230  PRO A CA  1 
ATOM   1049 C C   . PRO A 1 139 ? -6.497  10.684  8.890   1.00 13.09 ? 230  PRO A C   1 
ATOM   1050 O O   . PRO A 1 139 ? -7.683  10.797  9.124   1.00 13.44 ? 230  PRO A O   1 
ATOM   1051 C CB  . PRO A 1 139 ? -5.132  8.537   9.179   1.00 12.92 ? 230  PRO A CB  1 
ATOM   1052 C CG  . PRO A 1 139 ? -4.084  7.855   8.220   1.00 12.41 ? 230  PRO A CG  1 
ATOM   1053 C CD  . PRO A 1 139 ? -3.677  9.110   7.441   1.00 11.10 ? 230  PRO A CD  1 
ATOM   1054 N N   . GLY A 1 140 ? -5.632  11.635  9.154   1.00 13.58 ? 231  GLY A N   1 
ATOM   1055 C CA  . GLY A 1 140 ? -6.036  12.919  9.837   1.00 12.73 ? 231  GLY A CA  1 
ATOM   1056 C C   . GLY A 1 140 ? -6.966  13.732  8.929   1.00 13.59 ? 231  GLY A C   1 
ATOM   1057 O O   . GLY A 1 140 ? -7.929  14.314  9.395   1.00 13.12 ? 231  GLY A O   1 
ATOM   1058 N N   . VAL A 1 141 ? -6.724  13.718  7.623   1.00 14.10 ? 232  VAL A N   1 
ATOM   1059 C CA  . VAL A 1 141 ? -7.642  14.403  6.649   1.00 12.42 ? 232  VAL A CA  1 
ATOM   1060 C C   . VAL A 1 141 ? -9.033  13.836  6.674   1.00 12.05 ? 232  VAL A C   1 
ATOM   1061 O O   . VAL A 1 141 ? -10.015 14.582  6.842   1.00 12.63 ? 232  VAL A O   1 
ATOM   1062 C CB  . VAL A 1 141 ? -6.954  14.370  5.223   1.00 11.32 ? 232  VAL A CB  1 
ATOM   1063 C CG1 . VAL A 1 141 ? -7.913  14.796  4.125   1.00 16.19 ? 232  VAL A CG1 1 
ATOM   1064 C CG2 . VAL A 1 141 ? -5.767  15.231  5.226   1.00 14.60 ? 232  VAL A CG2 1 
ATOM   1065 N N   . VAL A 1 142 ? -9.157  12.487  6.624   1.00 11.31 ? 233  VAL A N   1 
ATOM   1066 C CA  . VAL A 1 142 ? -10.442 11.807  6.654   1.00 13.34 ? 233  VAL A CA  1 
ATOM   1067 C C   . VAL A 1 142 ? -11.103 12.012  8.034   1.00 14.98 ? 233  VAL A C   1 
ATOM   1068 O O   . VAL A 1 142 ? -12.346 12.165  8.142   1.00 14.95 ? 233  VAL A O   1 
ATOM   1069 C CB  . VAL A 1 142 ? -10.267 10.282  6.347   1.00 13.13 ? 233  VAL A CB  1 
ATOM   1070 C CG1 . VAL A 1 142 ? -11.499 9.520   6.632   1.00 13.13 ? 233  VAL A CG1 1 
ATOM   1071 C CG2 . VAL A 1 142 ? -9.857  10.108  4.906   1.00 15.52 ? 233  VAL A CG2 1 
ATOM   1072 N N   . ALA A 1 143 ? -10.290 12.077  9.084   1.00 14.92 ? 234  ALA A N   1 
ATOM   1073 C CA  . ALA A 1 143 ? -10.864 12.167  10.435  1.00 15.72 ? 234  ALA A CA  1 
ATOM   1074 C C   . ALA A 1 143 ? -11.516 13.545  10.666  1.00 17.42 ? 234  ALA A C   1 
ATOM   1075 O O   . ALA A 1 143 ? -12.471 13.687  11.531  1.00 18.25 ? 234  ALA A O   1 
ATOM   1076 C CB  . ALA A 1 143 ? -9.806  11.854  11.536  1.00 15.59 ? 234  ALA A CB  1 
ATOM   1077 N N   . HIS A 1 144 ? -10.982 14.541  9.963   1.00 17.37 ? 235  HIS A N   1 
ATOM   1078 C CA  . HIS A 1 144 ? -11.448 15.961  9.991   1.00 18.02 ? 235  HIS A CA  1 
ATOM   1079 C C   . HIS A 1 144 ? -12.329 16.374  8.797   1.00 19.23 ? 235  HIS A C   1 
ATOM   1080 O O   . HIS A 1 144 ? -12.349 17.576  8.419   1.00 20.52 ? 235  HIS A O   1 
ATOM   1081 C CB  . HIS A 1 144 ? -10.251 16.912  10.032  1.00 18.46 ? 235  HIS A CB  1 
ATOM   1082 C CG  . HIS A 1 144 ? -9.564  16.952  11.351  1.00 18.98 ? 235  HIS A CG  1 
ATOM   1083 N ND1 . HIS A 1 144 ? -9.833  17.929  12.287  1.00 23.95 ? 235  HIS A ND1 1 
ATOM   1084 C CD2 . HIS A 1 144 ? -8.667  16.115  11.926  1.00 22.24 ? 235  HIS A CD2 1 
ATOM   1085 C CE1 . HIS A 1 144 ? -9.102  17.716  13.366  1.00 26.86 ? 235  HIS A CE1 1 
ATOM   1086 N NE2 . HIS A 1 144 ? -8.389  16.622  13.180  1.00 21.60 ? 235  HIS A NE2 1 
ATOM   1087 N N   . SER A 1 145 ? -13.030 15.397  8.206   1.00 17.71 ? 236  SER A N   1 
ATOM   1088 C CA  . SER A 1 145 ? -13.925 15.659  7.086   1.00 15.68 ? 236  SER A CA  1 
ATOM   1089 C C   . SER A 1 145 ? -14.997 14.601  7.052   1.00 15.44 ? 236  SER A C   1 
ATOM   1090 O O   . SER A 1 145 ? -15.009 13.687  7.880   1.00 15.65 ? 236  SER A O   1 
ATOM   1091 C CB  . SER A 1 145 ? -13.110 15.671  5.804   1.00 16.05 ? 236  SER A CB  1 
ATOM   1092 O OG  . SER A 1 145 ? -12.747 14.330  5.440   1.00 12.03 ? 236  SER A OG  1 
ATOM   1093 N N   . ASP A 1 146 ? -15.944 14.721  6.084   1.00 13.58 ? 237  ASP A N   1 
ATOM   1094 C CA  . ASP A 1 146 ? -16.774 13.612  5.712   1.00 12.74 ? 237  ASP A CA  1 
ATOM   1095 C C   . ASP A 1 146 ? -16.354 12.930  4.379   1.00 11.76 ? 237  ASP A C   1 
ATOM   1096 O O   . ASP A 1 146 ? -17.176 12.289  3.717   1.00 13.96 ? 237  ASP A O   1 
ATOM   1097 C CB  . ASP A 1 146 ? -18.265 14.025  5.639   1.00 13.56 ? 237  ASP A CB  1 
ATOM   1098 C CG  . ASP A 1 146 ? -19.075 13.531  6.841   0.50 16.06 ? 237  ASP A CG  1 
ATOM   1099 O OD1 . ASP A 1 146 ? -18.476 13.000  7.802   0.50 14.41 ? 237  ASP A OD1 1 
ATOM   1100 O OD2 . ASP A 1 146 ? -20.342 13.679  6.829   0.50 18.29 ? 237  ASP A OD2 1 
ATOM   1101 N N   . LEU A 1 147 ? -15.069 13.025  4.005   1.00 12.89 ? 238  LEU A N   1 
ATOM   1102 C CA  . LEU A 1 147 ? -14.591 12.314  2.853   1.00 10.84 ? 238  LEU A CA  1 
ATOM   1103 C C   . LEU A 1 147 ? -14.363 10.844  3.225   1.00 11.38 ? 238  LEU A C   1 
ATOM   1104 O O   . LEU A 1 147 ? -13.894 10.556  4.330   1.00 10.93 ? 238  LEU A O   1 
ATOM   1105 C CB  . LEU A 1 147 ? -13.224 12.860  2.409   1.00 11.00 ? 238  LEU A CB  1 
ATOM   1106 C CG  . LEU A 1 147 ? -13.284 14.371  2.061   1.00 15.43 ? 238  LEU A CG  1 
ATOM   1107 C CD1 . LEU A 1 147 ? -11.868 14.866  1.851   1.00 15.28 ? 238  LEU A CD1 1 
ATOM   1108 C CD2 . LEU A 1 147 ? -14.184 14.602  0.818   1.00 12.58 ? 238  LEU A CD2 1 
ATOM   1109 N N   . LEU A 1 148 ? -14.623 9.967   2.266   1.00 10.56 ? 239  LEU A N   1 
ATOM   1110 C CA  . LEU A 1 148 ? -14.270 8.537   2.408   1.00 10.83 ? 239  LEU A CA  1 
ATOM   1111 C C   . LEU A 1 148 ? -12.972 8.338   1.663   1.00 10.09 ? 239  LEU A C   1 
ATOM   1112 O O   . LEU A 1 148 ? -12.637 9.106   0.774   1.00 9.02  ? 239  LEU A O   1 
ATOM   1113 C CB  . LEU A 1 148 ? -15.367 7.623   1.830   1.00 10.19 ? 239  LEU A CB  1 
ATOM   1114 C CG  . LEU A 1 148 ? -16.717 7.728   2.555   1.00 10.32 ? 239  LEU A CG  1 
ATOM   1115 C CD1 . LEU A 1 148 ? -17.684 6.679   1.983   1.00 12.50 ? 239  LEU A CD1 1 
ATOM   1116 C CD2 . LEU A 1 148 ? -16.507 7.453   4.094   1.00 12.38 ? 239  LEU A CD2 1 
ATOM   1117 N N   . THR A 1 149 ? -12.245 7.292   2.011   1.00 8.53  ? 240  THR A N   1 
ATOM   1118 C CA  . THR A 1 149 ? -11.024 6.997   1.194   1.00 8.10  ? 240  THR A CA  1 
ATOM   1119 C C   . THR A 1 149 ? -10.792 5.476   1.230   1.00 12.01 ? 240  THR A C   1 
ATOM   1120 O O   . THR A 1 149 ? -11.496 4.785   1.939   1.00 11.41 ? 240  THR A O   1 
ATOM   1121 C CB  . THR A 1 149 ? -9.777  7.781   1.757   1.00 8.16  ? 240  THR A CB  1 
ATOM   1122 O OG1 . THR A 1 149 ? -8.705  7.751   0.799   1.00 9.89  ? 240  THR A OG1 1 
ATOM   1123 C CG2 . THR A 1 149 ? -9.276  7.180   3.117   1.00 10.46 ? 240  THR A CG2 1 
ATOM   1124 N N   . THR A 1 150 ? -9.829  4.971   0.457   1.00 9.46  ? 241  THR A N   1 
ATOM   1125 C CA  . THR A 1 150 ? -9.405  3.606   0.614   1.00 12.26 ? 241  THR A CA  1 
ATOM   1126 C C   . THR A 1 150 ? -8.010  3.622   1.159   1.00 12.97 ? 241  THR A C   1 
ATOM   1127 O O   . THR A 1 150 ? -7.208  4.513   0.859   1.00 12.81 ? 241  THR A O   1 
ATOM   1128 C CB  . THR A 1 150 ? -9.279  2.864   -0.707  1.00 13.04 ? 241  THR A CB  1 
ATOM   1129 O OG1 . THR A 1 150 ? -8.414  3.599   -1.606  1.00 13.22 ? 241  THR A OG1 1 
ATOM   1130 C CG2 . THR A 1 150 ? -10.684 2.707   -1.304  1.00 11.36 ? 241  THR A CG2 1 
ATOM   1131 N N   . MET A 1 151 ? -7.703  2.612   1.978   1.00 12.46 ? 242  MET A N   1 
ATOM   1132 C CA  . MET A 1 151 ? -6.303  2.529   2.425   1.00 14.21 ? 242  MET A CA  1 
ATOM   1133 C C   . MET A 1 151 ? -6.082  1.066   2.812   1.00 13.48 ? 242  MET A C   1 
ATOM   1134 O O   . MET A 1 151 ? -7.072  0.288   3.007   1.00 11.74 ? 242  MET A O   1 
ATOM   1135 C CB  . MET A 1 151 ? -6.050  3.461   3.634   1.00 13.60 ? 242  MET A CB  1 
ATOM   1136 C CG  . MET A 1 151 ? -6.850  3.142   4.921   1.00 12.88 ? 242  MET A CG  1 
ATOM   1137 S SD  . MET A 1 151 ? -6.480  4.269   6.318   1.00 15.51 ? 242  MET A SD  1 
ATOM   1138 C CE  . MET A 1 151 ? -7.364  5.840   5.935   1.00 15.73 ? 242  MET A CE  1 
ATOM   1139 N N   . PRO A 1 152 ? -4.807  0.657   2.788   1.00 14.19 ? 243  PRO A N   1 
ATOM   1140 C CA  . PRO A 1 152 ? -4.539  -0.659  3.345   1.00 14.36 ? 243  PRO A CA  1 
ATOM   1141 C C   . PRO A 1 152 ? -5.007  -0.774  4.789   1.00 14.05 ? 243  PRO A C   1 
ATOM   1142 O O   . PRO A 1 152 ? -4.930  0.195   5.595   1.00 15.81 ? 243  PRO A O   1 
ATOM   1143 C CB  . PRO A 1 152 ? -2.958  -0.761  3.334   1.00 15.17 ? 243  PRO A CB  1 
ATOM   1144 C CG  . PRO A 1 152 ? -2.452  0.489   2.917   1.00 15.60 ? 243  PRO A CG  1 
ATOM   1145 C CD  . PRO A 1 152 ? -3.579  1.403   2.466   1.00 13.37 ? 243  PRO A CD  1 
ATOM   1146 N N   . ARG A 1 153 ? -5.515  -1.933  5.139   1.00 14.26 ? 244  ARG A N   1 
ATOM   1147 C CA  . ARG A 1 153 ? -5.986  -2.182  6.508   1.00 16.45 ? 244  ARG A CA  1 
ATOM   1148 C C   . ARG A 1 153 ? -4.908  -1.892  7.537   1.00 15.05 ? 244  ARG A C   1 
ATOM   1149 O O   . ARG A 1 153 ? -5.202  -1.394  8.610   1.00 14.33 ? 244  ARG A O   1 
ATOM   1150 C CB  . ARG A 1 153 ? -6.434  -3.637  6.681   1.00 18.58 ? 244  ARG A CB  1 
ATOM   1151 C CG  . ARG A 1 153 ? -7.022  -3.883  8.120   1.00 22.47 ? 244  ARG A CG  1 
ATOM   1152 C CD  . ARG A 1 153 ? -7.678  -5.320  8.270   1.00 29.89 ? 244  ARG A CD  1 
ATOM   1153 N NE  . ARG A 1 153 ? -8.930  -5.462  7.527   1.00 32.17 ? 244  ARG A NE  1 
ATOM   1154 C CZ  . ARG A 1 153 ? -10.134 -4.962  7.888   1.00 35.10 ? 244  ARG A CZ  1 
ATOM   1155 N NH1 . ARG A 1 153 ? -10.290 -4.245  9.011   1.00 34.91 ? 244  ARG A NH1 1 
ATOM   1156 N NH2 . ARG A 1 153 ? -11.209 -5.180  7.108   1.00 32.98 ? 244  ARG A NH2 1 
ATOM   1157 N N   . THR A 1 154 ? -3.636  -2.221  7.237   1.00 14.08 ? 245  THR A N   1 
ATOM   1158 C CA  . THR A 1 154 ? -2.587  -1.828  8.190   1.00 14.81 ? 245  THR A CA  1 
ATOM   1159 C C   . THR A 1 154 ? -2.532  -0.346  8.530   1.00 11.17 ? 245  THR A C   1 
ATOM   1160 O O   . THR A 1 154 ? -2.348  0.003   9.679   1.00 11.19 ? 245  THR A O   1 
ATOM   1161 C CB  . THR A 1 154 ? -1.193  -2.324  7.692   1.00 14.24 ? 245  THR A CB  1 
ATOM   1162 O OG1 . THR A 1 154 ? -1.312  -3.743  7.583   1.00 21.94 ? 245  THR A OG1 1 
ATOM   1163 C CG2 . THR A 1 154 ? -0.112  -2.038  8.676   1.00 15.37 ? 245  THR A CG2 1 
ATOM   1164 N N   . LEU A 1 155 ? -2.691  0.534   7.533   1.00 11.16 ? 246  LEU A N   1 
ATOM   1165 C CA  . LEU A 1 155 ? -2.660  1.911   7.874   1.00 11.32 ? 246  LEU A CA  1 
ATOM   1166 C C   . LEU A 1 155 ? -3.891  2.249   8.727   1.00 11.43 ? 246  LEU A C   1 
ATOM   1167 O O   . LEU A 1 155 ? -3.771  3.025   9.662   1.00 12.30 ? 246  LEU A O   1 
ATOM   1168 C CB  . LEU A 1 155 ? -2.636  2.742   6.564   1.00 12.37 ? 246  LEU A CB  1 
ATOM   1169 C CG  . LEU A 1 155 ? -2.554  4.245   6.730   1.00 11.81 ? 246  LEU A CG  1 
ATOM   1170 C CD1 . LEU A 1 155 ? -1.398  4.864   7.601   1.00 10.93 ? 246  LEU A CD1 1 
ATOM   1171 C CD2 . LEU A 1 155 ? -2.512  4.787   5.327   1.00 9.59  ? 246  LEU A CD2 1 
ATOM   1172 N N   . TYR A 1 156 ? -5.072  1.723   8.382   1.00 13.94 ? 247  TYR A N   1 
ATOM   1173 C CA  . TYR A 1 156 ? -6.312  1.965   9.206   1.00 14.59 ? 247  TYR A CA  1 
ATOM   1174 C C   . TYR A 1 156 ? -6.071  1.563   10.672  1.00 16.33 ? 247  TYR A C   1 
ATOM   1175 O O   . TYR A 1 156 ? -6.453  2.294   11.613  1.00 16.78 ? 247  TYR A O   1 
ATOM   1176 C CB  . TYR A 1 156 ? -7.545  1.275   8.553   1.00 14.26 ? 247  TYR A CB  1 
ATOM   1177 C CG  . TYR A 1 156 ? -8.722  1.242   9.489   1.00 14.25 ? 247  TYR A CG  1 
ATOM   1178 C CD1 . TYR A 1 156 ? -9.382  2.429   9.856   1.00 17.73 ? 247  TYR A CD1 1 
ATOM   1179 C CD2 . TYR A 1 156 ? -9.138  0.047   10.058  1.00 17.54 ? 247  TYR A CD2 1 
ATOM   1180 C CE1 . TYR A 1 156 ? -10.417 2.414   10.771  1.00 17.50 ? 247  TYR A CE1 1 
ATOM   1181 C CE2 . TYR A 1 156 ? -10.212 0.005   10.955  1.00 19.52 ? 247  TYR A CE2 1 
ATOM   1182 C CZ  . TYR A 1 156 ? -10.818 1.211   11.320  1.00 18.85 ? 247  TYR A CZ  1 
ATOM   1183 O OH  . TYR A 1 156 ? -11.842 1.194   12.231  1.00 22.19 ? 247  TYR A OH  1 
ATOM   1184 N N   . GLU A 1 157 ? -5.389  0.439   10.890  1.00 17.33 ? 248  GLU A N   1 
ATOM   1185 C CA  . GLU A 1 157 ? -5.103  0.006   12.265  1.00 18.25 ? 248  GLU A CA  1 
ATOM   1186 C C   . GLU A 1 157 ? -3.994  0.768   12.956  1.00 18.85 ? 248  GLU A C   1 
ATOM   1187 O O   . GLU A 1 157 ? -3.922  0.808   14.195  1.00 21.90 ? 248  GLU A O   1 
ATOM   1188 C CB  . GLU A 1 157 ? -4.805  -1.465  12.272  1.00 18.71 ? 248  GLU A CB  1 
ATOM   1189 C CG  . GLU A 1 157 ? -6.013  -2.269  11.905  1.00 23.92 ? 248  GLU A CG  1 
ATOM   1190 C CD  . GLU A 1 157 ? -5.717  -3.758  11.685  1.00 31.45 ? 248  GLU A CD  1 
ATOM   1191 O OE1 . GLU A 1 157 ? -4.547  -4.224  11.667  1.00 33.54 ? 248  GLU A OE1 1 
ATOM   1192 O OE2 . GLU A 1 157 ? -6.709  -4.475  11.535  1.00 35.32 ? 248  GLU A OE2 1 
ATOM   1193 N N   . ARG A 1 158 ? -3.076  1.307   12.169  1.00 16.88 ? 249  ARG A N   1 
ATOM   1194 C CA  . ARG A 1 158 ? -1.834  1.940   12.722  1.00 16.25 ? 249  ARG A CA  1 
ATOM   1195 C C   . ARG A 1 158 ? -1.674  3.398   12.292  1.00 16.07 ? 249  ARG A C   1 
ATOM   1196 O O   . ARG A 1 158 ? -0.815  3.733   11.426  1.00 16.67 ? 249  ARG A O   1 
ATOM   1197 C CB  . ARG A 1 158 ? -0.610  1.053   12.303  1.00 15.54 ? 249  ARG A CB  1 
ATOM   1198 C CG  . ARG A 1 158 ? -0.801  -0.463  12.793  1.00 17.14 ? 249  ARG A CG  1 
ATOM   1199 C CD  . ARG A 1 158 ? 0.462   -1.271  12.595  0.50 17.32 ? 249  ARG A CD  1 
ATOM   1200 N NE  . ARG A 1 158 ? 0.310   -2.604  13.181  0.50 17.10 ? 249  ARG A NE  1 
ATOM   1201 C CZ  . ARG A 1 158 ? 1.302   -3.238  13.822  0.50 20.88 ? 249  ARG A CZ  1 
ATOM   1202 N NH1 . ARG A 1 158 ? 2.495   -2.666  13.934  0.50 14.29 ? 249  ARG A NH1 1 
ATOM   1203 N NH2 . ARG A 1 158 ? 1.116   -4.446  14.350  0.50 16.44 ? 249  ARG A NH2 1 
ATOM   1204 N N   . ASN A 1 159 ? -2.489  4.297   12.862  1.00 15.77 ? 250  ASN A N   1 
ATOM   1205 C CA  . ASN A 1 159 ? -2.322  5.729   12.647  1.00 16.09 ? 250  ASN A CA  1 
ATOM   1206 C C   . ASN A 1 159 ? -2.745  6.451   13.912  1.00 16.14 ? 250  ASN A C   1 
ATOM   1207 O O   . ASN A 1 159 ? -3.455  5.875   14.749  1.00 18.49 ? 250  ASN A O   1 
ATOM   1208 C CB  . ASN A 1 159 ? -3.175  6.196   11.410  1.00 14.95 ? 250  ASN A CB  1 
ATOM   1209 C CG  . ASN A 1 159 ? -4.686  6.034   11.685  1.00 18.31 ? 250  ASN A CG  1 
ATOM   1210 O OD1 . ASN A 1 159 ? -5.283  6.865   12.333  1.00 19.25 ? 250  ASN A OD1 1 
ATOM   1211 N ND2 . ASN A 1 159 ? -5.278  4.969   11.177  1.00 17.56 ? 250  ASN A ND2 1 
ATOM   1212 N N   . ALA A 1 160 ? -2.355  7.721   14.060  1.00 18.47 ? 251  ALA A N   1 
ATOM   1213 C CA  . ALA A 1 160 ? -2.603  8.321   15.314  1.00 20.38 ? 251  ALA A CA  1 
ATOM   1214 C C   . ALA A 1 160 ? -4.056  8.803   15.430  1.00 20.67 ? 251  ALA A C   1 
ATOM   1215 O O   . ALA A 1 160 ? -4.445  9.334   16.464  1.00 21.37 ? 251  ALA A O   1 
ATOM   1216 C CB  . ALA A 1 160 ? -1.642  9.469   15.510  1.00 21.43 ? 251  ALA A CB  1 
ATOM   1217 N N   . PHE A 1 161 ? -4.849  8.658   14.360  1.00 20.29 ? 252  PHE A N   1 
ATOM   1218 C CA  . PHE A 1 161 ? -6.274  9.069   14.416  1.00 17.55 ? 252  PHE A CA  1 
ATOM   1219 C C   . PHE A 1 161 ? -7.299  7.923   14.475  1.00 19.52 ? 252  PHE A C   1 
ATOM   1220 O O   . PHE A 1 161 ? -8.518  8.146   14.238  1.00 16.90 ? 252  PHE A O   1 
ATOM   1221 C CB  . PHE A 1 161 ? -6.600  9.972   13.180  1.00 16.86 ? 252  PHE A CB  1 
ATOM   1222 C CG  . PHE A 1 161 ? -5.781  11.201  13.119  1.00 15.38 ? 252  PHE A CG  1 
ATOM   1223 C CD1 . PHE A 1 161 ? -6.278  12.396  13.648  1.00 19.12 ? 252  PHE A CD1 1 
ATOM   1224 C CD2 . PHE A 1 161 ? -4.486  11.204  12.540  1.00 15.38 ? 252  PHE A CD2 1 
ATOM   1225 C CE1 . PHE A 1 161 ? -5.463  13.566  13.597  1.00 18.42 ? 252  PHE A CE1 1 
ATOM   1226 C CE2 . PHE A 1 161 ? -3.693  12.354  12.471  1.00 17.14 ? 252  PHE A CE2 1 
ATOM   1227 C CZ  . PHE A 1 161 ? -4.174  13.527  12.983  1.00 16.70 ? 252  PHE A CZ  1 
ATOM   1228 N N   . LYS A 1 162 ? -6.860  6.703   14.852  1.00 20.27 ? 253  LYS A N   1 
ATOM   1229 C CA  . LYS A 1 162 ? -7.706  5.534   14.687  1.00 20.95 ? 253  LYS A CA  1 
ATOM   1230 C C   . LYS A 1 162 ? -8.975  5.640   15.550  1.00 21.43 ? 253  LYS A C   1 
ATOM   1231 O O   . LYS A 1 162 ? -9.987  5.171   15.119  1.00 20.73 ? 253  LYS A O   1 
ATOM   1232 C CB  . LYS A 1 162 ? -6.975  4.170   14.895  1.00 22.56 ? 253  LYS A CB  1 
ATOM   1233 C CG  . LYS A 1 162 ? -6.111  4.128   16.139  1.00 28.13 ? 253  LYS A CG  1 
ATOM   1234 C CD  . LYS A 1 162 ? -5.801  2.714   16.695  1.00 34.77 ? 253  LYS A CD  1 
ATOM   1235 C CE  . LYS A 1 162 ? -5.028  2.904   18.039  1.00 40.56 ? 253  LYS A CE  1 
ATOM   1236 N NZ  . LYS A 1 162 ? -4.384  1.661   18.569  1.00 42.76 ? 253  LYS A NZ  1 
ATOM   1237 N N   . ASP A 1 163 ? -8.956  6.293   16.713  1.00 22.06 ? 254  ASP A N   1 
ATOM   1238 C CA  . ASP A 1 163 ? -10.211 6.384   17.506  1.00 25.26 ? 254  ASP A CA  1 
ATOM   1239 C C   . ASP A 1 163 ? -11.245 7.340   16.882  1.00 23.65 ? 254  ASP A C   1 
ATOM   1240 O O   . ASP A 1 163 ? -12.371 7.459   17.368  1.00 25.50 ? 254  ASP A O   1 
ATOM   1241 C CB  . ASP A 1 163 ? -9.948  6.734   19.004  1.00 26.78 ? 254  ASP A CB  1 
ATOM   1242 C CG  . ASP A 1 163 ? -9.237  8.083   19.228  1.00 34.70 ? 254  ASP A CG  1 
ATOM   1243 O OD1 . ASP A 1 163 ? -8.801  8.820   18.280  1.00 40.93 ? 254  ASP A OD1 1 
ATOM   1244 O OD2 . ASP A 1 163 ? -9.085  8.411   20.441  1.00 44.52 ? 254  ASP A OD2 1 
ATOM   1245 N N   . GLN A 1 164 ? -10.861 8.030   15.829  1.00 22.21 ? 255  GLN A N   1 
ATOM   1246 C CA  . GLN A 1 164 ? -11.778 8.973   15.179  1.00 21.11 ? 255  GLN A CA  1 
ATOM   1247 C C   . GLN A 1 164 ? -12.178 8.493   13.789  1.00 19.32 ? 255  GLN A C   1 
ATOM   1248 O O   . GLN A 1 164 ? -12.766 9.291   13.026  1.00 19.48 ? 255  GLN A O   1 
ATOM   1249 C CB  . GLN A 1 164 ? -11.136 10.351  15.026  1.00 20.19 ? 255  GLN A CB  1 
ATOM   1250 C CG  . GLN A 1 164 ? -10.670 11.065  16.308  1.00 24.96 ? 255  GLN A CG  1 
ATOM   1251 C CD  . GLN A 1 164 ? -9.790  12.200  15.927  1.00 32.59 ? 255  GLN A CD  1 
ATOM   1252 O OE1 . GLN A 1 164 ? -10.166 13.022  15.076  1.00 36.43 ? 255  GLN A OE1 1 
ATOM   1253 N NE2 . GLN A 1 164 ? -8.594  12.240  16.479  1.00 34.36 ? 255  GLN A NE2 1 
ATOM   1254 N N   . LEU A 1 165 ? -11.859 7.246   13.466  1.00 17.02 ? 256  LEU A N   1 
ATOM   1255 C CA  . LEU A 1 165 ? -12.082 6.641   12.123  1.00 16.70 ? 256  LEU A CA  1 
ATOM   1256 C C   . LEU A 1 165 ? -12.854 5.393   12.270  1.00 16.95 ? 256  LEU A C   1 
ATOM   1257 O O   . LEU A 1 165 ? -12.832 4.778   13.368  1.00 17.24 ? 256  LEU A O   1 
ATOM   1258 C CB  . LEU A 1 165 ? -10.718 6.361   11.404  1.00 15.22 ? 256  LEU A CB  1 
ATOM   1259 C CG  . LEU A 1 165 ? -9.896  7.631   11.113  1.00 16.62 ? 256  LEU A CG  1 
ATOM   1260 C CD1 . LEU A 1 165 ? -8.497  7.212   10.620  1.00 16.33 ? 256  LEU A CD1 1 
ATOM   1261 C CD2 . LEU A 1 165 ? -10.623 8.555   10.023  1.00 13.44 ? 256  LEU A CD2 1 
ATOM   1262 N N   . CYS A 1 166 ? -13.499 4.946   11.188  1.00 15.90 ? 257  CYS A N   1 
ATOM   1263 C CA  . CYS A 1 166 ? -14.166 3.685   11.200  1.00 15.89 ? 257  CYS A CA  1 
ATOM   1264 C C   . CYS A 1 166 ? -13.865 3.106   9.861   1.00 16.55 ? 257  CYS A C   1 
ATOM   1265 O O   . CYS A 1 166 ? -13.420 3.795   8.926   1.00 15.07 ? 257  CYS A O   1 
ATOM   1266 C CB  . CYS A 1 166 ? -15.705 3.857   11.387  1.00 17.50 ? 257  CYS A CB  1 
ATOM   1267 S SG  . CYS A 1 166 ? -16.583 4.541   9.926   0.50 10.10 ? 257  CYS A SG  1 
ATOM   1268 N N   . SER A 1 167 ? -14.074 1.821   9.758   1.00 17.91 ? 258  SER A N   1 
ATOM   1269 C CA  . SER A 1 167 ? -13.938 1.105   8.476   1.00 19.36 ? 258  SER A CA  1 
ATOM   1270 C C   . SER A 1 167 ? -15.334 0.648   7.976   1.00 20.25 ? 258  SER A C   1 
ATOM   1271 O O   . SER A 1 167 ? -16.151 0.140   8.758   1.00 19.74 ? 258  SER A O   1 
ATOM   1272 C CB  . SER A 1 167 ? -13.001 -0.066  8.690   1.00 20.13 ? 258  SER A CB  1 
ATOM   1273 O OG  . SER A 1 167 ? -12.924 -0.811  7.519   1.00 28.68 ? 258  SER A OG  1 
ATOM   1274 N N   . ILE A 1 168 ? -15.645 0.843   6.699   1.00 19.13 ? 259  ILE A N   1 
ATOM   1275 C CA  . ILE A 1 168 ? -17.007 0.551   6.211   1.00 20.99 ? 259  ILE A CA  1 
ATOM   1276 C C   . ILE A 1 168 ? -17.147 -0.968  5.957   1.00 23.18 ? 259  ILE A C   1 
ATOM   1277 O O   . ILE A 1 168 ? -16.298 -1.556  5.272   1.00 22.64 ? 259  ILE A O   1 
ATOM   1278 C CB  . ILE A 1 168 ? -17.322 1.381   4.910   1.00 21.90 ? 259  ILE A CB  1 
ATOM   1279 C CG1 . ILE A 1 168 ? -17.768 2.828   5.221   1.00 20.61 ? 259  ILE A CG1 1 
ATOM   1280 C CG2 . ILE A 1 168 ? -18.531 0.752   4.193   1.00 20.42 ? 259  ILE A CG2 1 
ATOM   1281 C CD1 . ILE A 1 168 ? -16.947 3.628   6.141   1.00 25.25 ? 259  ILE A CD1 1 
ATOM   1282 N N   . PRO A 1 169 ? -18.160 -1.621  6.560   1.00 25.11 ? 260  PRO A N   1 
ATOM   1283 C CA  . PRO A 1 169 ? -18.138 -3.097  6.477   1.00 26.92 ? 260  PRO A CA  1 
ATOM   1284 C C   . PRO A 1 169 ? -18.665 -3.601  5.144   1.00 27.81 ? 260  PRO A C   1 
ATOM   1285 O O   . PRO A 1 169 ? -19.724 -4.254  5.078   1.00 27.96 ? 260  PRO A O   1 
ATOM   1286 C CB  . PRO A 1 169 ? -19.041 -3.522  7.673   1.00 28.23 ? 260  PRO A CB  1 
ATOM   1287 C CG  . PRO A 1 169 ? -20.103 -2.396  7.765   1.00 26.69 ? 260  PRO A CG  1 
ATOM   1288 C CD  . PRO A 1 169 ? -19.350 -1.100  7.276   1.00 26.32 ? 260  PRO A CD  1 
ATOM   1289 N N   . LEU A 1 170 ? -17.932 -3.338  4.069   1.00 29.03 ? 261  LEU A N   1 
ATOM   1290 C CA  . LEU A 1 170 ? -18.464 -3.543  2.724   1.00 31.13 ? 261  LEU A CA  1 
ATOM   1291 C C   . LEU A 1 170 ? -18.616 -5.038  2.404   1.00 32.67 ? 261  LEU A C   1 
ATOM   1292 O O   . LEU A 1 170 ? -17.763 -5.858  2.791   1.00 31.72 ? 261  LEU A O   1 
ATOM   1293 C CB  . LEU A 1 170 ? -17.584 -2.829  1.669   1.00 31.70 ? 261  LEU A CB  1 
ATOM   1294 C CG  . LEU A 1 170 ? -18.382 -2.274  0.474   1.00 33.95 ? 261  LEU A CG  1 
ATOM   1295 C CD1 . LEU A 1 170 ? -19.312 -1.129  0.886   1.00 34.71 ? 261  LEU A CD1 1 
ATOM   1296 C CD2 . LEU A 1 170 ? -17.489 -1.815  -0.609  1.00 36.29 ? 261  LEU A CD2 1 
ATOM   1297 N N   . GLN A 1 171 ? -19.725 -5.399  1.754   1.00 32.58 ? 262  GLN A N   1 
ATOM   1298 C CA  . GLN A 1 171 ? -19.866 -6.782  1.316   1.00 33.97 ? 262  GLN A CA  1 
ATOM   1299 C C   . GLN A 1 171 ? -19.605 -6.901  -0.195  1.00 33.03 ? 262  GLN A C   1 
ATOM   1300 O O   . GLN A 1 171 ? -19.439 -8.006  -0.699  1.00 34.27 ? 262  GLN A O   1 
ATOM   1301 C CB  . GLN A 1 171 ? -21.184 -7.446  1.828   1.00 34.83 ? 262  GLN A CB  1 
ATOM   1302 C CG  . GLN A 1 171 ? -21.210 -7.727  3.411   1.00 39.17 ? 262  GLN A CG  1 
ATOM   1303 C CD  . GLN A 1 171 ? -22.623 -7.696  4.068   1.00 47.49 ? 262  GLN A CD  1 
ATOM   1304 O OE1 . GLN A 1 171 ? -23.636 -8.039  3.439   1.00 50.71 ? 262  GLN A OE1 1 
ATOM   1305 N NE2 . GLN A 1 171 ? -22.682 -7.305  5.351   1.00 48.19 ? 262  GLN A NE2 1 
ATOM   1306 N N   . ASP A 1 172 ? -19.484 -5.783  -0.915  1.00 31.99 ? 263  ASP A N   1 
ATOM   1307 C CA  . ASP A 1 172 ? -19.114 -5.840  -2.340  1.00 30.84 ? 263  ASP A CA  1 
ATOM   1308 C C   . ASP A 1 172 ? -17.583 -6.067  -2.426  1.00 31.29 ? 263  ASP A C   1 
ATOM   1309 O O   . ASP A 1 172 ? -16.879 -5.845  -1.443  1.00 29.98 ? 263  ASP A O   1 
ATOM   1310 C CB  . ASP A 1 172 ? -19.480 -4.548  -3.104  1.00 31.16 ? 263  ASP A CB  1 
ATOM   1311 C CG  . ASP A 1 172 ? -20.987 -4.342  -3.250  1.00 31.28 ? 263  ASP A CG  1 
ATOM   1312 O OD1 . ASP A 1 172 ? -21.714 -5.346  -3.144  1.00 33.02 ? 263  ASP A OD1 1 
ATOM   1313 O OD2 . ASP A 1 172 ? -21.423 -3.167  -3.490  1.00 28.00 ? 263  ASP A OD2 1 
ATOM   1314 N N   . ALA A 1 173 ? -17.100 -6.484  -3.608  1.00 31.54 ? 264  ALA A N   1 
ATOM   1315 C CA  . ALA A 1 173 ? -15.697 -6.813  -3.815  1.00 31.62 ? 264  ALA A CA  1 
ATOM   1316 C C   . ALA A 1 173 ? -14.903 -5.554  -4.024  1.00 32.22 ? 264  ALA A C   1 
ATOM   1317 O O   . ALA A 1 173 ? -15.371 -4.613  -4.665  1.00 33.89 ? 264  ALA A O   1 
ATOM   1318 C CB  . ALA A 1 173 ? -15.562 -7.683  -5.021  1.00 31.59 ? 264  ALA A CB  1 
ATOM   1319 N N   . LEU A 1 174 ? -13.678 -5.523  -3.512  1.00 32.67 ? 265  LEU A N   1 
ATOM   1320 C CA  . LEU A 1 174 ? -12.779 -4.406  -3.806  1.00 31.40 ? 265  LEU A CA  1 
ATOM   1321 C C   . LEU A 1 174 ? -11.556 -4.945  -4.503  1.00 30.99 ? 265  LEU A C   1 
ATOM   1322 O O   . LEU A 1 174 ? -11.052 -5.978  -4.059  1.00 31.65 ? 265  LEU A O   1 
ATOM   1323 C CB  . LEU A 1 174 ? -12.334 -3.758  -2.504  1.00 30.99 ? 265  LEU A CB  1 
ATOM   1324 C CG  . LEU A 1 174 ? -13.408 -2.934  -1.842  1.00 30.53 ? 265  LEU A CG  1 
ATOM   1325 C CD1 . LEU A 1 174 ? -12.942 -2.557  -0.482  1.00 31.84 ? 265  LEU A CD1 1 
ATOM   1326 C CD2 . LEU A 1 174 ? -13.668 -1.697  -2.736  1.00 29.75 ? 265  LEU A CD2 1 
ATOM   1327 N N   . PRO A 1 175 ? -11.043 -4.242  -5.543  1.00 29.90 ? 266  PRO A N   1 
ATOM   1328 C CA  . PRO A 1 175 ? -9.919  -4.835  -6.267  1.00 29.57 ? 266  PRO A CA  1 
ATOM   1329 C C   . PRO A 1 175 ? -8.610  -4.625  -5.491  1.00 29.52 ? 266  PRO A C   1 
ATOM   1330 O O   . PRO A 1 175 ? -7.909  -3.629  -5.709  1.00 32.32 ? 266  PRO A O   1 
ATOM   1331 C CB  . PRO A 1 175 ? -9.900  -4.083  -7.597  1.00 30.14 ? 266  PRO A CB  1 
ATOM   1332 C CG  . PRO A 1 175 ? -10.539 -2.688  -7.311  1.00 26.97 ? 266  PRO A CG  1 
ATOM   1333 C CD  . PRO A 1 175 ? -11.369 -2.880  -6.037  1.00 28.39 ? 266  PRO A CD  1 
ATOM   1334 N N   . ASN A 1 176 ? -8.289  -5.570  -4.618  1.00 26.57 ? 267  ASN A N   1 
ATOM   1335 C CA  . ASN A 1 176 ? -7.048  -5.569  -3.835  1.00 26.42 ? 267  ASN A CA  1 
ATOM   1336 C C   . ASN A 1 176 ? -5.793  -5.729  -4.697  1.00 24.77 ? 267  ASN A C   1 
ATOM   1337 O O   . ASN A 1 176 ? -5.608  -6.794  -5.323  1.00 23.09 ? 267  ASN A O   1 
ATOM   1338 C CB  . ASN A 1 176 ? -7.106  -6.713  -2.805  1.00 25.90 ? 267  ASN A CB  1 
ATOM   1339 C CG  . ASN A 1 176 ? -8.209  -6.501  -1.759  1.00 31.01 ? 267  ASN A CG  1 
ATOM   1340 O OD1 . ASN A 1 176 ? -8.338  -5.425  -1.162  1.00 25.84 ? 267  ASN A OD1 1 
ATOM   1341 N ND2 . ASN A 1 176 ? -9.016  -7.541  -1.543  1.00 36.74 ? 267  ASN A ND2 1 
ATOM   1342 N N   . PRO A 1 177 ? -4.909  -4.706  -4.747  1.00 25.23 ? 268  PRO A N   1 
ATOM   1343 C CA  . PRO A 1 177 ? -3.614  -4.983  -5.441  1.00 24.93 ? 268  PRO A CA  1 
ATOM   1344 C C   . PRO A 1 177 ? -2.698  -6.032  -4.760  1.00 22.76 ? 268  PRO A C   1 
ATOM   1345 O O   . PRO A 1 177 ? -2.735  -6.267  -3.510  1.00 20.73 ? 268  PRO A O   1 
ATOM   1346 C CB  . PRO A 1 177 ? -2.909  -3.598  -5.473  1.00 26.45 ? 268  PRO A CB  1 
ATOM   1347 C CG  . PRO A 1 177 ? -3.993  -2.611  -5.213  1.00 26.95 ? 268  PRO A CG  1 
ATOM   1348 C CD  . PRO A 1 177 ? -4.935  -3.318  -4.242  1.00 27.29 ? 268  PRO A CD  1 
ATOM   1349 N N   . THR A 1 178 ? -1.869  -6.664  -5.596  1.00 21.88 ? 269  THR A N   1 
ATOM   1350 C CA  . THR A 1 178 ? -0.917  -7.634  -5.064  1.00 22.20 ? 269  THR A CA  1 
ATOM   1351 C C   . THR A 1 178 ? 0.344   -6.826  -4.706  1.00 20.93 ? 269  THR A C   1 
ATOM   1352 O O   . THR A 1 178 ? 0.721   -5.929  -5.465  1.00 19.85 ? 269  THR A O   1 
ATOM   1353 C CB  . THR A 1 178 ? -0.582  -8.736  -6.145  1.00 22.91 ? 269  THR A CB  1 
ATOM   1354 O OG1 . THR A 1 178 ? -1.829  -9.315  -6.626  1.00 22.74 ? 269  THR A OG1 1 
ATOM   1355 C CG2 . THR A 1 178 ? 0.226   -9.844  -5.520  1.00 24.67 ? 269  THR A CG2 1 
ATOM   1356 N N   . ILE A 1 179 ? 0.948   -7.203  -3.574  1.00 21.87 ? 270  ILE A N   1 
ATOM   1357 C CA  . ILE A 1 179 ? 2.236   -6.650  -3.023  1.00 20.42 ? 270  ILE A CA  1 
ATOM   1358 C C   . ILE A 1 179 ? 3.408   -7.464  -3.653  1.00 20.81 ? 270  ILE A C   1 
ATOM   1359 O O   . ILE A 1 179 ? 3.426   -8.702  -3.547  1.00 19.74 ? 270  ILE A O   1 
ATOM   1360 C CB  . ILE A 1 179 ? 2.203   -6.725  -1.480  1.00 22.62 ? 270  ILE A CB  1 
ATOM   1361 C CG1 . ILE A 1 179 ? 1.045   -5.844  -0.874  1.00 20.49 ? 270  ILE A CG1 1 
ATOM   1362 C CG2 . ILE A 1 179 ? 3.509   -6.246  -0.874  1.00 23.82 ? 270  ILE A CG2 1 
ATOM   1363 C CD1 . ILE A 1 179 ? 0.798   -4.551  -1.684  1.00 21.19 ? 270  ILE A CD1 1 
ATOM   1364 N N   . TYR A 1 180 ? 4.336   -6.800  -4.324  1.00 18.67 ? 271  TYR A N   1 
ATOM   1365 C CA  . TYR A 1 180 ? 5.452   -7.514  -4.998  1.00 21.07 ? 271  TYR A CA  1 
ATOM   1366 C C   . TYR A 1 180 ? 6.797   -7.117  -4.419  1.00 22.81 ? 271  TYR A C   1 
ATOM   1367 O O   . TYR A 1 180 ? 6.944   -5.994  -3.848  1.00 19.53 ? 271  TYR A O   1 
ATOM   1368 C CB  . TYR A 1 180 ? 5.484   -7.089  -6.458  1.00 21.26 ? 271  TYR A CB  1 
ATOM   1369 C CG  . TYR A 1 180 ? 4.375   -7.745  -7.292  1.00 26.63 ? 271  TYR A CG  1 
ATOM   1370 C CD1 . TYR A 1 180 ? 4.536   -9.043  -7.799  1.00 34.04 ? 271  TYR A CD1 1 
ATOM   1371 C CD2 . TYR A 1 180 ? 3.162   -7.070  -7.552  1.00 28.72 ? 271  TYR A CD2 1 
ATOM   1372 C CE1 . TYR A 1 180 ? 3.527   -9.658  -8.587  1.00 31.73 ? 271  TYR A CE1 1 
ATOM   1373 C CE2 . TYR A 1 180 ? 2.162   -7.652  -8.334  1.00 28.11 ? 271  TYR A CE2 1 
ATOM   1374 C CZ  . TYR A 1 180 ? 2.352   -8.954  -8.849  1.00 36.81 ? 271  TYR A CZ  1 
ATOM   1375 O OH  . TYR A 1 180 ? 1.359   -9.569  -9.603  1.00 36.63 ? 271  TYR A OH  1 
ATOM   1376 N N   . VAL A 1 181 ? 7.768   -8.034  -4.541  1.00 22.07 ? 272  VAL A N   1 
ATOM   1377 C CA  . VAL A 1 181 ? 9.152   -7.608  -4.598  1.00 23.44 ? 272  VAL A CA  1 
ATOM   1378 C C   . VAL A 1 181 ? 9.500   -7.206  -5.987  1.00 21.79 ? 272  VAL A C   1 
ATOM   1379 O O   . VAL A 1 181 ? 9.403   -8.005  -6.938  1.00 22.79 ? 272  VAL A O   1 
ATOM   1380 C CB  . VAL A 1 181 ? 10.148  -8.703  -4.187  1.00 23.19 ? 272  VAL A CB  1 
ATOM   1381 C CG1 . VAL A 1 181 ? 11.566  -7.984  -4.014  1.00 26.18 ? 272  VAL A CG1 1 
ATOM   1382 C CG2 . VAL A 1 181 ? 9.709   -9.308  -2.909  1.00 25.27 ? 272  VAL A CG2 1 
ATOM   1383 N N   . LEU A 1 182 ? 9.946   -5.981  -6.154  1.00 20.23 ? 273  LEU A N   1 
ATOM   1384 C CA  . LEU A 1 182 ? 10.352  -5.566  -7.463  1.00 21.06 ? 273  LEU A CA  1 
ATOM   1385 C C   . LEU A 1 182 ? 11.855  -5.439  -7.444  1.00 23.61 ? 273  LEU A C   1 
ATOM   1386 O O   . LEU A 1 182 ? 12.395  -4.795  -6.535  1.00 22.88 ? 273  LEU A O   1 
ATOM   1387 C CB  . LEU A 1 182 ? 9.766   -4.235  -7.847  1.00 22.02 ? 273  LEU A CB  1 
ATOM   1388 C CG  . LEU A 1 182 ? 8.232   -4.209  -7.929  1.00 23.30 ? 273  LEU A CG  1 
ATOM   1389 C CD1 . LEU A 1 182 ? 7.884   -2.850  -8.349  1.00 21.75 ? 273  LEU A CD1 1 
ATOM   1390 C CD2 . LEU A 1 182 ? 7.702   -5.292  -8.961  1.00 21.96 ? 273  LEU A CD2 1 
ATOM   1391 N N   . ARG A 1 183 ? 12.518  -6.014  -8.462  1.00 23.16 ? 274  ARG A N   1 
ATOM   1392 C CA  . ARG A 1 183 ? 14.004  -5.901  -8.605  1.00 24.84 ? 274  ARG A CA  1 
ATOM   1393 C C   . ARG A 1 183 ? 14.372  -6.171  -10.071 1.00 25.84 ? 274  ARG A C   1 
ATOM   1394 O O   . ARG A 1 183 ? 13.563  -6.818  -10.821 1.00 26.04 ? 274  ARG A O   1 
ATOM   1395 C CB  . ARG A 1 183 ? 14.735  -6.865  -7.638  1.00 24.30 ? 274  ARG A CB  1 
ATOM   1396 C CG  . ARG A 1 183 ? 14.468  -8.359  -7.870  1.00 29.86 ? 274  ARG A CG  1 
ATOM   1397 C CD  . ARG A 1 183 ? 14.895  -9.312  -6.670  1.00 32.62 ? 274  ARG A CD  1 
ATOM   1398 N NE  . ARG A 1 183 ? 14.159  -10.605 -6.728  1.00 39.77 ? 274  ARG A NE  1 
ATOM   1399 C CZ  . ARG A 1 183 ? 13.923  -11.443 -5.705  1.00 42.38 ? 274  ARG A CZ  1 
ATOM   1400 N NH1 . ARG A 1 183 ? 14.388  -11.206 -4.464  1.00 42.91 ? 274  ARG A NH1 1 
ATOM   1401 N NH2 . ARG A 1 183 ? 13.215  -12.552 -5.924  1.00 46.26 ? 274  ARG A NH2 1 
ATOM   1402 N N   . ARG A 1 184 ? 15.516  -5.647  -10.521 1.00 25.34 ? 275  ARG A N   1 
ATOM   1403 C CA  . ARG A 1 184 ? 16.065  -6.017  -11.840 1.00 25.06 ? 275  ARG A CA  1 
ATOM   1404 C C   . ARG A 1 184 ? 16.213  -7.544  -11.883 1.00 24.70 ? 275  ARG A C   1 
ATOM   1405 O O   . ARG A 1 184 ? 16.833  -8.128  -11.008 1.00 25.38 ? 275  ARG A O   1 
ATOM   1406 C CB  . ARG A 1 184 ? 17.404  -5.314  -11.990 1.00 25.66 ? 275  ARG A CB  1 
ATOM   1407 C CG  . ARG A 1 184 ? 17.326  -3.858  -12.481 1.00 23.37 ? 275  ARG A CG  1 
ATOM   1408 C CD  . ARG A 1 184 ? 18.724  -3.375  -12.883 1.00 26.94 ? 275  ARG A CD  1 
ATOM   1409 N NE  . ARG A 1 184 ? 18.998  -3.913  -14.226 1.00 32.15 ? 275  ARG A NE  1 
ATOM   1410 C CZ  . ARG A 1 184 ? 18.706  -3.289  -15.368 1.00 34.52 ? 275  ARG A CZ  1 
ATOM   1411 N NH1 . ARG A 1 184 ? 18.973  -3.873  -16.525 1.00 35.51 ? 275  ARG A NH1 1 
ATOM   1412 N NH2 . ARG A 1 184 ? 18.201  -2.061  -15.352 1.00 30.71 ? 275  ARG A NH2 1 
ATOM   1413 N N   . HIS A 1 185 ? 15.600  -8.255  -12.831 1.00 27.51 ? 276  HIS A N   1 
ATOM   1414 C CA  . HIS A 1 185 ? 15.849  -9.747  -12.934 1.00 28.07 ? 276  HIS A CA  1 
ATOM   1415 C C   . HIS A 1 185 ? 17.351  -10.094 -13.196 1.00 26.74 ? 276  HIS A C   1 
ATOM   1416 O O   . HIS A 1 185 ? 17.833  -11.205 -12.834 1.00 26.91 ? 276  HIS A O   1 
ATOM   1417 C CB  . HIS A 1 185 ? 14.885  -10.499 -13.924 1.00 30.08 ? 276  HIS A CB  1 
ATOM   1418 C CG  . HIS A 1 185 ? 14.954  -10.000 -15.340 1.00 35.97 ? 276  HIS A CG  1 
ATOM   1419 N ND1 . HIS A 1 185 ? 16.052  -10.221 -16.161 1.00 42.14 ? 276  HIS A ND1 1 
ATOM   1420 C CD2 . HIS A 1 185 ? 14.069  -9.283  -16.081 1.00 39.79 ? 276  HIS A CD2 1 
ATOM   1421 C CE1 . HIS A 1 185 ? 15.838  -9.661  -17.344 1.00 43.09 ? 276  HIS A CE1 1 
ATOM   1422 N NE2 . HIS A 1 185 ? 14.649  -9.071  -17.316 1.00 42.95 ? 276  HIS A NE2 1 
ATOM   1423 N N   . ASP A 1 186 ? 18.097  -9.144  -13.771 1.00 25.45 ? 277  ASP A N   1 
ATOM   1424 C CA  . ASP A 1 186 ? 19.543  -9.404  -13.994 1.00 25.21 ? 277  ASP A CA  1 
ATOM   1425 C C   . ASP A 1 186 ? 20.425  -9.234  -12.752 1.00 24.39 ? 277  ASP A C   1 
ATOM   1426 O O   . ASP A 1 186 ? 21.643  -9.487  -12.799 1.00 22.98 ? 277  ASP A O   1 
ATOM   1427 C CB  . ASP A 1 186 ? 20.108  -8.687  -15.210 1.00 25.03 ? 277  ASP A CB  1 
ATOM   1428 C CG  . ASP A 1 186 ? 20.189  -7.136  -15.046 1.00 26.67 ? 277  ASP A CG  1 
ATOM   1429 O OD1 . ASP A 1 186 ? 20.081  -6.570  -13.935 1.00 25.54 ? 277  ASP A OD1 1 
ATOM   1430 O OD2 . ASP A 1 186 ? 20.406  -6.463  -16.073 1.00 26.86 ? 277  ASP A OD2 1 
ATOM   1431 N N   . LEU A 1 187 ? 19.808  -8.802  -11.638 1.00 22.96 ? 278  LEU A N   1 
ATOM   1432 C CA  . LEU A 1 187 ? 20.553  -8.572  -10.392 1.00 23.45 ? 278  LEU A CA  1 
ATOM   1433 C C   . LEU A 1 187 ? 20.524  -9.840  -9.510  1.00 24.91 ? 278  LEU A C   1 
ATOM   1434 O O   . LEU A 1 187 ? 19.455  -10.226 -9.088  1.00 22.41 ? 278  LEU A O   1 
ATOM   1435 C CB  . LEU A 1 187 ? 19.965  -7.377  -9.594  1.00 22.55 ? 278  LEU A CB  1 
ATOM   1436 C CG  . LEU A 1 187 ? 20.530  -6.957  -8.204  1.00 24.27 ? 278  LEU A CG  1 
ATOM   1437 C CD1 . LEU A 1 187 ? 22.054  -6.789  -8.230  1.00 22.42 ? 278  LEU A CD1 1 
ATOM   1438 C CD2 . LEU A 1 187 ? 19.830  -5.648  -7.583  1.00 20.87 ? 278  LEU A CD2 1 
ATOM   1439 N N   . PRO A 1 188 ? 21.709  -10.475 -9.225  1.00 25.55 ? 279  PRO A N   1 
ATOM   1440 C CA  . PRO A 1 188 ? 21.670  -11.705 -8.424  1.00 26.71 ? 279  PRO A CA  1 
ATOM   1441 C C   . PRO A 1 188 ? 21.211  -11.317 -7.000  1.00 28.20 ? 279  PRO A C   1 
ATOM   1442 O O   . PRO A 1 188 ? 21.474  -10.192 -6.551  1.00 27.75 ? 279  PRO A O   1 
ATOM   1443 C CB  . PRO A 1 188 ? 23.124  -12.204 -8.421  1.00 27.23 ? 279  PRO A CB  1 
ATOM   1444 C CG  . PRO A 1 188 ? 23.820  -11.540 -9.585  1.00 24.78 ? 279  PRO A CG  1 
ATOM   1445 C CD  . PRO A 1 188 ? 23.076  -10.190 -9.740  1.00 26.36 ? 279  PRO A CD  1 
ATOM   1446 N N   . VAL A 1 189 ? 20.467  -12.205 -6.355  1.00 30.13 ? 280  VAL A N   1 
ATOM   1447 C CA  . VAL A 1 189 ? 19.830  -11.953 -5.049  1.00 31.22 ? 280  VAL A CA  1 
ATOM   1448 C C   . VAL A 1 189 ? 20.858  -12.427 -4.053  1.00 32.29 ? 280  VAL A C   1 
ATOM   1449 O O   . VAL A 1 189 ? 21.204  -13.605 -4.023  1.00 31.99 ? 280  VAL A O   1 
ATOM   1450 C CB  . VAL A 1 189 ? 18.505  -12.791 -4.892  1.00 31.90 ? 280  VAL A CB  1 
ATOM   1451 C CG1 . VAL A 1 189 ? 17.776  -12.406 -3.608  1.00 35.38 ? 280  VAL A CG1 1 
ATOM   1452 C CG2 . VAL A 1 189 ? 17.586  -12.566 -6.056  1.00 33.47 ? 280  VAL A CG2 1 
ATOM   1453 N N   . THR A 1 190 ? 21.413  -11.473 -3.304  1.00 33.75 ? 281  THR A N   1 
ATOM   1454 C CA  . THR A 1 190 ? 22.354  -11.729 -2.216  1.00 34.94 ? 281  THR A CA  1 
ATOM   1455 C C   . THR A 1 190 ? 21.590  -12.463 -1.125  1.00 35.14 ? 281  THR A C   1 
ATOM   1456 O O   . THR A 1 190 ? 20.370  -12.242 -0.959  1.00 37.05 ? 281  THR A O   1 
ATOM   1457 C CB  . THR A 1 190 ? 22.905  -10.390 -1.689  1.00 35.37 ? 281  THR A CB  1 
ATOM   1458 O OG1 . THR A 1 190 ? 21.909  -9.717  -0.916  1.00 33.17 ? 281  THR A OG1 1 
ATOM   1459 C CG2 . THR A 1 190 ? 23.264  -9.462  -2.845  1.00 34.87 ? 281  THR A CG2 1 
ATOM   1460 N N   . PRO A 1 191 ? 22.268  -13.351 -0.402  1.00 35.71 ? 282  PRO A N   1 
ATOM   1461 C CA  . PRO A 1 191 ? 21.663  -14.028 0.761   1.00 34.86 ? 282  PRO A CA  1 
ATOM   1462 C C   . PRO A 1 191 ? 20.984  -13.047 1.782   1.00 32.99 ? 282  PRO A C   1 
ATOM   1463 O O   . PRO A 1 191 ? 19.877  -13.328 2.305   1.00 32.53 ? 282  PRO A O   1 
ATOM   1464 C CB  . PRO A 1 191 ? 22.872  -14.738 1.375   1.00 36.23 ? 282  PRO A CB  1 
ATOM   1465 C CG  . PRO A 1 191 ? 23.713  -15.077 0.140   1.00 36.69 ? 282  PRO A CG  1 
ATOM   1466 C CD  . PRO A 1 191 ? 23.647  -13.827 -0.657  1.00 36.19 ? 282  PRO A CD  1 
ATOM   1467 N N   . ALA A 1 192 ? 21.644  -11.928 2.045   1.00 29.98 ? 283  ALA A N   1 
ATOM   1468 C CA  . ALA A 1 192 ? 21.123  -10.896 2.934   1.00 28.49 ? 283  ALA A CA  1 
ATOM   1469 C C   . ALA A 1 192 ? 19.818  -10.270 2.441   1.00 27.23 ? 283  ALA A C   1 
ATOM   1470 O O   . ALA A 1 192 ? 18.890  -10.135 3.209   1.00 26.12 ? 283  ALA A O   1 
ATOM   1471 C CB  . ALA A 1 192 ? 22.180  -9.824  3.187   1.00 27.50 ? 283  ALA A CB  1 
ATOM   1472 N N   . ALA A 1 193 ? 19.709  -9.923  1.159   1.00 26.44 ? 284  ALA A N   1 
ATOM   1473 C CA  . ALA A 1 193 ? 18.478  -9.325  0.652   1.00 25.91 ? 284  ALA A CA  1 
ATOM   1474 C C   . ALA A 1 193 ? 17.345  -10.356 0.664   1.00 26.88 ? 284  ALA A C   1 
ATOM   1475 O O   . ALA A 1 193 ? 16.234  -10.085 1.142   1.00 24.63 ? 284  ALA A O   1 
ATOM   1476 C CB  . ALA A 1 193 ? 18.707  -8.767  -0.766  1.00 26.32 ? 284  ALA A CB  1 
ATOM   1477 N N   . ALA A 1 194 ? 17.648  -11.584 0.199   1.00 25.91 ? 285  ALA A N   1 
ATOM   1478 C CA  . ALA A 1 194 ? 16.713  -12.666 0.312   1.00 26.77 ? 285  ALA A CA  1 
ATOM   1479 C C   . ALA A 1 194 ? 16.241  -12.892 1.749   1.00 25.12 ? 285  ALA A C   1 
ATOM   1480 O O   . ALA A 1 194 ? 15.052  -13.149 1.953   1.00 26.96 ? 285  ALA A O   1 
ATOM   1481 C CB  . ALA A 1 194 ? 17.301  -14.005 -0.268  1.00 26.83 ? 285  ALA A CB  1 
ATOM   1482 N N   . GLY A 1 195 ? 17.177  -12.858 2.698   1.00 25.67 ? 286  GLY A N   1 
ATOM   1483 C CA  . GLY A 1 195 ? 16.882  -13.047 4.118   1.00 25.55 ? 286  GLY A CA  1 
ATOM   1484 C C   . GLY A 1 195 ? 15.924  -11.930 4.600   1.00 24.44 ? 286  GLY A C   1 
ATOM   1485 O O   . GLY A 1 195 ? 14.859  -12.175 5.174   1.00 26.11 ? 286  GLY A O   1 
ATOM   1486 N N   . LEU A 1 196 ? 16.274  -10.701 4.317   1.00 23.87 ? 287  LEU A N   1 
ATOM   1487 C CA  . LEU A 1 196 ? 15.392  -9.594  4.759   1.00 23.16 ? 287  LEU A CA  1 
ATOM   1488 C C   . LEU A 1 196 ? 13.994  -9.743  4.171   1.00 23.65 ? 287  LEU A C   1 
ATOM   1489 O O   . LEU A 1 196 ? 13.016  -9.575  4.894   1.00 23.35 ? 287  LEU A O   1 
ATOM   1490 C CB  . LEU A 1 196 ? 16.048  -8.241  4.403   1.00 23.73 ? 287  LEU A CB  1 
ATOM   1491 C CG  . LEU A 1 196 ? 15.240  -6.968  4.722   1.00 19.79 ? 287  LEU A CG  1 
ATOM   1492 C CD1 . LEU A 1 196 ? 14.664  -6.850  6.194   1.00 17.83 ? 287  LEU A CD1 1 
ATOM   1493 C CD2 . LEU A 1 196 ? 16.052  -5.720  4.334   1.00 23.86 ? 287  LEU A CD2 1 
ATOM   1494 N N   . ILE A 1 197 ? 13.885  -10.030 2.865   1.00 23.67 ? 288  ILE A N   1 
ATOM   1495 C CA  . ILE A 1 197 ? 12.580  -10.192 2.206   1.00 26.17 ? 288  ILE A CA  1 
ATOM   1496 C C   . ILE A 1 197 ? 11.782  -11.324 2.876   1.00 27.44 ? 288  ILE A C   1 
ATOM   1497 O O   . ILE A 1 197 ? 10.582  -11.162 3.125   1.00 28.41 ? 288  ILE A O   1 
ATOM   1498 C CB  . ILE A 1 197 ? 12.725  -10.401 0.658   1.00 27.39 ? 288  ILE A CB  1 
ATOM   1499 C CG1 . ILE A 1 197 ? 13.165  -9.095  -0.042  1.00 25.70 ? 288  ILE A CG1 1 
ATOM   1500 C CG2 . ILE A 1 197 ? 11.419  -10.946 0.043   1.00 27.98 ? 288  ILE A CG2 1 
ATOM   1501 C CD1 . ILE A 1 197 ? 13.973  -9.335  -1.354  1.00 23.91 ? 288  ILE A CD1 1 
ATOM   1502 N N   . ARG A 1 198 ? 12.435  -12.452 3.200   1.00 30.26 ? 289  ARG A N   1 
ATOM   1503 C CA  . ARG A 1 198 ? 11.722  -13.563 3.830   1.00 32.95 ? 289  ARG A CA  1 
ATOM   1504 C C   . ARG A 1 198 ? 11.212  -13.126 5.216   1.00 32.50 ? 289  ARG A C   1 
ATOM   1505 O O   . ARG A 1 198 ? 10.137  -13.538 5.640   1.00 34.93 ? 289  ARG A O   1 
ATOM   1506 C CB  . ARG A 1 198 ? 12.575  -14.813 3.969   1.00 32.96 ? 289  ARG A CB  1 
ATOM   1507 C CG  . ARG A 1 198 ? 12.616  -15.691 2.686   1.00 40.48 ? 289  ARG A CG  1 
ATOM   1508 C CD  . ARG A 1 198 ? 13.362  -17.019 2.940   1.00 48.28 ? 289  ARG A CD  1 
ATOM   1509 N NE  . ARG A 1 198 ? 14.811  -16.931 2.673   1.00 53.97 ? 289  ARG A NE  1 
ATOM   1510 C CZ  . ARG A 1 198 ? 15.798  -16.900 3.590   1.00 54.83 ? 289  ARG A CZ  1 
ATOM   1511 N NH1 . ARG A 1 198 ? 15.557  -16.975 4.912   1.00 54.94 ? 289  ARG A NH1 1 
ATOM   1512 N NH2 . ARG A 1 198 ? 17.060  -16.799 3.164   1.00 53.75 ? 289  ARG A NH2 1 
ATOM   1513 N N   . TRP A 1 199 ? 11.977  -12.302 5.913   1.00 32.02 ? 290  TRP A N   1 
ATOM   1514 C CA  . TRP A 1 199 ? 11.499  -11.799 7.200   1.00 31.90 ? 290  TRP A CA  1 
ATOM   1515 C C   . TRP A 1 199 ? 10.285  -10.879 7.023   1.00 31.10 ? 290  TRP A C   1 
ATOM   1516 O O   . TRP A 1 199 ? 9.338   -10.984 7.795   1.00 31.66 ? 290  TRP A O   1 
ATOM   1517 C CB  . TRP A 1 199 ? 12.607  -11.130 7.992   1.00 30.86 ? 290  TRP A CB  1 
ATOM   1518 C CG  . TRP A 1 199 ? 13.534  -12.076 8.661   1.00 32.06 ? 290  TRP A CG  1 
ATOM   1519 C CD1 . TRP A 1 199 ? 14.851  -12.243 8.388   1.00 32.00 ? 290  TRP A CD1 1 
ATOM   1520 C CD2 . TRP A 1 199 ? 13.225  -13.005 9.728   1.00 34.22 ? 290  TRP A CD2 1 
ATOM   1521 N NE1 . TRP A 1 199 ? 15.400  -13.191 9.225   1.00 34.12 ? 290  TRP A NE1 1 
ATOM   1522 C CE2 . TRP A 1 199 ? 14.423  -13.686 10.046  1.00 35.06 ? 290  TRP A CE2 1 
ATOM   1523 C CE3 . TRP A 1 199 ? 12.058  -13.313 10.442  1.00 34.41 ? 290  TRP A CE3 1 
ATOM   1524 C CZ2 . TRP A 1 199 ? 14.508  -14.654 11.082  1.00 34.46 ? 290  TRP A CZ2 1 
ATOM   1525 C CZ3 . TRP A 1 199 ? 12.135  -14.290 11.461  1.00 37.46 ? 290  TRP A CZ3 1 
ATOM   1526 C CH2 . TRP A 1 199 ? 13.362  -14.957 11.756  1.00 36.36 ? 290  TRP A CH2 1 
ATOM   1527 N N   . ILE A 1 200 ? 10.288  -10.004 6.011   1.00 31.54 ? 291  ILE A N   1 
ATOM   1528 C CA  . ILE A 1 200 ? 9.134   -9.122  5.761   1.00 33.32 ? 291  ILE A CA  1 
ATOM   1529 C C   . ILE A 1 200 ? 7.917   -9.946  5.369   1.00 35.59 ? 291  ILE A C   1 
ATOM   1530 O O   . ILE A 1 200 ? 6.787   -9.615  5.771   1.00 35.29 ? 291  ILE A O   1 
ATOM   1531 C CB  . ILE A 1 200 ? 9.353   -8.036  4.639   1.00 32.86 ? 291  ILE A CB  1 
ATOM   1532 C CG1 . ILE A 1 200 ? 10.213  -6.886  5.138   1.00 33.83 ? 291  ILE A CG1 1 
ATOM   1533 C CG2 . ILE A 1 200 ? 8.012   -7.425  4.225   1.00 33.62 ? 291  ILE A CG2 1 
ATOM   1534 C CD1 . ILE A 1 200 ? 11.321  -6.484  4.231   1.00 34.34 ? 291  ILE A CD1 1 
ATOM   1535 N N   . GLN A 1 201 ? 8.119   -10.985 4.554   1.00 36.74 ? 292  GLN A N   1 
ATOM   1536 C CA  . GLN A 1 201 ? 7.012   -11.929 4.305   1.00 38.78 ? 292  GLN A CA  1 
ATOM   1537 C C   . GLN A 1 201 ? 6.516   -12.623 5.590   1.00 39.29 ? 292  GLN A C   1 
ATOM   1538 O O   . GLN A 1 201 ? 5.312   -12.587 5.869   1.00 41.17 ? 292  GLN A O   1 
ATOM   1539 C CB  . GLN A 1 201 ? 7.333   -12.949 3.198   1.00 38.98 ? 292  GLN A CB  1 
ATOM   1540 C CG  . GLN A 1 201 ? 6.071   -13.332 2.358   1.00 39.53 ? 292  GLN A CG  1 
ATOM   1541 C CD  . GLN A 1 201 ? 6.344   -14.373 1.229   1.00 42.38 ? 292  GLN A CD  1 
ATOM   1542 O OE1 . GLN A 1 201 ? 5.433   -14.699 0.428   1.00 43.59 ? 292  GLN A OE1 1 
ATOM   1543 N NE2 . GLN A 1 201 ? 7.594   -14.875 1.156   1.00 38.78 ? 292  GLN A NE2 1 
ATOM   1544 N N   . HIS A 1 202 ? 7.425   -13.201 6.389   1.00 40.42 ? 293  HIS A N   1 
ATOM   1545 C CA  . HIS A 1 202 ? 7.067   -13.868 7.647   1.00 40.52 ? 293  HIS A CA  1 
ATOM   1546 C C   . HIS A 1 202 ? 6.275   -13.008 8.647   1.00 40.80 ? 293  HIS A C   1 
ATOM   1547 O O   . HIS A 1 202 ? 5.335   -13.500 9.295   1.00 41.11 ? 293  HIS A O   1 
ATOM   1548 C CB  . HIS A 1 202 ? 8.323   -14.395 8.334   1.00 41.34 ? 293  HIS A CB  1 
ATOM   1549 C CG  . HIS A 1 202 ? 8.059   -15.093 9.624   1.00 45.05 ? 293  HIS A CG  1 
ATOM   1550 N ND1 . HIS A 1 202 ? 7.414   -16.311 9.697   1.00 47.59 ? 293  HIS A ND1 1 
ATOM   1551 C CD2 . HIS A 1 202 ? 8.365   -14.755 10.900  1.00 48.41 ? 293  HIS A CD2 1 
ATOM   1552 C CE1 . HIS A 1 202 ? 7.331   -16.692 10.958  1.00 48.83 ? 293  HIS A CE1 1 
ATOM   1553 N NE2 . HIS A 1 202 ? 7.900   -15.766 11.710  1.00 48.20 ? 293  HIS A NE2 1 
ATOM   1554 N N   . HIS A 1 203 ? 6.647   -11.734 8.777   1.00 40.10 ? 294  HIS A N   1 
ATOM   1555 C CA  . HIS A 1 203 ? 6.023   -10.875 9.751   1.00 39.45 ? 294  HIS A CA  1 
ATOM   1556 C C   . HIS A 1 203 ? 4.804   -10.227 9.185   1.00 41.77 ? 294  HIS A C   1 
ATOM   1557 O O   . HIS A 1 203 ? 3.903   -9.850  9.943   1.00 42.46 ? 294  HIS A O   1 
ATOM   1558 C CB  . HIS A 1 203 ? 6.982   -9.821  10.274  1.00 37.46 ? 294  HIS A CB  1 
ATOM   1559 C CG  . HIS A 1 203 ? 7.982   -10.365 11.231  1.00 33.32 ? 294  HIS A CG  1 
ATOM   1560 N ND1 . HIS A 1 203 ? 7.627   -10.891 12.451  1.00 27.33 ? 294  HIS A ND1 1 
ATOM   1561 C CD2 . HIS A 1 203 ? 9.323   -10.494 11.141  1.00 26.49 ? 294  HIS A CD2 1 
ATOM   1562 C CE1 . HIS A 1 203 ? 8.707   -11.296 13.092  1.00 28.63 ? 294  HIS A CE1 1 
ATOM   1563 N NE2 . HIS A 1 203 ? 9.754   -11.072 12.316  1.00 32.18 ? 294  HIS A NE2 1 
ATOM   1564 N N   . ALA A 1 204 ? 4.753   -10.107 7.864   1.00 43.78 ? 295  ALA A N   1 
ATOM   1565 C CA  . ALA A 1 204 ? 3.588   -9.517  7.218   1.00 45.87 ? 295  ALA A CA  1 
ATOM   1566 C C   . ALA A 1 204 ? 2.417   -10.500 7.116   1.00 47.88 ? 295  ALA A C   1 
ATOM   1567 O O   . ALA A 1 204 ? 1.401   -10.168 6.477   1.00 49.03 ? 295  ALA A O   1 
ATOM   1568 C CB  . ALA A 1 204 ? 3.915   -8.967  5.845   1.00 45.53 ? 295  ALA A CB  1 
ATOM   1569 N N   . LEU A 1 205 ? 2.548   -11.679 7.734   1.00 49.25 ? 296  LEU A N   1 
ATOM   1570 C CA  . LEU A 1 205 ? 1.469   -12.681 7.740   1.00 50.67 ? 296  LEU A CA  1 
ATOM   1571 C C   . LEU A 1 205 ? 0.908   -12.874 9.144   1.00 50.80 ? 296  LEU A C   1 
ATOM   1572 O O   . LEU A 1 205 ? 1.647   -12.827 10.137  1.00 51.58 ? 296  LEU A O   1 
ATOM   1573 C CB  . LEU A 1 205 ? 1.947   -14.028 7.137   1.00 50.89 ? 296  LEU A CB  1 
ATOM   1574 C CG  . LEU A 1 205 ? 2.691   -14.040 5.772   1.00 51.93 ? 296  LEU A CG  1 
ATOM   1575 C CD1 . LEU A 1 205 ? 3.514   -15.362 5.538   1.00 52.10 ? 296  LEU A CD1 1 
ATOM   1576 C CD2 . LEU A 1 205 ? 1.807   -13.688 4.536   1.00 51.36 ? 296  LEU A CD2 1 
HETATM 1577 S S   . SO4 B 2 .   ? -26.599 -6.709  2.369   1.00 96.86 ? 1001 SO4 A S   1 
HETATM 1578 O O1  . SO4 B 2 .   ? -26.640 -7.799  1.399   1.00 96.73 ? 1001 SO4 A O1  1 
HETATM 1579 O O2  . SO4 B 2 .   ? -26.579 -7.254  3.729   1.00 96.76 ? 1001 SO4 A O2  1 
HETATM 1580 O O3  . SO4 B 2 .   ? -25.378 -5.943  2.136   1.00 97.32 ? 1001 SO4 A O3  1 
HETATM 1581 O O4  . SO4 B 2 .   ? -27.769 -5.850  2.198   1.00 96.55 ? 1001 SO4 A O4  1 
HETATM 1582 S S   . SO4 C 2 .   ? 3.689   -3.957  17.633  1.00 60.32 ? 1002 SO4 A S   1 
HETATM 1583 O O1  . SO4 C 2 .   ? 3.729   -4.764  16.399  1.00 57.35 ? 1002 SO4 A O1  1 
HETATM 1584 O O2  . SO4 C 2 .   ? 4.536   -2.774  17.522  1.00 59.57 ? 1002 SO4 A O2  1 
HETATM 1585 O O3  . SO4 C 2 .   ? 2.363   -3.438  17.956  1.00 62.05 ? 1002 SO4 A O3  1 
HETATM 1586 O O4  . SO4 C 2 .   ? 4.079   -4.771  18.795  1.00 60.60 ? 1002 SO4 A O4  1 
HETATM 1587 S S   . TSU D 3 .   ? 0.723   -0.662  -0.008  1.00 58.77 ? 1003 TSU A S   1 
HETATM 1588 O O1  . TSU D 3 .   ? 1.065   0.218   1.174   1.00 55.54 ? 1003 TSU A O1  1 
HETATM 1589 O O2  . TSU D 3 .   ? 1.677   -0.459  -1.177  1.00 52.89 ? 1003 TSU A O2  1 
HETATM 1590 O O3  . TSU D 3 .   ? 0.628   -2.011  0.622   1.00 53.29 ? 1003 TSU A O3  1 
HETATM 1591 C C1  . TSU D 3 .   ? -0.702  -0.324  -0.653  1.00 51.58 ? 1003 TSU A C1  1 
HETATM 1592 C C2  . TSU D 3 .   ? -0.965  0.955   -1.181  1.00 51.04 ? 1003 TSU A C2  1 
HETATM 1593 C C3  . TSU D 3 .   ? -2.216  1.234   -1.729  1.00 48.21 ? 1003 TSU A C3  1 
HETATM 1594 C C4  . TSU D 3 .   ? -3.152  0.203   -1.736  1.00 48.76 ? 1003 TSU A C4  1 
HETATM 1595 C C5  . TSU D 3 .   ? -2.885  -1.074  -1.247  1.00 49.16 ? 1003 TSU A C5  1 
HETATM 1596 C C6  . TSU D 3 .   ? -1.651  -1.344  -0.698  1.00 49.84 ? 1003 TSU A C6  1 
HETATM 1597 C C7  . TSU D 3 .   ? -4.508  0.420   -2.317  1.00 51.60 ? 1003 TSU A C7  1 
HETATM 1598 S S   . TSU E 3 .   ? -2.618  -4.783  4.210   1.00 47.33 ? 1004 TSU A S   1 
HETATM 1599 O O1  . TSU E 3 .   ? -1.225  -4.868  3.681   1.00 53.25 ? 1004 TSU A O1  1 
HETATM 1600 O O2  . TSU E 3 .   ? -2.732  -3.851  5.351   1.00 49.08 ? 1004 TSU A O2  1 
HETATM 1601 O O3  . TSU E 3 .   ? -3.369  -4.339  3.005   1.00 47.75 ? 1004 TSU A O3  1 
HETATM 1602 C C1  . TSU E 3 .   ? -3.140  -6.237  4.727   1.00 54.63 ? 1004 TSU A C1  1 
HETATM 1603 C C2  . TSU E 3 .   ? -2.912  -7.412  3.956   1.00 55.45 ? 1004 TSU A C2  1 
HETATM 1604 C C3  . TSU E 3 .   ? -3.377  -8.672  4.397   1.00 58.36 ? 1004 TSU A C3  1 
HETATM 1605 C C4  . TSU E 3 .   ? -4.075  -8.776  5.622   1.00 59.75 ? 1004 TSU A C4  1 
HETATM 1606 C C5  . TSU E 3 .   ? -4.299  -7.609  6.401   1.00 59.04 ? 1004 TSU A C5  1 
HETATM 1607 C C6  . TSU E 3 .   ? -3.838  -6.351  5.959   1.00 55.80 ? 1004 TSU A C6  1 
HETATM 1608 C C7  . TSU E 3 .   ? -4.586  -10.128 6.109   1.00 60.60 ? 1004 TSU A C7  1 
HETATM 1609 S S   . TSU F 3 .   ? -13.901 19.068  2.182   1.00 46.89 ? 1005 TSU A S   1 
HETATM 1610 O O1  . TSU F 3 .   ? -14.701 17.811  2.231   1.00 47.10 ? 1005 TSU A O1  1 
HETATM 1611 O O2  . TSU F 3 .   ? -13.397 19.364  0.805   1.00 45.40 ? 1005 TSU A O2  1 
HETATM 1612 O O3  . TSU F 3 .   ? -14.901 20.078  2.647   1.00 47.98 ? 1005 TSU A O3  1 
HETATM 1613 C C1  . TSU F 3 .   ? -12.653 18.820  3.194   1.00 40.11 ? 1005 TSU A C1  1 
HETATM 1614 C C2  . TSU F 3 .   ? -11.383 18.408  2.771   1.00 34.49 ? 1005 TSU A C2  1 
HETATM 1615 C C3  . TSU F 3 .   ? -10.370 18.157  3.738   1.00 32.08 ? 1005 TSU A C3  1 
HETATM 1616 C C4  . TSU F 3 .   ? -10.581 18.342  5.104   1.00 32.64 ? 1005 TSU A C4  1 
HETATM 1617 C C5  . TSU F 3 .   ? -11.844 18.735  5.481   1.00 32.65 ? 1005 TSU A C5  1 
HETATM 1618 C C6  . TSU F 3 .   ? -12.866 18.973  4.564   1.00 37.88 ? 1005 TSU A C6  1 
HETATM 1619 C C7  . TSU F 3 .   ? -9.516  18.054  6.203   1.00 26.73 ? 1005 TSU A C7  1 
HETATM 1620 C C   . ACT G 4 .   ? -4.089  0.172   -8.230  1.00 27.67 ? 1006 ACT A C   1 
HETATM 1621 O O   . ACT G 4 .   ? -3.870  0.761   -9.229  1.00 24.85 ? 1006 ACT A O   1 
HETATM 1622 O OXT . ACT G 4 .   ? -4.001  -1.037  -8.324  1.00 33.42 ? 1006 ACT A OXT 1 
HETATM 1623 C CH3 . ACT G 4 .   ? -4.445  0.784   -6.918  1.00 32.18 ? 1006 ACT A CH3 1 
HETATM 1624 C C   . ACT H 4 .   ? -10.889 -6.364  -15.228 1.00 42.01 ? 1007 ACT A C   1 
HETATM 1625 O O   . ACT H 4 .   ? -10.603 -7.568  -15.395 1.00 43.22 ? 1007 ACT A O   1 
HETATM 1626 O OXT . ACT H 4 .   ? -11.893 -6.084  -14.520 1.00 40.61 ? 1007 ACT A OXT 1 
HETATM 1627 C CH3 . ACT H 4 .   ? -10.006 -5.358  -15.859 1.00 42.40 ? 1007 ACT A CH3 1 
HETATM 1628 O O   . HOH I 5 .   ? -15.315 4.830   -11.854 1.00 12.71 ? 3    HOH A O   1 
HETATM 1629 O O   . HOH I 5 .   ? -18.889 8.913   -4.875  1.00 11.53 ? 4    HOH A O   1 
HETATM 1630 O O   . HOH I 5 .   ? 13.577  -13.227 -2.821  1.00 42.52 ? 5    HOH A O   1 
HETATM 1631 O O   . HOH I 5 .   ? -15.020 11.040  6.788   1.00 16.66 ? 7    HOH A O   1 
HETATM 1632 O O   . HOH I 5 .   ? 21.536  -1.272  9.545   1.00 22.11 ? 9    HOH A O   1 
HETATM 1633 O O   . HOH I 5 .   ? -18.901 12.300  1.612   1.00 17.43 ? 10   HOH A O   1 
HETATM 1634 O O   . HOH I 5 .   ? 17.128  -7.097  -15.372 1.00 28.73 ? 11   HOH A O   1 
HETATM 1635 O O   . HOH I 5 .   ? -6.754  4.520   -4.910  1.00 17.18 ? 12   HOH A O   1 
HETATM 1636 O O   . HOH I 5 .   ? -17.552 4.271   -13.372 1.00 18.14 ? 13   HOH A O   1 
HETATM 1637 O O   . HOH I 5 .   ? -23.079 -1.964  -4.906  1.00 23.83 ? 14   HOH A O   1 
HETATM 1638 O O   . HOH I 5 .   ? -2.542  11.601  9.482   1.00 18.28 ? 15   HOH A O   1 
HETATM 1639 O O   . HOH I 5 .   ? -9.301  6.623   -2.710  1.00 19.86 ? 16   HOH A O   1 
HETATM 1640 O O   . HOH I 5 .   ? 0.355   11.100  -9.045  1.00 39.91 ? 17   HOH A O   1 
HETATM 1641 O O   . HOH I 5 .   ? -2.134  -6.168  -8.361  1.00 29.88 ? 18   HOH A O   1 
HETATM 1642 O O   . HOH I 5 .   ? -0.959  7.589   -6.945  1.00 25.09 ? 19   HOH A O   1 
HETATM 1643 O O   . HOH I 5 .   ? -18.161 1.203   10.584  1.00 26.55 ? 20   HOH A O   1 
HETATM 1644 O O   . HOH I 5 .   ? 17.019  -4.167  -8.493  1.00 28.86 ? 21   HOH A O   1 
HETATM 1645 O O   . HOH I 5 .   ? -15.718 17.481  4.720   1.00 28.83 ? 22   HOH A O   1 
HETATM 1646 O O   . HOH I 5 .   ? 22.862  -1.607  -2.117  1.00 40.14 ? 23   HOH A O   1 
HETATM 1647 O O   . HOH I 5 .   ? -21.029 8.386   -8.213  1.00 33.16 ? 24   HOH A O   1 
HETATM 1648 O O   . HOH I 5 .   ? -16.487 17.600  -4.732  1.00 37.09 ? 25   HOH A O   1 
HETATM 1649 O O   . HOH I 5 .   ? -2.571  8.406   -0.292  1.00 15.08 ? 26   HOH A O   1 
HETATM 1650 O O   . HOH I 5 .   ? -23.734 -2.915  8.595   1.00 36.20 ? 27   HOH A O   1 
HETATM 1651 O O   . HOH I 5 .   ? -24.959 7.266   -1.790  1.00 24.50 ? 28   HOH A O   1 
HETATM 1652 O O   . HOH I 5 .   ? 18.938  -2.411  -8.850  1.00 26.16 ? 30   HOH A O   1 
HETATM 1653 O O   . HOH I 5 .   ? -6.669  7.467   18.079  1.00 33.81 ? 31   HOH A O   1 
HETATM 1654 O O   . HOH I 5 .   ? -12.468 -2.675  11.818  1.00 45.49 ? 32   HOH A O   1 
HETATM 1655 O O   . HOH I 5 .   ? -6.945  -9.249  1.301   1.00 36.36 ? 34   HOH A O   1 
HETATM 1656 O O   . HOH I 5 .   ? -3.125  14.118  9.235   1.00 27.17 ? 36   HOH A O   1 
HETATM 1657 O O   . HOH I 5 .   ? -10.606 -5.685  0.668   1.00 30.01 ? 37   HOH A O   1 
HETATM 1658 O O   . HOH I 5 .   ? -15.226 0.248   12.095  1.00 28.69 ? 38   HOH A O   1 
HETATM 1659 O O   . HOH I 5 .   ? -14.186 -1.499  3.685   1.00 24.25 ? 39   HOH A O   1 
HETATM 1660 O O   . HOH I 5 .   ? -11.443 20.335  11.862  1.00 34.23 ? 40   HOH A O   1 
HETATM 1661 O O   . HOH I 5 .   ? -25.205 9.935   -8.710  1.00 34.26 ? 43   HOH A O   1 
HETATM 1662 O O   . HOH I 5 .   ? 6.194   4.052   2.356   1.00 27.44 ? 44   HOH A O   1 
HETATM 1663 O O   . HOH I 5 .   ? 17.945  -1.771  -19.103 1.00 46.99 ? 45   HOH A O   1 
HETATM 1664 O O   . HOH I 5 .   ? 23.491  -7.121  -11.552 1.00 28.30 ? 46   HOH A O   1 
HETATM 1665 O O   . HOH I 5 .   ? 6.869   6.830   -4.320  1.00 35.42 ? 47   HOH A O   1 
HETATM 1666 O O   . HOH I 5 .   ? -26.575 9.059   -0.483  1.00 29.47 ? 48   HOH A O   1 
HETATM 1667 O O   . HOH I 5 .   ? -1.781  9.405   10.881  1.00 20.13 ? 49   HOH A O   1 
HETATM 1668 O O   . HOH I 5 .   ? 16.848  3.726   0.662   1.00 33.49 ? 51   HOH A O   1 
HETATM 1669 O O   . HOH I 5 .   ? 8.615   0.338   -2.401  1.00 20.30 ? 52   HOH A O   1 
HETATM 1670 O O   . HOH I 5 .   ? -24.296 4.103   7.718   1.00 33.22 ? 53   HOH A O   1 
HETATM 1671 O O   . HOH I 5 .   ? 4.390   6.802   -7.639  1.00 40.19 ? 54   HOH A O   1 
# 
